data_8BPU
# 
_entry.id   8BPU 
# 
_audit_conform.dict_name       mmcif_pdbx.dic 
_audit_conform.dict_version    5.398 
_audit_conform.dict_location   http://mmcif.pdb.org/dictionaries/ascii/mmcif_pdbx.dic 
# 
loop_
_database_2.database_id 
_database_2.database_code 
_database_2.pdbx_database_accession 
_database_2.pdbx_DOI 
PDB   8BPU         pdb_00008bpu 10.2210/pdb8bpu/pdb 
WWPDB D_1292126841 ?            ?                   
# 
loop_
_pdbx_audit_revision_history.ordinal 
_pdbx_audit_revision_history.data_content_type 
_pdbx_audit_revision_history.major_revision 
_pdbx_audit_revision_history.minor_revision 
_pdbx_audit_revision_history.revision_date 
1 'Structure model' 1 0 2023-06-28 
2 'Structure model' 1 1 2024-02-07 
3 'Structure model' 1 2 2024-02-14 
4 'Structure model' 1 3 2024-11-06 
# 
_pdbx_audit_revision_details.ordinal             1 
_pdbx_audit_revision_details.revision_ordinal    1 
_pdbx_audit_revision_details.data_content_type   'Structure model' 
_pdbx_audit_revision_details.provider            repository 
_pdbx_audit_revision_details.type                'Initial release' 
_pdbx_audit_revision_details.description         ? 
_pdbx_audit_revision_details.details             ? 
# 
loop_
_pdbx_audit_revision_group.ordinal 
_pdbx_audit_revision_group.revision_ordinal 
_pdbx_audit_revision_group.data_content_type 
_pdbx_audit_revision_group.group 
1 2 'Structure model' 'Data collection'        
2 3 'Structure model' 'Refinement description' 
3 4 'Structure model' 'Structure summary'      
# 
loop_
_pdbx_audit_revision_category.ordinal 
_pdbx_audit_revision_category.revision_ordinal 
_pdbx_audit_revision_category.data_content_type 
_pdbx_audit_revision_category.category 
1 2 'Structure model' chem_comp_atom                
2 2 'Structure model' chem_comp_bond                
3 3 'Structure model' pdbx_initial_refinement_model 
4 4 'Structure model' pdbx_entry_details            
5 4 'Structure model' pdbx_modification_feature     
# 
_pdbx_audit_revision_item.ordinal             1 
_pdbx_audit_revision_item.revision_ordinal    4 
_pdbx_audit_revision_item.data_content_type   'Structure model' 
_pdbx_audit_revision_item.item                '_pdbx_entry_details.has_protein_modification' 
# 
_pdbx_database_status.status_code                     REL 
_pdbx_database_status.status_code_sf                  REL 
_pdbx_database_status.status_code_mr                  ? 
_pdbx_database_status.entry_id                        8BPU 
_pdbx_database_status.recvd_initial_deposition_date   2022-11-17 
_pdbx_database_status.SG_entry                        N 
_pdbx_database_status.deposit_site                    PDBE 
_pdbx_database_status.process_site                    PDBE 
_pdbx_database_status.status_code_cs                  ? 
_pdbx_database_status.status_code_nmr_data            ? 
_pdbx_database_status.methods_development_category    ? 
_pdbx_database_status.pdb_format_compatible           N 
# 
loop_
_pdbx_contact_author.id 
_pdbx_contact_author.email 
_pdbx_contact_author.name_first 
_pdbx_contact_author.name_last 
_pdbx_contact_author.name_mi 
_pdbx_contact_author.role 
_pdbx_contact_author.identifier_ORCID 
4 giarita.ferraro@unina.it   Giarita   Ferraro ? 'principal investigator/group leader' 0000-0001-9385-2429 
5 aaronter@ucm.es            Aaron     Teran   ? 'principal investigator/group leader' 0000-0001-6126-6230 
6 antonello.merlino@unina.it Antonello Merlino ? 'principal investigator/group leader' 0000-0002-1045-7720 
# 
loop_
_audit_author.name 
_audit_author.pdbx_ordinal 
_audit_author.identifier_ORCID 
'Teran, A.'   1 ? 
'Merlino, A.' 2 ? 
'Ferraro, G.' 3 ? 
# 
_citation.abstract                  ? 
_citation.abstract_id_CAS           ? 
_citation.book_id_ISBN              ? 
_citation.book_publisher            ? 
_citation.book_publisher_city       ? 
_citation.book_title                ? 
_citation.coordinate_linkage        ? 
_citation.country                   US 
_citation.database_id_Medline       ? 
_citation.details                   ? 
_citation.id                        primary 
_citation.journal_abbrev            Inorg.Chem. 
_citation.journal_id_ASTM           INOCAJ 
_citation.journal_id_CSD            0009 
_citation.journal_id_ISSN           0020-1669 
_citation.journal_full              ? 
_citation.journal_issue             ? 
_citation.journal_volume            62 
_citation.language                  ? 
_citation.page_first                670 
_citation.page_last                 674 
_citation.title                     
'Effect of Equatorial Ligand Substitution on the Reactivity with Proteins of Paddlewheel Diruthenium Complexes: Structural Studies.' 
_citation.year                      2023 
_citation.database_id_CSD           ? 
_citation.pdbx_database_id_DOI      10.1021/acs.inorgchem.2c04103 
_citation.pdbx_database_id_PubMed   36597851 
_citation.pdbx_database_id_patent   ? 
_citation.unpublished_flag          ? 
# 
loop_
_citation_author.citation_id 
_citation_author.name 
_citation_author.ordinal 
_citation_author.identifier_ORCID 
primary 'Teran, A.'            1 ?                   
primary 'Ferraro, G.'          2 ?                   
primary 'Sanchez-Pelaez, A.E.' 3 ?                   
primary 'Herrero, S.'          4 0000-0002-9901-1142 
primary 'Merlino, A.'          5 0000-0002-1045-7720 
# 
loop_
_entity.id 
_entity.type 
_entity.src_method 
_entity.pdbx_description 
_entity.formula_weight 
_entity.pdbx_number_of_molecules 
_entity.pdbx_ec 
_entity.pdbx_mutation 
_entity.pdbx_fragment 
_entity.details 
1 polymer     nat Lysozyme                                                                                                        
14331.160 1  3.2.1.17 ? ? ? 
2 non-polymer syn 'SODIUM ION'                                                                                                    
22.990    1  ?        ? ? ? 
3 non-polymer syn '4-(2-HYDROXYETHYL)-1-PIPERAZINE ETHANESULFONIC ACID'                                                           
238.305   1  ?        ? ? ? 
4 non-polymer syn '9,11-bis(4-fluorophenyl)-2,4,6,8-tetraoxa-9,11-diaza-1$l^{4},5$l^{4}-diruthenatricyclo[3.3.3.0^{1,5}]undecane' 
526.419   1  ?        ? ? ? 
5 non-polymer syn 'Ru2-(OH)6 cluster'                                                                                             
304.184   2  ?        ? ? ? 
6 water       nat water                                                                                                           
18.015    73 ?        ? ? ? 
# 
_entity_poly.entity_id                      1 
_entity_poly.type                           'polypeptide(L)' 
_entity_poly.nstd_linkage                   no 
_entity_poly.nstd_monomer                   no 
_entity_poly.pdbx_seq_one_letter_code       
;KVFGRCELAAAMKRHGLDNYRGYSLGNWVCAAKFESNFNTQATNRNTDGSTDYGILQINSRWWCNDGRTPGSRNLCNIPC
SALLSSDITASVNCAKKIVSDGNGMNAWVAWRNRCKGTDVQAWIRGCRL
;
_entity_poly.pdbx_seq_one_letter_code_can   
;KVFGRCELAAAMKRHGLDNYRGYSLGNWVCAAKFESNFNTQATNRNTDGSTDYGILQINSRWWCNDGRTPGSRNLCNIPC
SALLSSDITASVNCAKKIVSDGNGMNAWVAWRNRCKGTDVQAWIRGCRL
;
_entity_poly.pdbx_strand_id                 AAA 
_entity_poly.pdbx_target_identifier         ? 
# 
loop_
_pdbx_entity_nonpoly.entity_id 
_pdbx_entity_nonpoly.name 
_pdbx_entity_nonpoly.comp_id 
2 'SODIUM ION'                                                                                                    NA  
3 '4-(2-HYDROXYETHYL)-1-PIPERAZINE ETHANESULFONIC ACID'                                                           EPE 
4 '9,11-bis(4-fluorophenyl)-2,4,6,8-tetraoxa-9,11-diaza-1$l^{4},5$l^{4}-diruthenatricyclo[3.3.3.0^{1,5}]undecane' R2I 
5 'Ru2-(OH)6 cluster'                                                                                             R2U 
6 water                                                                                                           HOH 
# 
loop_
_entity_poly_seq.entity_id 
_entity_poly_seq.num 
_entity_poly_seq.mon_id 
_entity_poly_seq.hetero 
1 1   LYS n 
1 2   VAL n 
1 3   PHE n 
1 4   GLY n 
1 5   ARG n 
1 6   CYS n 
1 7   GLU n 
1 8   LEU n 
1 9   ALA n 
1 10  ALA n 
1 11  ALA n 
1 12  MET n 
1 13  LYS n 
1 14  ARG n 
1 15  HIS n 
1 16  GLY n 
1 17  LEU n 
1 18  ASP n 
1 19  ASN n 
1 20  TYR n 
1 21  ARG n 
1 22  GLY n 
1 23  TYR n 
1 24  SER n 
1 25  LEU n 
1 26  GLY n 
1 27  ASN n 
1 28  TRP n 
1 29  VAL n 
1 30  CYS n 
1 31  ALA n 
1 32  ALA n 
1 33  LYS n 
1 34  PHE n 
1 35  GLU n 
1 36  SER n 
1 37  ASN n 
1 38  PHE n 
1 39  ASN n 
1 40  THR n 
1 41  GLN n 
1 42  ALA n 
1 43  THR n 
1 44  ASN n 
1 45  ARG n 
1 46  ASN n 
1 47  THR n 
1 48  ASP n 
1 49  GLY n 
1 50  SER n 
1 51  THR n 
1 52  ASP n 
1 53  TYR n 
1 54  GLY n 
1 55  ILE n 
1 56  LEU n 
1 57  GLN n 
1 58  ILE n 
1 59  ASN n 
1 60  SER n 
1 61  ARG n 
1 62  TRP n 
1 63  TRP n 
1 64  CYS n 
1 65  ASN n 
1 66  ASP n 
1 67  GLY n 
1 68  ARG n 
1 69  THR n 
1 70  PRO n 
1 71  GLY n 
1 72  SER n 
1 73  ARG n 
1 74  ASN n 
1 75  LEU n 
1 76  CYS n 
1 77  ASN n 
1 78  ILE n 
1 79  PRO n 
1 80  CYS n 
1 81  SER n 
1 82  ALA n 
1 83  LEU n 
1 84  LEU n 
1 85  SER n 
1 86  SER n 
1 87  ASP n 
1 88  ILE n 
1 89  THR n 
1 90  ALA n 
1 91  SER n 
1 92  VAL n 
1 93  ASN n 
1 94  CYS n 
1 95  ALA n 
1 96  LYS n 
1 97  LYS n 
1 98  ILE n 
1 99  VAL n 
1 100 SER n 
1 101 ASP n 
1 102 GLY n 
1 103 ASN n 
1 104 GLY n 
1 105 MET n 
1 106 ASN n 
1 107 ALA n 
1 108 TRP n 
1 109 VAL n 
1 110 ALA n 
1 111 TRP n 
1 112 ARG n 
1 113 ASN n 
1 114 ARG n 
1 115 CYS n 
1 116 LYS n 
1 117 GLY n 
1 118 THR n 
1 119 ASP n 
1 120 VAL n 
1 121 GLN n 
1 122 ALA n 
1 123 TRP n 
1 124 ILE n 
1 125 ARG n 
1 126 GLY n 
1 127 CYS n 
1 128 ARG n 
1 129 LEU n 
# 
_entity_src_nat.entity_id                  1 
_entity_src_nat.pdbx_src_id                1 
_entity_src_nat.pdbx_alt_source_flag       sample 
_entity_src_nat.pdbx_beg_seq_num           1 
_entity_src_nat.pdbx_end_seq_num           129 
_entity_src_nat.common_name                chicken 
_entity_src_nat.pdbx_organism_scientific   'Gallus gallus' 
_entity_src_nat.pdbx_ncbi_taxonomy_id      9031 
_entity_src_nat.genus                      ? 
_entity_src_nat.species                    ? 
_entity_src_nat.strain                     ? 
_entity_src_nat.tissue                     ? 
_entity_src_nat.tissue_fraction            ? 
_entity_src_nat.pdbx_secretion             ? 
_entity_src_nat.pdbx_fragment              ? 
_entity_src_nat.pdbx_variant               ? 
_entity_src_nat.pdbx_cell_line             ? 
_entity_src_nat.pdbx_atcc                  ? 
_entity_src_nat.pdbx_cellular_location     ? 
_entity_src_nat.pdbx_organ                 ? 
_entity_src_nat.pdbx_organelle             ? 
_entity_src_nat.pdbx_cell                  ? 
_entity_src_nat.pdbx_plasmid_name          ? 
_entity_src_nat.pdbx_plasmid_details       ? 
_entity_src_nat.details                    ? 
# 
loop_
_chem_comp.id 
_chem_comp.type 
_chem_comp.mon_nstd_flag 
_chem_comp.name 
_chem_comp.pdbx_synonyms 
_chem_comp.formula 
_chem_comp.formula_weight 
ALA 'L-peptide linking' y ALANINE ?     'C3 H7 N O2'           89.093  
ARG 'L-peptide linking' y ARGININE ?     'C6 H15 N4 O2 1'       175.209 
ASN 'L-peptide linking' y ASPARAGINE ?     'C4 H8 N2 O3'          132.118 
ASP 'L-peptide linking' y 'ASPARTIC ACID' ?     'C4 H7 N O4'           133.103 
CYS 'L-peptide linking' y CYSTEINE ?     'C3 H7 N O2 S'         121.158 
EPE non-polymer         . '4-(2-HYDROXYETHYL)-1-PIPERAZINE ETHANESULFONIC ACID' HEPES 'C8 H18 N2 O4 S'       238.305 
GLN 'L-peptide linking' y GLUTAMINE ?     'C5 H10 N2 O3'         146.144 
GLU 'L-peptide linking' y 'GLUTAMIC ACID' ?     'C5 H9 N O4'           147.129 
GLY 'peptide linking'   y GLYCINE ?     'C2 H5 N O2'           75.067  
HIS 'L-peptide linking' y HISTIDINE ?     'C6 H10 N3 O2 1'       156.162 
HOH non-polymer         . WATER ?     'H2 O'                 18.015  
ILE 'L-peptide linking' y ISOLEUCINE ?     'C6 H13 N O2'          131.173 
LEU 'L-peptide linking' y LEUCINE ?     'C6 H13 N O2'          131.173 
LYS 'L-peptide linking' y LYSINE ?     'C6 H15 N2 O2 1'       147.195 
MET 'L-peptide linking' y METHIONINE ?     'C5 H11 N O2 S'        149.211 
NA  non-polymer         . 'SODIUM ION' ?     'Na 1'                 22.990  
PHE 'L-peptide linking' y PHENYLALANINE ?     'C9 H11 N O2'          165.189 
PRO 'L-peptide linking' y PROLINE ?     'C5 H9 N O2'           115.130 
R2I non-polymer         . 
'9,11-bis(4-fluorophenyl)-2,4,6,8-tetraoxa-9,11-diaza-1$l^{4},5$l^{4}-diruthenatricyclo[3.3.3.0^{1,5}]undecane' ?     
'C15 H14 F2 N2 O4 Ru2' 526.419 
R2U non-polymer         . 'Ru2-(OH)6 cluster' ?     'H6 O6 Ru2'            304.184 
SER 'L-peptide linking' y SERINE ?     'C3 H7 N O3'           105.093 
THR 'L-peptide linking' y THREONINE ?     'C4 H9 N O3'           119.119 
TRP 'L-peptide linking' y TRYPTOPHAN ?     'C11 H12 N2 O2'        204.225 
TYR 'L-peptide linking' y TYROSINE ?     'C9 H11 N O3'          181.189 
VAL 'L-peptide linking' y VALINE ?     'C5 H11 N O2'          117.146 
# 
loop_
_pdbx_poly_seq_scheme.asym_id 
_pdbx_poly_seq_scheme.entity_id 
_pdbx_poly_seq_scheme.seq_id 
_pdbx_poly_seq_scheme.mon_id 
_pdbx_poly_seq_scheme.ndb_seq_num 
_pdbx_poly_seq_scheme.pdb_seq_num 
_pdbx_poly_seq_scheme.auth_seq_num 
_pdbx_poly_seq_scheme.pdb_mon_id 
_pdbx_poly_seq_scheme.auth_mon_id 
_pdbx_poly_seq_scheme.pdb_strand_id 
_pdbx_poly_seq_scheme.pdb_ins_code 
_pdbx_poly_seq_scheme.hetero 
A 1 1   LYS 1   1   1   LYS LYS AAA . n 
A 1 2   VAL 2   2   2   VAL VAL AAA . n 
A 1 3   PHE 3   3   3   PHE PHE AAA . n 
A 1 4   GLY 4   4   4   GLY GLY AAA . n 
A 1 5   ARG 5   5   5   ARG ARG AAA . n 
A 1 6   CYS 6   6   6   CYS CYS AAA . n 
A 1 7   GLU 7   7   7   GLU GLU AAA . n 
A 1 8   LEU 8   8   8   LEU LEU AAA . n 
A 1 9   ALA 9   9   9   ALA ALA AAA . n 
A 1 10  ALA 10  10  10  ALA ALA AAA . n 
A 1 11  ALA 11  11  11  ALA ALA AAA . n 
A 1 12  MET 12  12  12  MET MET AAA . n 
A 1 13  LYS 13  13  13  LYS LYS AAA . n 
A 1 14  ARG 14  14  14  ARG ARG AAA . n 
A 1 15  HIS 15  15  15  HIS HIS AAA . n 
A 1 16  GLY 16  16  16  GLY GLY AAA . n 
A 1 17  LEU 17  17  17  LEU LEU AAA . n 
A 1 18  ASP 18  18  18  ASP ASP AAA . n 
A 1 19  ASN 19  19  19  ASN ASN AAA . n 
A 1 20  TYR 20  20  20  TYR TYR AAA . n 
A 1 21  ARG 21  21  21  ARG ARG AAA . n 
A 1 22  GLY 22  22  22  GLY GLY AAA . n 
A 1 23  TYR 23  23  23  TYR TYR AAA . n 
A 1 24  SER 24  24  24  SER SER AAA . n 
A 1 25  LEU 25  25  25  LEU LEU AAA . n 
A 1 26  GLY 26  26  26  GLY GLY AAA . n 
A 1 27  ASN 27  27  27  ASN ASN AAA . n 
A 1 28  TRP 28  28  28  TRP TRP AAA . n 
A 1 29  VAL 29  29  29  VAL VAL AAA . n 
A 1 30  CYS 30  30  30  CYS CYS AAA . n 
A 1 31  ALA 31  31  31  ALA ALA AAA . n 
A 1 32  ALA 32  32  32  ALA ALA AAA . n 
A 1 33  LYS 33  33  33  LYS LYS AAA . n 
A 1 34  PHE 34  34  34  PHE PHE AAA . n 
A 1 35  GLU 35  35  35  GLU GLU AAA . n 
A 1 36  SER 36  36  36  SER SER AAA . n 
A 1 37  ASN 37  37  37  ASN ASN AAA . n 
A 1 38  PHE 38  38  38  PHE PHE AAA . n 
A 1 39  ASN 39  39  39  ASN ASN AAA . n 
A 1 40  THR 40  40  40  THR THR AAA . n 
A 1 41  GLN 41  41  41  GLN GLN AAA . n 
A 1 42  ALA 42  42  42  ALA ALA AAA . n 
A 1 43  THR 43  43  43  THR THR AAA . n 
A 1 44  ASN 44  44  44  ASN ASN AAA . n 
A 1 45  ARG 45  45  45  ARG ARG AAA . n 
A 1 46  ASN 46  46  46  ASN ASN AAA . n 
A 1 47  THR 47  47  47  THR THR AAA . n 
A 1 48  ASP 48  48  48  ASP ASP AAA . n 
A 1 49  GLY 49  49  49  GLY GLY AAA . n 
A 1 50  SER 50  50  50  SER SER AAA . n 
A 1 51  THR 51  51  51  THR THR AAA . n 
A 1 52  ASP 52  52  52  ASP ASP AAA . n 
A 1 53  TYR 53  53  53  TYR TYR AAA . n 
A 1 54  GLY 54  54  54  GLY GLY AAA . n 
A 1 55  ILE 55  55  55  ILE ILE AAA . n 
A 1 56  LEU 56  56  56  LEU LEU AAA . n 
A 1 57  GLN 57  57  57  GLN GLN AAA . n 
A 1 58  ILE 58  58  58  ILE ILE AAA . n 
A 1 59  ASN 59  59  59  ASN ASN AAA . n 
A 1 60  SER 60  60  60  SER SER AAA . n 
A 1 61  ARG 61  61  61  ARG ARG AAA . n 
A 1 62  TRP 62  62  62  TRP TRP AAA . n 
A 1 63  TRP 63  63  63  TRP TRP AAA . n 
A 1 64  CYS 64  64  64  CYS CYS AAA . n 
A 1 65  ASN 65  65  65  ASN ASN AAA . n 
A 1 66  ASP 66  66  66  ASP ASP AAA . n 
A 1 67  GLY 67  67  67  GLY GLY AAA . n 
A 1 68  ARG 68  68  68  ARG ARG AAA . n 
A 1 69  THR 69  69  69  THR THR AAA . n 
A 1 70  PRO 70  70  70  PRO PRO AAA . n 
A 1 71  GLY 71  71  71  GLY GLY AAA . n 
A 1 72  SER 72  72  72  SER SER AAA . n 
A 1 73  ARG 73  73  73  ARG ARG AAA . n 
A 1 74  ASN 74  74  74  ASN ASN AAA . n 
A 1 75  LEU 75  75  75  LEU LEU AAA . n 
A 1 76  CYS 76  76  76  CYS CYS AAA . n 
A 1 77  ASN 77  77  77  ASN ASN AAA . n 
A 1 78  ILE 78  78  78  ILE ILE AAA . n 
A 1 79  PRO 79  79  79  PRO PRO AAA . n 
A 1 80  CYS 80  80  80  CYS CYS AAA . n 
A 1 81  SER 81  81  81  SER SER AAA . n 
A 1 82  ALA 82  82  82  ALA ALA AAA . n 
A 1 83  LEU 83  83  83  LEU LEU AAA . n 
A 1 84  LEU 84  84  84  LEU LEU AAA . n 
A 1 85  SER 85  85  85  SER SER AAA . n 
A 1 86  SER 86  86  86  SER SER AAA . n 
A 1 87  ASP 87  87  87  ASP ASP AAA . n 
A 1 88  ILE 88  88  88  ILE ILE AAA . n 
A 1 89  THR 89  89  89  THR THR AAA . n 
A 1 90  ALA 90  90  90  ALA ALA AAA . n 
A 1 91  SER 91  91  91  SER SER AAA . n 
A 1 92  VAL 92  92  92  VAL VAL AAA . n 
A 1 93  ASN 93  93  93  ASN ASN AAA . n 
A 1 94  CYS 94  94  94  CYS CYS AAA . n 
A 1 95  ALA 95  95  95  ALA ALA AAA . n 
A 1 96  LYS 96  96  96  LYS LYS AAA . n 
A 1 97  LYS 97  97  97  LYS LYS AAA . n 
A 1 98  ILE 98  98  98  ILE ILE AAA . n 
A 1 99  VAL 99  99  99  VAL VAL AAA . n 
A 1 100 SER 100 100 100 SER SER AAA . n 
A 1 101 ASP 101 101 101 ASP ASP AAA . n 
A 1 102 GLY 102 102 102 GLY GLY AAA . n 
A 1 103 ASN 103 103 103 ASN ASN AAA . n 
A 1 104 GLY 104 104 104 GLY GLY AAA . n 
A 1 105 MET 105 105 105 MET MET AAA . n 
A 1 106 ASN 106 106 106 ASN ASN AAA . n 
A 1 107 ALA 107 107 107 ALA ALA AAA . n 
A 1 108 TRP 108 108 108 TRP TRP AAA . n 
A 1 109 VAL 109 109 109 VAL VAL AAA . n 
A 1 110 ALA 110 110 110 ALA ALA AAA . n 
A 1 111 TRP 111 111 111 TRP TRP AAA . n 
A 1 112 ARG 112 112 112 ARG ARG AAA . n 
A 1 113 ASN 113 113 113 ASN ASN AAA . n 
A 1 114 ARG 114 114 114 ARG ARG AAA . n 
A 1 115 CYS 115 115 115 CYS CYS AAA . n 
A 1 116 LYS 116 116 116 LYS LYS AAA . n 
A 1 117 GLY 117 117 117 GLY GLY AAA . n 
A 1 118 THR 118 118 118 THR THR AAA . n 
A 1 119 ASP 119 119 119 ASP ASP AAA . n 
A 1 120 VAL 120 120 120 VAL VAL AAA . n 
A 1 121 GLN 121 121 121 GLN GLN AAA . n 
A 1 122 ALA 122 122 122 ALA ALA AAA . n 
A 1 123 TRP 123 123 123 TRP TRP AAA . n 
A 1 124 ILE 124 124 124 ILE ILE AAA . n 
A 1 125 ARG 125 125 125 ARG ARG AAA . n 
A 1 126 GLY 126 126 126 GLY GLY AAA . n 
A 1 127 CYS 127 127 127 CYS CYS AAA . n 
A 1 128 ARG 128 128 128 ARG ARG AAA . n 
A 1 129 LEU 129 129 129 LEU LEU AAA . n 
# 
loop_
_pdbx_entity_instance_feature.ordinal 
_pdbx_entity_instance_feature.comp_id 
_pdbx_entity_instance_feature.asym_id 
_pdbx_entity_instance_feature.seq_num 
_pdbx_entity_instance_feature.auth_comp_id 
_pdbx_entity_instance_feature.auth_asym_id 
_pdbx_entity_instance_feature.auth_seq_num 
_pdbx_entity_instance_feature.feature_type 
_pdbx_entity_instance_feature.details 
1 R2U ? ? R2U ? ? 'SUBJECT OF INVESTIGATION' ? 
2 R2I ? ? R2I ? ? 'SUBJECT OF INVESTIGATION' ? 
# 
loop_
_pdbx_nonpoly_scheme.asym_id 
_pdbx_nonpoly_scheme.entity_id 
_pdbx_nonpoly_scheme.mon_id 
_pdbx_nonpoly_scheme.ndb_seq_num 
_pdbx_nonpoly_scheme.pdb_seq_num 
_pdbx_nonpoly_scheme.auth_seq_num 
_pdbx_nonpoly_scheme.pdb_mon_id 
_pdbx_nonpoly_scheme.auth_mon_id 
_pdbx_nonpoly_scheme.pdb_strand_id 
_pdbx_nonpoly_scheme.pdb_ins_code 
B 2 NA  1  201 131 NA  NA  AAA . 
C 3 EPE 1  202 133 EPE EPE AAA . 
D 4 R2I 1  203 1   R2I TM5 AAA . 
E 5 R2U 1  204 1   R2U DWR AAA . 
F 5 R2U 1  205 1   R2U DWR AAA . 
G 6 HOH 1  301 60  HOH HOH AAA . 
G 6 HOH 2  302 27  HOH HOH AAA . 
G 6 HOH 3  303 68  HOH HOH AAA . 
G 6 HOH 4  304 33  HOH HOH AAA . 
G 6 HOH 5  305 26  HOH HOH AAA . 
G 6 HOH 6  306 40  HOH HOH AAA . 
G 6 HOH 7  307 69  HOH HOH AAA . 
G 6 HOH 8  308 45  HOH HOH AAA . 
G 6 HOH 9  309 8   HOH HOH AAA . 
G 6 HOH 10 310 31  HOH HOH AAA . 
G 6 HOH 11 311 59  HOH HOH AAA . 
G 6 HOH 12 312 20  HOH HOH AAA . 
G 6 HOH 13 313 56  HOH HOH AAA . 
G 6 HOH 14 314 34  HOH HOH AAA . 
G 6 HOH 15 315 30  HOH HOH AAA . 
G 6 HOH 16 316 46  HOH HOH AAA . 
G 6 HOH 17 317 7   HOH HOH AAA . 
G 6 HOH 18 318 16  HOH HOH AAA . 
G 6 HOH 19 319 1   HOH HOH AAA . 
G 6 HOH 20 320 13  HOH HOH AAA . 
G 6 HOH 21 321 23  HOH HOH AAA . 
G 6 HOH 22 322 95  HOH HOH AAA . 
G 6 HOH 23 323 2   HOH HOH AAA . 
G 6 HOH 24 324 96  HOH HOH AAA . 
G 6 HOH 25 325 19  HOH HOH AAA . 
G 6 HOH 26 326 49  HOH HOH AAA . 
G 6 HOH 27 327 18  HOH HOH AAA . 
G 6 HOH 28 328 47  HOH HOH AAA . 
G 6 HOH 29 329 25  HOH HOH AAA . 
G 6 HOH 30 330 79  HOH HOH AAA . 
G 6 HOH 31 331 55  HOH HOH AAA . 
G 6 HOH 32 332 37  HOH HOH AAA . 
G 6 HOH 33 333 57  HOH HOH AAA . 
G 6 HOH 34 334 22  HOH HOH AAA . 
G 6 HOH 35 335 6   HOH HOH AAA . 
G 6 HOH 36 336 92  HOH HOH AAA . 
G 6 HOH 37 337 17  HOH HOH AAA . 
G 6 HOH 38 338 36  HOH HOH AAA . 
G 6 HOH 39 339 14  HOH HOH AAA . 
G 6 HOH 40 340 63  HOH HOH AAA . 
G 6 HOH 41 341 82  HOH HOH AAA . 
G 6 HOH 42 342 12  HOH HOH AAA . 
G 6 HOH 43 343 93  HOH HOH AAA . 
G 6 HOH 44 344 51  HOH HOH AAA . 
G 6 HOH 45 345 72  HOH HOH AAA . 
G 6 HOH 46 346 5   HOH HOH AAA . 
G 6 HOH 47 347 44  HOH HOH AAA . 
G 6 HOH 48 348 94  HOH HOH AAA . 
G 6 HOH 49 349 35  HOH HOH AAA . 
G 6 HOH 50 350 29  HOH HOH AAA . 
G 6 HOH 51 351 28  HOH HOH AAA . 
G 6 HOH 52 352 98  HOH HOH AAA . 
G 6 HOH 53 353 64  HOH HOH AAA . 
G 6 HOH 54 354 86  HOH HOH AAA . 
G 6 HOH 55 355 76  HOH HOH AAA . 
G 6 HOH 56 356 77  HOH HOH AAA . 
G 6 HOH 57 357 52  HOH HOH AAA . 
G 6 HOH 58 358 39  HOH HOH AAA . 
G 6 HOH 59 359 11  HOH HOH AAA . 
G 6 HOH 60 360 48  HOH HOH AAA . 
G 6 HOH 61 361 58  HOH HOH AAA . 
G 6 HOH 62 362 83  HOH HOH AAA . 
G 6 HOH 63 363 89  HOH HOH AAA . 
G 6 HOH 64 364 74  HOH HOH AAA . 
G 6 HOH 65 365 97  HOH HOH AAA . 
G 6 HOH 66 366 88  HOH HOH AAA . 
G 6 HOH 67 367 50  HOH HOH AAA . 
G 6 HOH 68 368 38  HOH HOH AAA . 
G 6 HOH 69 369 90  HOH HOH AAA . 
G 6 HOH 70 370 70  HOH HOH AAA . 
G 6 HOH 71 371 100 HOH HOH AAA . 
G 6 HOH 72 372 32  HOH HOH AAA . 
G 6 HOH 73 373 62  HOH HOH AAA . 
# 
loop_
_software.citation_id 
_software.classification 
_software.compiler_name 
_software.compiler_version 
_software.contact_author 
_software.contact_author_email 
_software.date 
_software.description 
_software.dependencies 
_software.hardware 
_software.language 
_software.location 
_software.mods 
_software.name 
_software.os 
_software.os_version 
_software.type 
_software.version 
_software.pdbx_ordinal 
? refinement       ? ? ? ? ? ? ? ? ? ? ? REFMAC   ? ? ? 5.8.0267 1 
? 'data reduction' ? ? ? ? ? ? ? ? ? ? ? autoPROC ? ? ? .        2 
? 'data scaling'   ? ? ? ? ? ? ? ? ? ? ? autoPROC ? ? ? .        3 
? phasing          ? ? ? ? ? ? ? ? ? ? ? PHASER   ? ? ? .        4 
# 
_cell.angle_alpha                  90.000 
_cell.angle_alpha_esd              ? 
_cell.angle_beta                   90.000 
_cell.angle_beta_esd               ? 
_cell.angle_gamma                  90.000 
_cell.angle_gamma_esd              ? 
_cell.entry_id                     8BPU 
_cell.details                      ? 
_cell.formula_units_Z              ? 
_cell.length_a                     78.360 
_cell.length_a_esd                 ? 
_cell.length_b                     78.360 
_cell.length_b_esd                 ? 
_cell.length_c                     37.510 
_cell.length_c_esd                 ? 
_cell.volume                       ? 
_cell.volume_esd                   ? 
_cell.Z_PDB                        8 
_cell.reciprocal_angle_alpha       ? 
_cell.reciprocal_angle_beta        ? 
_cell.reciprocal_angle_gamma       ? 
_cell.reciprocal_angle_alpha_esd   ? 
_cell.reciprocal_angle_beta_esd    ? 
_cell.reciprocal_angle_gamma_esd   ? 
_cell.reciprocal_length_a          ? 
_cell.reciprocal_length_b          ? 
_cell.reciprocal_length_c          ? 
_cell.reciprocal_length_a_esd      ? 
_cell.reciprocal_length_b_esd      ? 
_cell.reciprocal_length_c_esd      ? 
_cell.pdbx_unique_axis             ? 
_cell.pdbx_esd_method              ? 
# 
_symmetry.entry_id                         8BPU 
_symmetry.cell_setting                     ? 
_symmetry.Int_Tables_number                96 
_symmetry.space_group_name_Hall            ? 
_symmetry.space_group_name_H-M             'P 43 21 2' 
_symmetry.pdbx_full_space_group_name_H-M   ? 
# 
_exptl.absorpt_coefficient_mu     ? 
_exptl.absorpt_correction_T_max   ? 
_exptl.absorpt_correction_T_min   ? 
_exptl.absorpt_correction_type    ? 
_exptl.absorpt_process_details    ? 
_exptl.entry_id                   8BPU 
_exptl.crystals_number            1 
_exptl.details                    ? 
_exptl.method                     'X-RAY DIFFRACTION' 
_exptl.method_details             ? 
# 
_exptl_crystal.colour                       ? 
_exptl_crystal.density_diffrn               ? 
_exptl_crystal.density_Matthews             2.01 
_exptl_crystal.density_method               ? 
_exptl_crystal.density_percent_sol          38.77 
_exptl_crystal.description                  ? 
_exptl_crystal.F_000                        ? 
_exptl_crystal.id                           1 
_exptl_crystal.preparation                  ? 
_exptl_crystal.size_max                     ? 
_exptl_crystal.size_mid                     ? 
_exptl_crystal.size_min                     ? 
_exptl_crystal.size_rad                     ? 
_exptl_crystal.colour_lustre                ? 
_exptl_crystal.colour_modifier              ? 
_exptl_crystal.colour_primary               ? 
_exptl_crystal.density_meas                 ? 
_exptl_crystal.density_meas_esd             ? 
_exptl_crystal.density_meas_gt              ? 
_exptl_crystal.density_meas_lt              ? 
_exptl_crystal.density_meas_temp            ? 
_exptl_crystal.density_meas_temp_esd        ? 
_exptl_crystal.density_meas_temp_gt         ? 
_exptl_crystal.density_meas_temp_lt         ? 
_exptl_crystal.pdbx_crystal_image_url       ? 
_exptl_crystal.pdbx_crystal_image_format    ? 
_exptl_crystal.pdbx_mosaicity               ? 
_exptl_crystal.pdbx_mosaicity_esd           ? 
_exptl_crystal.pdbx_mosaic_method           ? 
_exptl_crystal.pdbx_mosaic_block_size       ? 
_exptl_crystal.pdbx_mosaic_block_size_esd   ? 
# 
_exptl_crystal_grow.apparatus       ? 
_exptl_crystal_grow.atmosphere      ? 
_exptl_crystal_grow.crystal_id      1 
_exptl_crystal_grow.details         ? 
_exptl_crystal_grow.method          'VAPOR DIFFUSION, HANGING DROP' 
_exptl_crystal_grow.method_ref      ? 
_exptl_crystal_grow.pH              7.5 
_exptl_crystal_grow.pressure        ? 
_exptl_crystal_grow.pressure_esd    ? 
_exptl_crystal_grow.seeding         ? 
_exptl_crystal_grow.seeding_ref     ? 
_exptl_crystal_grow.temp_details    ? 
_exptl_crystal_grow.temp_esd        ? 
_exptl_crystal_grow.time            ? 
_exptl_crystal_grow.pdbx_details    '2.0 M sodium formate, 0.1 M Hepes buffer pH 7.5' 
_exptl_crystal_grow.pdbx_pH_range   ? 
_exptl_crystal_grow.temp            293 
# 
_diffrn.ambient_environment              ? 
_diffrn.ambient_temp                     100 
_diffrn.ambient_temp_details             ? 
_diffrn.ambient_temp_esd                 ? 
_diffrn.crystal_id                       1 
_diffrn.crystal_support                  ? 
_diffrn.crystal_treatment                ? 
_diffrn.details                          ? 
_diffrn.id                               1 
_diffrn.ambient_pressure                 ? 
_diffrn.ambient_pressure_esd             ? 
_diffrn.ambient_pressure_gt              ? 
_diffrn.ambient_pressure_lt              ? 
_diffrn.ambient_temp_gt                  ? 
_diffrn.ambient_temp_lt                  ? 
_diffrn.pdbx_serial_crystal_experiment   N 
# 
_diffrn_detector.details                      ? 
_diffrn_detector.detector                     PIXEL 
_diffrn_detector.diffrn_id                    1 
_diffrn_detector.type                         'DECTRIS PILATUS 6M' 
_diffrn_detector.area_resol_mean              ? 
_diffrn_detector.dtime                        ? 
_diffrn_detector.pdbx_frames_total            ? 
_diffrn_detector.pdbx_collection_time_total   ? 
_diffrn_detector.pdbx_collection_date         2022-06-17 
_diffrn_detector.pdbx_frequency               ? 
# 
_diffrn_radiation.collimation                      ? 
_diffrn_radiation.diffrn_id                        1 
_diffrn_radiation.filter_edge                      ? 
_diffrn_radiation.inhomogeneity                    ? 
_diffrn_radiation.monochromator                    ? 
_diffrn_radiation.polarisn_norm                    ? 
_diffrn_radiation.polarisn_ratio                   ? 
_diffrn_radiation.probe                            ? 
_diffrn_radiation.type                             ? 
_diffrn_radiation.xray_symbol                      ? 
_diffrn_radiation.wavelength_id                    1 
_diffrn_radiation.pdbx_monochromatic_or_laue_m_l   M 
_diffrn_radiation.pdbx_wavelength_list             ? 
_diffrn_radiation.pdbx_wavelength                  ? 
_diffrn_radiation.pdbx_diffrn_protocol             'SINGLE WAVELENGTH' 
_diffrn_radiation.pdbx_analyzer                    ? 
_diffrn_radiation.pdbx_scattering_type             x-ray 
# 
_diffrn_radiation_wavelength.id           1 
_diffrn_radiation_wavelength.wavelength   1 
_diffrn_radiation_wavelength.wt           1.0 
# 
_diffrn_source.current                     ? 
_diffrn_source.details                     ? 
_diffrn_source.diffrn_id                   1 
_diffrn_source.power                       ? 
_diffrn_source.size                        ? 
_diffrn_source.source                      SYNCHROTRON 
_diffrn_source.target                      ? 
_diffrn_source.type                        'ELETTRA BEAMLINE 11.2C' 
_diffrn_source.voltage                     ? 
_diffrn_source.take-off_angle              ? 
_diffrn_source.pdbx_wavelength_list        1 
_diffrn_source.pdbx_wavelength             ? 
_diffrn_source.pdbx_synchrotron_beamline   11.2C 
_diffrn_source.pdbx_synchrotron_site       ELETTRA 
# 
_reflns.B_iso_Wilson_estimate                          ? 
_reflns.entry_id                                       8BPU 
_reflns.data_reduction_details                         ? 
_reflns.data_reduction_method                          ? 
_reflns.d_resolution_high                              1.81 
_reflns.d_resolution_low                               55.41 
_reflns.details                                        ? 
_reflns.limit_h_max                                    ? 
_reflns.limit_h_min                                    ? 
_reflns.limit_k_max                                    ? 
_reflns.limit_k_min                                    ? 
_reflns.limit_l_max                                    ? 
_reflns.limit_l_min                                    ? 
_reflns.number_all                                     ? 
_reflns.number_obs                                     11121 
_reflns.observed_criterion                             ? 
_reflns.observed_criterion_F_max                       ? 
_reflns.observed_criterion_F_min                       ? 
_reflns.observed_criterion_I_max                       ? 
_reflns.observed_criterion_I_min                       ? 
_reflns.observed_criterion_sigma_F                     ? 
_reflns.observed_criterion_sigma_I                     ? 
_reflns.percent_possible_obs                           99.5 
_reflns.R_free_details                                 ? 
_reflns.Rmerge_F_all                                   ? 
_reflns.Rmerge_F_obs                                   ? 
_reflns.Friedel_coverage                               ? 
_reflns.number_gt                                      ? 
_reflns.threshold_expression                           ? 
_reflns.pdbx_redundancy                                20.0 
_reflns.pdbx_netI_over_av_sigmaI                       ? 
_reflns.pdbx_netI_over_sigmaI                          11.2 
_reflns.pdbx_res_netI_over_av_sigmaI_2                 ? 
_reflns.pdbx_res_netI_over_sigmaI_2                    ? 
_reflns.pdbx_chi_squared                               ? 
_reflns.pdbx_scaling_rejects                           ? 
_reflns.pdbx_d_res_high_opt                            ? 
_reflns.pdbx_d_res_low_opt                             ? 
_reflns.pdbx_d_res_opt_method                          ? 
_reflns.phase_calculation_details                      ? 
_reflns.pdbx_Rrim_I_all                                ? 
_reflns.pdbx_Rpim_I_all                                ? 
_reflns.pdbx_d_opt                                     ? 
_reflns.pdbx_number_measured_all                       ? 
_reflns.pdbx_diffrn_id                                 1 
_reflns.pdbx_ordinal                                   1 
_reflns.pdbx_CC_half                                   0.993 
_reflns.pdbx_CC_star                                   ? 
_reflns.pdbx_R_split                                   ? 
_reflns.pdbx_Rmerge_I_obs                              0.191 
_reflns.pdbx_Rmerge_I_all                              ? 
_reflns.pdbx_Rsym_value                                ? 
_reflns.pdbx_CC_split_method                           ? 
_reflns.pdbx_aniso_diffraction_limit_axis_1_ortho[1]   ? 
_reflns.pdbx_aniso_diffraction_limit_axis_1_ortho[2]   ? 
_reflns.pdbx_aniso_diffraction_limit_axis_1_ortho[3]   ? 
_reflns.pdbx_aniso_diffraction_limit_axis_2_ortho[1]   ? 
_reflns.pdbx_aniso_diffraction_limit_axis_2_ortho[2]   ? 
_reflns.pdbx_aniso_diffraction_limit_axis_2_ortho[3]   ? 
_reflns.pdbx_aniso_diffraction_limit_axis_3_ortho[1]   ? 
_reflns.pdbx_aniso_diffraction_limit_axis_3_ortho[2]   ? 
_reflns.pdbx_aniso_diffraction_limit_axis_3_ortho[3]   ? 
_reflns.pdbx_aniso_diffraction_limit_1                 ? 
_reflns.pdbx_aniso_diffraction_limit_2                 ? 
_reflns.pdbx_aniso_diffraction_limit_3                 ? 
_reflns.pdbx_aniso_B_tensor_eigenvector_1_ortho[1]     ? 
_reflns.pdbx_aniso_B_tensor_eigenvector_1_ortho[2]     ? 
_reflns.pdbx_aniso_B_tensor_eigenvector_1_ortho[3]     ? 
_reflns.pdbx_aniso_B_tensor_eigenvector_2_ortho[1]     ? 
_reflns.pdbx_aniso_B_tensor_eigenvector_2_ortho[2]     ? 
_reflns.pdbx_aniso_B_tensor_eigenvector_2_ortho[3]     ? 
_reflns.pdbx_aniso_B_tensor_eigenvector_3_ortho[1]     ? 
_reflns.pdbx_aniso_B_tensor_eigenvector_3_ortho[2]     ? 
_reflns.pdbx_aniso_B_tensor_eigenvector_3_ortho[3]     ? 
_reflns.pdbx_aniso_B_tensor_eigenvalue_1               ? 
_reflns.pdbx_aniso_B_tensor_eigenvalue_2               ? 
_reflns.pdbx_aniso_B_tensor_eigenvalue_3               ? 
_reflns.pdbx_orthogonalization_convention              ? 
_reflns.pdbx_percent_possible_ellipsoidal              ? 
_reflns.pdbx_percent_possible_spherical                ? 
_reflns.pdbx_percent_possible_ellipsoidal_anomalous    ? 
_reflns.pdbx_percent_possible_spherical_anomalous      ? 
_reflns.pdbx_redundancy_anomalous                      ? 
_reflns.pdbx_CC_half_anomalous                         ? 
_reflns.pdbx_absDiff_over_sigma_anomalous              ? 
_reflns.pdbx_percent_possible_anomalous                ? 
_reflns.pdbx_observed_signal_threshold                 ? 
_reflns.pdbx_signal_type                               ? 
_reflns.pdbx_signal_details                            ? 
_reflns.pdbx_signal_software_id                        ? 
# 
_reflns_shell.d_res_high                                    1.81 
_reflns_shell.d_res_low                                     1.84 
_reflns_shell.meanI_over_sigI_all                           ? 
_reflns_shell.meanI_over_sigI_obs                           2.5 
_reflns_shell.number_measured_all                           ? 
_reflns_shell.number_measured_obs                           ? 
_reflns_shell.number_possible                               ? 
_reflns_shell.number_unique_all                             ? 
_reflns_shell.number_unique_obs                             524 
_reflns_shell.percent_possible_obs                          ? 
_reflns_shell.Rmerge_F_all                                  ? 
_reflns_shell.Rmerge_F_obs                                  ? 
_reflns_shell.meanI_over_sigI_gt                            ? 
_reflns_shell.meanI_over_uI_all                             ? 
_reflns_shell.meanI_over_uI_gt                              ? 
_reflns_shell.number_measured_gt                            ? 
_reflns_shell.number_unique_gt                              ? 
_reflns_shell.percent_possible_gt                           ? 
_reflns_shell.Rmerge_F_gt                                   ? 
_reflns_shell.Rmerge_I_gt                                   ? 
_reflns_shell.pdbx_redundancy                               ? 
_reflns_shell.pdbx_chi_squared                              ? 
_reflns_shell.pdbx_netI_over_sigmaI_all                     ? 
_reflns_shell.pdbx_netI_over_sigmaI_obs                     ? 
_reflns_shell.pdbx_Rrim_I_all                               ? 
_reflns_shell.pdbx_Rpim_I_all                               ? 
_reflns_shell.pdbx_rejects                                  ? 
_reflns_shell.pdbx_ordinal                                  1 
_reflns_shell.pdbx_diffrn_id                                1 
_reflns_shell.pdbx_CC_half                                  0.874 
_reflns_shell.pdbx_CC_star                                  ? 
_reflns_shell.pdbx_R_split                                  ? 
_reflns_shell.percent_possible_all                          ? 
_reflns_shell.Rmerge_I_all                                  ? 
_reflns_shell.Rmerge_I_obs                                  1.328 
_reflns_shell.pdbx_Rsym_value                               ? 
_reflns_shell.pdbx_percent_possible_ellipsoidal             ? 
_reflns_shell.pdbx_percent_possible_spherical               ? 
_reflns_shell.pdbx_percent_possible_ellipsoidal_anomalous   ? 
_reflns_shell.pdbx_percent_possible_spherical_anomalous     ? 
_reflns_shell.pdbx_redundancy_anomalous                     ? 
_reflns_shell.pdbx_CC_half_anomalous                        ? 
_reflns_shell.pdbx_absDiff_over_sigma_anomalous             ? 
_reflns_shell.pdbx_percent_possible_anomalous               ? 
# 
_refine.aniso_B[1][1]                            -0.481 
_refine.aniso_B[1][2]                            0.000 
_refine.aniso_B[1][3]                            0.000 
_refine.aniso_B[2][2]                            -0.481 
_refine.aniso_B[2][3]                            0.000 
_refine.aniso_B[3][3]                            0.963 
_refine.B_iso_max                                ? 
_refine.B_iso_mean                               32.330 
_refine.B_iso_min                                ? 
_refine.correlation_coeff_Fo_to_Fc               0.937 
_refine.correlation_coeff_Fo_to_Fc_free          0.896 
_refine.details                                  'Hydrogens have been added in their riding positions' 
_refine.diff_density_max                         ? 
_refine.diff_density_max_esd                     ? 
_refine.diff_density_min                         ? 
_refine.diff_density_min_esd                     ? 
_refine.diff_density_rms                         ? 
_refine.diff_density_rms_esd                     ? 
_refine.entry_id                                 8BPU 
_refine.pdbx_refine_id                           'X-RAY DIFFRACTION' 
_refine.ls_abs_structure_details                 ? 
_refine.ls_abs_structure_Flack                   ? 
_refine.ls_abs_structure_Flack_esd               ? 
_refine.ls_abs_structure_Rogers                  ? 
_refine.ls_abs_structure_Rogers_esd              ? 
_refine.ls_d_res_high                            1.810 
_refine.ls_d_res_low                             55.409 
_refine.ls_extinction_coef                       ? 
_refine.ls_extinction_coef_esd                   ? 
_refine.ls_extinction_expression                 ? 
_refine.ls_extinction_method                     ? 
_refine.ls_goodness_of_fit_all                   ? 
_refine.ls_goodness_of_fit_all_esd               ? 
_refine.ls_goodness_of_fit_obs                   ? 
_refine.ls_goodness_of_fit_obs_esd               ? 
_refine.ls_hydrogen_treatment                    ? 
_refine.ls_matrix_type                           ? 
_refine.ls_number_constraints                    ? 
_refine.ls_number_parameters                     ? 
_refine.ls_number_reflns_all                     ? 
_refine.ls_number_reflns_obs                     11020 
_refine.ls_number_reflns_R_free                  532 
_refine.ls_number_reflns_R_work                  10488 
_refine.ls_number_restraints                     ? 
_refine.ls_percent_reflns_obs                    99.038 
_refine.ls_percent_reflns_R_free                 4.828 
_refine.ls_R_factor_all                          0.232 
_refine.ls_R_factor_obs                          ? 
_refine.ls_R_factor_R_free                       0.2894 
_refine.ls_R_factor_R_free_error                 ? 
_refine.ls_R_factor_R_free_error_details         ? 
_refine.ls_R_factor_R_work                       0.2291 
_refine.ls_R_Fsqd_factor_obs                     ? 
_refine.ls_R_I_factor_obs                        ? 
_refine.ls_redundancy_reflns_all                 ? 
_refine.ls_redundancy_reflns_obs                 ? 
_refine.ls_restrained_S_all                      ? 
_refine.ls_restrained_S_obs                      ? 
_refine.ls_shift_over_esd_max                    ? 
_refine.ls_shift_over_esd_mean                   ? 
_refine.ls_structure_factor_coef                 ? 
_refine.ls_weighting_details                     ? 
_refine.ls_weighting_scheme                      ? 
_refine.ls_wR_factor_all                         ? 
_refine.ls_wR_factor_obs                         ? 
_refine.ls_wR_factor_R_free                      0.318 
_refine.ls_wR_factor_R_work                      0.253 
_refine.occupancy_max                            ? 
_refine.occupancy_min                            ? 
_refine.solvent_model_details                    'MASK BULK SOLVENT' 
_refine.solvent_model_param_bsol                 ? 
_refine.solvent_model_param_ksol                 ? 
_refine.pdbx_R_complete                          ? 
_refine.ls_R_factor_gt                           ? 
_refine.ls_goodness_of_fit_gt                    ? 
_refine.ls_goodness_of_fit_ref                   ? 
_refine.ls_shift_over_su_max                     ? 
_refine.ls_shift_over_su_max_lt                  ? 
_refine.ls_shift_over_su_mean                    ? 
_refine.ls_shift_over_su_mean_lt                 ? 
_refine.pdbx_ls_sigma_I                          ? 
_refine.pdbx_ls_sigma_F                          ? 
_refine.pdbx_ls_sigma_Fsqd                       ? 
_refine.pdbx_data_cutoff_high_absF               ? 
_refine.pdbx_data_cutoff_high_rms_absF           ? 
_refine.pdbx_data_cutoff_low_absF                ? 
_refine.pdbx_isotropic_thermal_model             ? 
_refine.pdbx_ls_cross_valid_method               'FREE R-VALUE' 
_refine.pdbx_method_to_determine_struct          'MOLECULAR REPLACEMENT' 
_refine.pdbx_starting_model                      198L 
_refine.pdbx_stereochemistry_target_values       ? 
_refine.pdbx_R_Free_selection_details            ? 
_refine.pdbx_stereochem_target_val_spec_case     ? 
_refine.pdbx_overall_ESU_R                       0.185 
_refine.pdbx_overall_ESU_R_Free                  0.176 
_refine.pdbx_solvent_vdw_probe_radii             1.200 
_refine.pdbx_solvent_ion_probe_radii             0.800 
_refine.pdbx_solvent_shrinkage_radii             0.800 
_refine.pdbx_real_space_R                        ? 
_refine.pdbx_density_correlation                 ? 
_refine.pdbx_pd_number_of_powder_patterns        ? 
_refine.pdbx_pd_number_of_points                 ? 
_refine.pdbx_pd_meas_number_of_points            ? 
_refine.pdbx_pd_proc_ls_prof_R_factor            ? 
_refine.pdbx_pd_proc_ls_prof_wR_factor           ? 
_refine.pdbx_pd_Marquardt_correlation_coeff      ? 
_refine.pdbx_pd_Fsqrd_R_factor                   ? 
_refine.pdbx_pd_ls_matrix_band_width             ? 
_refine.pdbx_overall_phase_error                 ? 
_refine.pdbx_overall_SU_R_free_Cruickshank_DPI   ? 
_refine.pdbx_overall_SU_R_free_Blow_DPI          ? 
_refine.pdbx_overall_SU_R_Blow_DPI               ? 
_refine.pdbx_TLS_residual_ADP_flag               ? 
_refine.pdbx_diffrn_id                           1 
_refine.overall_SU_B                             4.911 
_refine.overall_SU_ML                            0.148 
_refine.overall_SU_R_Cruickshank_DPI             ? 
_refine.overall_SU_R_free                        ? 
_refine.overall_FOM_free_R_set                   ? 
_refine.overall_FOM_work_R_set                   ? 
_refine.pdbx_average_fsc_overall                 ? 
_refine.pdbx_average_fsc_work                    0.8859 
_refine.pdbx_average_fsc_free                    0.8574 
# 
_refine_hist.pdbx_refine_id                   'X-RAY DIFFRACTION' 
_refine_hist.cycle_id                         LAST 
_refine_hist.details                          ? 
_refine_hist.d_res_high                       1.810 
_refine_hist.d_res_low                        55.409 
_refine_hist.number_atoms_solvent             73 
_refine_hist.number_atoms_total               1129 
_refine_hist.number_reflns_all                ? 
_refine_hist.number_reflns_obs                ? 
_refine_hist.number_reflns_R_free             ? 
_refine_hist.number_reflns_R_work             ? 
_refine_hist.R_factor_all                     ? 
_refine_hist.R_factor_obs                     ? 
_refine_hist.R_factor_R_free                  ? 
_refine_hist.R_factor_R_work                  ? 
_refine_hist.pdbx_number_residues_total       ? 
_refine_hist.pdbx_B_iso_mean_ligand           ? 
_refine_hist.pdbx_B_iso_mean_solvent          ? 
_refine_hist.pdbx_number_atoms_protein        1001 
_refine_hist.pdbx_number_atoms_nucleic_acid   0 
_refine_hist.pdbx_number_atoms_ligand         55 
_refine_hist.pdbx_number_atoms_lipid          ? 
_refine_hist.pdbx_number_atoms_carb           ? 
_refine_hist.pdbx_pseudo_atom_details         ? 
# 
loop_
_refine_ls_restr.pdbx_refine_id 
_refine_ls_restr.criterion 
_refine_ls_restr.dev_ideal 
_refine_ls_restr.dev_ideal_target 
_refine_ls_restr.number 
_refine_ls_restr.rejects 
_refine_ls_restr.type 
_refine_ls_restr.weight 
_refine_ls_restr.pdbx_restraint_function 
'X-RAY DIFFRACTION' ? 0.008  0.012  1083 ? r_bond_refined_d               ? ? 
'X-RAY DIFFRACTION' ? 0.001  0.014  956  ? r_bond_other_d                 ? ? 
'X-RAY DIFFRACTION' ? 0.008  0.010  2    ? r_ext_dist_refined_d           ? ? 
'X-RAY DIFFRACTION' ? 1.557  1.697  1475 ? r_angle_refined_deg            ? ? 
'X-RAY DIFFRACTION' ? 1.347  1.593  2182 ? r_angle_other_deg              ? ? 
'X-RAY DIFFRACTION' ? 7.524  5.000  128  ? r_dihedral_angle_1_deg         ? ? 
'X-RAY DIFFRACTION' ? 36.072 20.656 61   ? r_dihedral_angle_2_deg         ? ? 
'X-RAY DIFFRACTION' ? 16.403 15.000 167  ? r_dihedral_angle_3_deg         ? ? 
'X-RAY DIFFRACTION' ? 23.048 15.000 11   ? r_dihedral_angle_4_deg         ? ? 
'X-RAY DIFFRACTION' ? 0.076  0.200  131  ? r_chiral_restr                 ? ? 
'X-RAY DIFFRACTION' ? 0.008  0.020  1236 ? r_gen_planes_refined           ? ? 
'X-RAY DIFFRACTION' ? 0.001  0.020  280  ? r_gen_planes_other             ? ? 
'X-RAY DIFFRACTION' ? 0.223  0.200  251  ? r_nbd_refined                  ? ? 
'X-RAY DIFFRACTION' ? 0.201  0.200  911  ? r_symmetry_nbd_other           ? ? 
'X-RAY DIFFRACTION' ? 0.177  0.200  520  ? r_nbtor_refined                ? ? 
'X-RAY DIFFRACTION' ? 0.078  0.200  504  ? r_symmetry_nbtor_other         ? ? 
'X-RAY DIFFRACTION' ? 0.215  0.200  64   ? r_xyhbond_nbd_refined          ? ? 
'X-RAY DIFFRACTION' ? 0.173  0.200  2    ? r_metal_ion_refined            ? ? 
'X-RAY DIFFRACTION' ? 0.275  0.200  11   ? r_symmetry_nbd_refined         ? ? 
'X-RAY DIFFRACTION' ? 0.195  0.200  30   ? r_nbd_other                    ? ? 
'X-RAY DIFFRACTION' ? 0.289  0.200  16   ? r_symmetry_xyhbond_nbd_refined ? ? 
'X-RAY DIFFRACTION' ? 2.397  3.138  515  ? r_mcbond_it                    ? ? 
'X-RAY DIFFRACTION' ? 2.396  3.134  514  ? r_mcbond_other                 ? ? 
'X-RAY DIFFRACTION' ? 3.343  4.707  642  ? r_mcangle_it                   ? ? 
'X-RAY DIFFRACTION' ? 3.341  4.711  643  ? r_mcangle_other                ? ? 
'X-RAY DIFFRACTION' ? 3.004  3.653  568  ? r_scbond_it                    ? ? 
'X-RAY DIFFRACTION' ? 2.984  3.585  525  ? r_scbond_other                 ? ? 
'X-RAY DIFFRACTION' ? 4.474  5.350  833  ? r_scangle_it                   ? ? 
'X-RAY DIFFRACTION' ? 4.564  5.263  771  ? r_scangle_other                ? ? 
'X-RAY DIFFRACTION' ? 6.487  38.297 1294 ? r_lrange_it                    ? ? 
'X-RAY DIFFRACTION' ? 6.440  38.088 1254 ? r_lrange_other                 ? ? 
# 
loop_
_refine_ls_shell.pdbx_refine_id 
_refine_ls_shell.d_res_high 
_refine_ls_shell.d_res_low 
_refine_ls_shell.number_reflns_all 
_refine_ls_shell.number_reflns_obs 
_refine_ls_shell.number_reflns_R_free 
_refine_ls_shell.number_reflns_R_work 
_refine_ls_shell.percent_reflns_obs 
_refine_ls_shell.percent_reflns_R_free 
_refine_ls_shell.R_factor_all 
_refine_ls_shell.R_factor_obs 
_refine_ls_shell.R_factor_R_free_error 
_refine_ls_shell.R_factor_R_work 
_refine_ls_shell.redundancy_reflns_all 
_refine_ls_shell.redundancy_reflns_obs 
_refine_ls_shell.wR_factor_all 
_refine_ls_shell.wR_factor_obs 
_refine_ls_shell.wR_factor_R_free 
_refine_ls_shell.wR_factor_R_work 
_refine_ls_shell.pdbx_R_complete 
_refine_ls_shell.pdbx_total_number_of_bins_used 
_refine_ls_shell.pdbx_phase_error 
_refine_ls_shell.pdbx_fsc_work 
_refine_ls_shell.pdbx_fsc_free 
_refine_ls_shell.R_factor_R_free 
'X-RAY DIFFRACTION' 1.810 1.857  804 . 36 749 97.6368  . 0.293 . . 0.290 . . . . . 0.268 . 20 . 0.820 0.789 0.365 
'X-RAY DIFFRACTION' 1.857 1.908  776 . 35 722 97.5516  . 0.301 . . 0.298 . . . . . 0.273 . 20 . 0.806 0.800 0.358 
'X-RAY DIFFRACTION' 1.908 1.963  762 . 36 720 99.2126  . 0.286 . . 0.279 . . . . . 0.256 . 20 . 0.838 0.756 0.417 
'X-RAY DIFFRACTION' 1.963 2.023  737 . 37 680 97.2863  . 0.275 . . 0.275 . . . . . 0.254 . 20 . 0.840 0.856 0.274 
'X-RAY DIFFRACTION' 2.023 2.090  734 . 36 697 99.8638  . 0.272 . . 0.271 . . . . . 0.260 . 20 . 0.868 0.844 0.295 
'X-RAY DIFFRACTION' 2.090 2.163  693 . 23 666 99.4228  . 0.245 . . 0.243 . . . . . 0.237 . 20 . 0.886 0.883 0.283 
'X-RAY DIFFRACTION' 2.163 2.244  668 . 34 627 98.9521  . 0.248 . . 0.246 . . . . . 0.236 . 20 . 0.891 0.880 0.286 
'X-RAY DIFFRACTION' 2.244 2.336  655 . 31 618 99.0840  . 0.240 . . 0.232 . . . . . 0.236 . 20 . 0.904 0.805 0.398 
'X-RAY DIFFRACTION' 2.336 2.440  620 . 38 580 99.6774  . 0.246 . . 0.243 . . . . . 0.246 . 20 . 0.894 0.875 0.289 
'X-RAY DIFFRACTION' 2.440 2.558  597 . 26 563 98.6600  . 0.246 . . 0.245 . . . . . 0.252 . 20 . 0.895 0.893 0.261 
'X-RAY DIFFRACTION' 2.558 2.696  582 . 31 545 98.9691  . 0.235 . . 0.230 . . . . . 0.251 . 20 . 0.914 0.874 0.319 
'X-RAY DIFFRACTION' 2.696 2.860  535 . 25 509 99.8131  . 0.234 . . 0.231 . . . . . 0.248 . 20 . 0.911 0.905 0.287 
'X-RAY DIFFRACTION' 2.860 3.056  513 . 22 488 99.4152  . 0.236 . . 0.234 . . . . . 0.255 . 20 . 0.907 0.901 0.299 
'X-RAY DIFFRACTION' 3.056 3.300  485 . 30 455 100.0000 . 0.238 . . 0.231 . . . . . 0.254 . 20 . 0.919 0.821 0.360 
'X-RAY DIFFRACTION' 3.300 3.614  453 . 21 429 99.3378  . 0.218 . . 0.217 . . . . . 0.248 . 20 . 0.935 0.894 0.255 
'X-RAY DIFFRACTION' 3.614 4.039  409 . 18 390 99.7555  . 0.182 . . 0.179 . . . . . 0.212 . 20 . 0.953 0.934 0.266 
'X-RAY DIFFRACTION' 4.039 4.659  365 . 18 347 100.0000 . 0.164 . . 0.163 . . . . . 0.222 . 20 . 0.962 0.940 0.199 
'X-RAY DIFFRACTION' 4.659 5.696  318 . 18 300 100.0000 . 0.203 . . 0.201 . . . . . 0.262 . 20 . 0.952 0.927 0.238 
'X-RAY DIFFRACTION' 5.696 8.014  258 . 9  249 100.0000 . 0.238 . . 0.233 . . . . . 0.296 . 20 . 0.937 0.871 0.389 
'X-RAY DIFFRACTION' 8.014 55.409 163 . 8  154 99.3865  . 0.324 . . 0.330 . . . . . 0.476 . 20 . 0.897 0.958 0.231 
# 
_struct.entry_id                     8BPU 
_struct.title                        
'X-ray structure of the adduct formed upon reaction of Lysozyme with [Ru2Cl(D-p-FPhF)(O2CCH3)3] (Structure 2)' 
_struct.pdbx_model_details           ? 
_struct.pdbx_formula_weight          ? 
_struct.pdbx_formula_weight_method   ? 
_struct.pdbx_model_type_details      ? 
_struct.pdbx_CASP_flag               N 
# 
_struct_keywords.entry_id        8BPU 
_struct_keywords.text            'ruthenium, protein interaction, metallodrug, diruthenium, HYDROLASE' 
_struct_keywords.pdbx_keywords   HYDROLASE 
# 
loop_
_struct_asym.id 
_struct_asym.pdbx_blank_PDB_chainid_flag 
_struct_asym.pdbx_modified 
_struct_asym.entity_id 
_struct_asym.details 
A N N 1 ? 
B N N 2 ? 
C N N 3 ? 
D N N 4 ? 
E N N 5 ? 
F N N 5 ? 
G N N 6 ? 
# 
_struct_ref.id                         1 
_struct_ref.db_name                    UNP 
_struct_ref.db_code                    LYSC_CHICK 
_struct_ref.pdbx_db_accession          P00698 
_struct_ref.pdbx_db_isoform            ? 
_struct_ref.entity_id                  1 
_struct_ref.pdbx_seq_one_letter_code   
;KVFGRCELAAAMKRHGLDNYRGYSLGNWVCAAKFESNFNTQATNRNTDGSTDYGILQINSRWWCNDGRTPGSRNLCNIPC
SALLSSDITASVNCAKKIVSDGNGMNAWVAWRNRCKGTDVQAWIRGCRL
;
_struct_ref.pdbx_align_begin           19 
# 
_struct_ref_seq.align_id                      1 
_struct_ref_seq.ref_id                        1 
_struct_ref_seq.pdbx_PDB_id_code              8BPU 
_struct_ref_seq.pdbx_strand_id                AAA 
_struct_ref_seq.seq_align_beg                 1 
_struct_ref_seq.pdbx_seq_align_beg_ins_code   ? 
_struct_ref_seq.seq_align_end                 129 
_struct_ref_seq.pdbx_seq_align_end_ins_code   ? 
_struct_ref_seq.pdbx_db_accession             P00698 
_struct_ref_seq.db_align_beg                  19 
_struct_ref_seq.pdbx_db_align_beg_ins_code    ? 
_struct_ref_seq.db_align_end                  147 
_struct_ref_seq.pdbx_db_align_end_ins_code    ? 
_struct_ref_seq.pdbx_auth_seq_align_beg       1 
_struct_ref_seq.pdbx_auth_seq_align_end       129 
# 
_pdbx_struct_assembly.id                   1 
_pdbx_struct_assembly.details              author_and_software_defined_assembly 
_pdbx_struct_assembly.method_details       PISA 
_pdbx_struct_assembly.oligomeric_details   monomeric 
_pdbx_struct_assembly.oligomeric_count     1 
# 
loop_
_pdbx_struct_assembly_prop.biol_id 
_pdbx_struct_assembly_prop.type 
_pdbx_struct_assembly_prop.value 
_pdbx_struct_assembly_prop.details 
1 'ABSA (A^2)' 250  ? 
1 MORE         -10  ? 
1 'SSA (A^2)'  7140 ? 
# 
_pdbx_struct_assembly_gen.assembly_id       1 
_pdbx_struct_assembly_gen.oper_expression   1 
_pdbx_struct_assembly_gen.asym_id_list      A,B,C,D,E,F,G 
# 
_pdbx_struct_assembly_auth_evidence.id                     1 
_pdbx_struct_assembly_auth_evidence.assembly_id            1 
_pdbx_struct_assembly_auth_evidence.experimental_support   none 
_pdbx_struct_assembly_auth_evidence.details                ? 
# 
_pdbx_struct_oper_list.id                   1 
_pdbx_struct_oper_list.type                 'identity operation' 
_pdbx_struct_oper_list.name                 1_555 
_pdbx_struct_oper_list.symmetry_operation   x,y,z 
_pdbx_struct_oper_list.matrix[1][1]         1.0000000000 
_pdbx_struct_oper_list.matrix[1][2]         0.0000000000 
_pdbx_struct_oper_list.matrix[1][3]         0.0000000000 
_pdbx_struct_oper_list.vector[1]            0.0000000000 
_pdbx_struct_oper_list.matrix[2][1]         0.0000000000 
_pdbx_struct_oper_list.matrix[2][2]         1.0000000000 
_pdbx_struct_oper_list.matrix[2][3]         0.0000000000 
_pdbx_struct_oper_list.vector[2]            0.0000000000 
_pdbx_struct_oper_list.matrix[3][1]         0.0000000000 
_pdbx_struct_oper_list.matrix[3][2]         0.0000000000 
_pdbx_struct_oper_list.matrix[3][3]         1.0000000000 
_pdbx_struct_oper_list.vector[3]            0.0000000000 
# 
loop_
_struct_conf.conf_type_id 
_struct_conf.id 
_struct_conf.pdbx_PDB_helix_id 
_struct_conf.beg_label_comp_id 
_struct_conf.beg_label_asym_id 
_struct_conf.beg_label_seq_id 
_struct_conf.pdbx_beg_PDB_ins_code 
_struct_conf.end_label_comp_id 
_struct_conf.end_label_asym_id 
_struct_conf.end_label_seq_id 
_struct_conf.pdbx_end_PDB_ins_code 
_struct_conf.beg_auth_comp_id 
_struct_conf.beg_auth_asym_id 
_struct_conf.beg_auth_seq_id 
_struct_conf.end_auth_comp_id 
_struct_conf.end_auth_asym_id 
_struct_conf.end_auth_seq_id 
_struct_conf.pdbx_PDB_helix_class 
_struct_conf.details 
_struct_conf.pdbx_PDB_helix_length 
HELX_P HELX_P1 AA1 GLY A 4   ? HIS A 15  ? GLY AAA 4   HIS AAA 15  1 ? 12 
HELX_P HELX_P2 AA2 ASN A 19  ? TYR A 23  ? ASN AAA 19  TYR AAA 23  5 ? 5  
HELX_P HELX_P3 AA3 SER A 24  ? ASN A 37  ? SER AAA 24  ASN AAA 37  1 ? 14 
HELX_P HELX_P4 AA4 PRO A 79  ? SER A 85  ? PRO AAA 79  SER AAA 85  5 ? 7  
HELX_P HELX_P5 AA5 ILE A 88  ? SER A 100 ? ILE AAA 88  SER AAA 100 1 ? 13 
HELX_P HELX_P6 AA6 ASN A 103 ? ALA A 107 ? ASN AAA 103 ALA AAA 107 5 ? 5  
HELX_P HELX_P7 AA7 TRP A 108 ? CYS A 115 ? TRP AAA 108 CYS AAA 115 1 ? 8  
HELX_P HELX_P8 AA8 ASP A 119 ? ARG A 125 ? ASP AAA 119 ARG AAA 125 5 ? 7  
# 
_struct_conf_type.id          HELX_P 
_struct_conf_type.criteria    ? 
_struct_conf_type.reference   ? 
# 
loop_
_struct_conn.id 
_struct_conn.conn_type_id 
_struct_conn.pdbx_leaving_atom_flag 
_struct_conn.pdbx_PDB_id 
_struct_conn.ptnr1_label_asym_id 
_struct_conn.ptnr1_label_comp_id 
_struct_conn.ptnr1_label_seq_id 
_struct_conn.ptnr1_label_atom_id 
_struct_conn.pdbx_ptnr1_label_alt_id 
_struct_conn.pdbx_ptnr1_PDB_ins_code 
_struct_conn.pdbx_ptnr1_standard_comp_id 
_struct_conn.ptnr1_symmetry 
_struct_conn.ptnr2_label_asym_id 
_struct_conn.ptnr2_label_comp_id 
_struct_conn.ptnr2_label_seq_id 
_struct_conn.ptnr2_label_atom_id 
_struct_conn.pdbx_ptnr2_label_alt_id 
_struct_conn.pdbx_ptnr2_PDB_ins_code 
_struct_conn.ptnr1_auth_asym_id 
_struct_conn.ptnr1_auth_comp_id 
_struct_conn.ptnr1_auth_seq_id 
_struct_conn.ptnr2_auth_asym_id 
_struct_conn.ptnr2_auth_comp_id 
_struct_conn.ptnr2_auth_seq_id 
_struct_conn.ptnr2_symmetry 
_struct_conn.pdbx_ptnr3_label_atom_id 
_struct_conn.pdbx_ptnr3_label_seq_id 
_struct_conn.pdbx_ptnr3_label_comp_id 
_struct_conn.pdbx_ptnr3_label_asym_id 
_struct_conn.pdbx_ptnr3_label_alt_id 
_struct_conn.pdbx_ptnr3_PDB_ins_code 
_struct_conn.details 
_struct_conn.pdbx_dist_value 
_struct_conn.pdbx_value_order 
_struct_conn.pdbx_role 
disulf1  disulf ? ? A CYS 6   SG  ? ? ? 1_555 A CYS 127 SG  ? ? AAA CYS 6   AAA CYS 127 1_555 ? ? ? ? ? ? ? 2.025 ? ? 
disulf2  disulf ? ? A CYS 30  SG  ? ? ? 1_555 A CYS 115 SG  ? ? AAA CYS 30  AAA CYS 115 1_555 ? ? ? ? ? ? ? 2.034 ? ? 
disulf3  disulf ? ? A CYS 64  SG  ? ? ? 1_555 A CYS 80  SG  ? ? AAA CYS 64  AAA CYS 80  1_555 ? ? ? ? ? ? ? 2.065 ? ? 
disulf4  disulf ? ? A CYS 76  SG  ? ? ? 1_555 A CYS 94  SG  ? ? AAA CYS 76  AAA CYS 94  1_555 ? ? ? ? ? ? ? 2.040 ? ? 
metalc1  metalc ? ? A ASP 18  OD1 ? ? ? 1_555 F R2U .   RU2 ? ? AAA ASP 18  AAA R2U 205 1_555 ? ? ? ? ? ? ? 1.900 ? ? 
metalc2  metalc ? ? A ASP 18  OD2 ? ? ? 1_555 F R2U .   RU1 ? ? AAA ASP 18  AAA R2U 205 1_555 ? ? ? ? ? ? ? 1.811 ? ? 
metalc3  metalc ? ? A ASP 18  OD2 ? ? ? 1_555 F R2U .   RU2 ? ? AAA ASP 18  AAA R2U 205 1_555 ? ? ? ? ? ? ? 2.492 ? ? 
metalc4  metalc ? ? A SER 60  O   ? ? ? 1_555 B NA  .   NA  ? ? AAA SER 60  AAA NA  201 1_555 ? ? ? ? ? ? ? 2.228 ? ? 
metalc5  metalc ? ? A CYS 64  O   ? ? ? 1_555 B NA  .   NA  ? ? AAA CYS 64  AAA NA  201 1_555 ? ? ? ? ? ? ? 2.247 ? ? 
metalc6  metalc ? ? A SER 72  OG  ? ? ? 1_555 B NA  .   NA  ? ? AAA SER 72  AAA NA  201 1_555 ? ? ? ? ? ? ? 2.571 ? ? 
metalc7  metalc ? ? A ARG 73  O   ? ? ? 1_555 B NA  .   NA  ? ? AAA ARG 73  AAA NA  201 1_555 ? ? ? ? ? ? ? 2.491 ? ? 
metalc8  metalc ? ? A ASP 101 OD1 ? ? ? 1_555 D R2I .   RU2 ? ? AAA ASP 101 AAA R2I 203 1_555 ? ? ? ? ? ? ? 2.220 ? ? 
metalc9  metalc ? ? A ASP 101 OD2 ? ? ? 1_555 D R2I .   RU1 ? ? AAA ASP 101 AAA R2I 203 1_555 ? ? ? ? ? ? ? 2.081 ? ? 
metalc10 metalc ? ? A ASP 119 OD1 ? ? ? 1_555 E R2U .   RU1 ? ? AAA ASP 119 AAA R2U 204 1_555 ? ? ? ? ? ? ? 2.563 ? ? 
metalc11 metalc ? ? A ASP 119 OD1 ? ? ? 1_555 E R2U .   RU2 ? ? AAA ASP 119 AAA R2U 204 1_555 ? ? ? ? ? ? ? 2.253 ? ? 
metalc12 metalc ? ? A ASP 119 OD2 ? ? ? 1_555 E R2U .   RU1 ? ? AAA ASP 119 AAA R2U 204 1_555 ? ? ? ? ? ? ? 2.305 ? ? 
metalc13 metalc ? ? B NA  .   NA  ? ? ? 1_555 G HOH .   O   ? ? AAA NA  201 AAA HOH 346 1_555 ? ? ? ? ? ? ? 2.467 ? ? 
metalc14 metalc ? ? B NA  .   NA  ? ? ? 1_555 G HOH .   O   ? ? AAA NA  201 AAA HOH 351 1_555 ? ? ? ? ? ? ? 2.663 ? ? 
metalc15 metalc ? ? D R2I .   RU2 ? ? ? 1_555 G HOH .   O   ? ? AAA R2I 203 AAA HOH 342 1_555 ? ? ? ? ? ? ? 2.502 ? ? 
metalc16 metalc ? ? D R2I .   RU1 ? ? ? 1_555 G HOH .   O   ? ? AAA R2I 203 AAA HOH 359 1_555 ? ? ? ? ? ? ? 2.631 ? ? 
# 
loop_
_struct_conn_type.id 
_struct_conn_type.criteria 
_struct_conn_type.reference 
disulf ? ? 
metalc ? ? 
# 
loop_
_pdbx_struct_conn_angle.id 
_pdbx_struct_conn_angle.ptnr1_label_atom_id 
_pdbx_struct_conn_angle.ptnr1_label_alt_id 
_pdbx_struct_conn_angle.ptnr1_label_asym_id 
_pdbx_struct_conn_angle.ptnr1_label_comp_id 
_pdbx_struct_conn_angle.ptnr1_label_seq_id 
_pdbx_struct_conn_angle.ptnr1_auth_atom_id 
_pdbx_struct_conn_angle.ptnr1_auth_asym_id 
_pdbx_struct_conn_angle.ptnr1_auth_comp_id 
_pdbx_struct_conn_angle.ptnr1_auth_seq_id 
_pdbx_struct_conn_angle.ptnr1_PDB_ins_code 
_pdbx_struct_conn_angle.ptnr1_symmetry 
_pdbx_struct_conn_angle.ptnr2_label_atom_id 
_pdbx_struct_conn_angle.ptnr2_label_alt_id 
_pdbx_struct_conn_angle.ptnr2_label_asym_id 
_pdbx_struct_conn_angle.ptnr2_label_comp_id 
_pdbx_struct_conn_angle.ptnr2_label_seq_id 
_pdbx_struct_conn_angle.ptnr2_auth_atom_id 
_pdbx_struct_conn_angle.ptnr2_auth_asym_id 
_pdbx_struct_conn_angle.ptnr2_auth_comp_id 
_pdbx_struct_conn_angle.ptnr2_auth_seq_id 
_pdbx_struct_conn_angle.ptnr2_PDB_ins_code 
_pdbx_struct_conn_angle.ptnr2_symmetry 
_pdbx_struct_conn_angle.ptnr3_label_atom_id 
_pdbx_struct_conn_angle.ptnr3_label_alt_id 
_pdbx_struct_conn_angle.ptnr3_label_asym_id 
_pdbx_struct_conn_angle.ptnr3_label_comp_id 
_pdbx_struct_conn_angle.ptnr3_label_seq_id 
_pdbx_struct_conn_angle.ptnr3_auth_atom_id 
_pdbx_struct_conn_angle.ptnr3_auth_asym_id 
_pdbx_struct_conn_angle.ptnr3_auth_comp_id 
_pdbx_struct_conn_angle.ptnr3_auth_seq_id 
_pdbx_struct_conn_angle.ptnr3_PDB_ins_code 
_pdbx_struct_conn_angle.ptnr3_symmetry 
_pdbx_struct_conn_angle.value 
_pdbx_struct_conn_angle.value_esd 
1  OD1 ? A ASP 18  ? AAA ASP 18  ? 1_555 RU2 ? F R2U . ? AAA R2U 205 ? 1_555 O4  ? F R2U .   ? AAA R2U 205 ? 1_555 151.7 ? 
2  OD1 ? A ASP 18  ? AAA ASP 18  ? 1_555 RU2 ? F R2U . ? AAA R2U 205 ? 1_555 RU1 ? F R2U .   ? AAA R2U 205 ? 1_555 100.9 ? 
3  O4  ? F R2U .   ? AAA R2U 205 ? 1_555 RU2 ? F R2U . ? AAA R2U 205 ? 1_555 RU1 ? F R2U .   ? AAA R2U 205 ? 1_555 89.7  ? 
4  OD1 ? A ASP 18  ? AAA ASP 18  ? 1_555 RU2 ? F R2U . ? AAA R2U 205 ? 1_555 O6  ? F R2U .   ? AAA R2U 205 ? 1_555 115.4 ? 
5  O4  ? F R2U .   ? AAA R2U 205 ? 1_555 RU2 ? F R2U . ? AAA R2U 205 ? 1_555 O6  ? F R2U .   ? AAA R2U 205 ? 1_555 90.3  ? 
6  RU1 ? F R2U .   ? AAA R2U 205 ? 1_555 RU2 ? F R2U . ? AAA R2U 205 ? 1_555 O6  ? F R2U .   ? AAA R2U 205 ? 1_555 90.9  ? 
7  OD1 ? A ASP 18  ? AAA ASP 18  ? 1_555 RU2 ? F R2U . ? AAA R2U 205 ? 1_555 OD2 ? A ASP 18  ? AAA ASP 18  ? 1_555 59.1  ? 
8  O4  ? F R2U .   ? AAA R2U 205 ? 1_555 RU2 ? F R2U . ? AAA R2U 205 ? 1_555 OD2 ? A ASP 18  ? AAA ASP 18  ? 1_555 133.7 ? 
9  RU1 ? F R2U .   ? AAA R2U 205 ? 1_555 RU2 ? F R2U . ? AAA R2U 205 ? 1_555 OD2 ? A ASP 18  ? AAA ASP 18  ? 1_555 44.4  ? 
10 O6  ? F R2U .   ? AAA R2U 205 ? 1_555 RU2 ? F R2U . ? AAA R2U 205 ? 1_555 OD2 ? A ASP 18  ? AAA ASP 18  ? 1_555 95.4  ? 
11 OD2 ? A ASP 18  ? AAA ASP 18  ? 1_555 RU1 ? F R2U . ? AAA R2U 205 ? 1_555 O3  ? F R2U .   ? AAA R2U 205 ? 1_555 158.9 ? 
12 OD2 ? A ASP 18  ? AAA ASP 18  ? 1_555 RU1 ? F R2U . ? AAA R2U 205 ? 1_555 O5  ? F R2U .   ? AAA R2U 205 ? 1_555 85.6  ? 
13 O3  ? F R2U .   ? AAA R2U 205 ? 1_555 RU1 ? F R2U . ? AAA R2U 205 ? 1_555 O5  ? F R2U .   ? AAA R2U 205 ? 1_555 92.0  ? 
14 OD2 ? A ASP 18  ? AAA ASP 18  ? 1_555 RU1 ? F R2U . ? AAA R2U 205 ? 1_555 RU2 ? F R2U .   ? AAA R2U 205 ? 1_555 74.3  ? 
15 O3  ? F R2U .   ? AAA R2U 205 ? 1_555 RU1 ? F R2U . ? AAA R2U 205 ? 1_555 RU2 ? F R2U .   ? AAA R2U 205 ? 1_555 84.5  ? 
16 O5  ? F R2U .   ? AAA R2U 205 ? 1_555 RU1 ? F R2U . ? AAA R2U 205 ? 1_555 RU2 ? F R2U .   ? AAA R2U 205 ? 1_555 85.5  ? 
17 O   ? A SER 60  ? AAA SER 60  ? 1_555 NA  ? B NA  . ? AAA NA  201 ? 1_555 O   ? A CYS 64  ? AAA CYS 64  ? 1_555 91.6  ? 
18 O   ? A SER 60  ? AAA SER 60  ? 1_555 NA  ? B NA  . ? AAA NA  201 ? 1_555 OG  ? A SER 72  ? AAA SER 72  ? 1_555 90.8  ? 
19 O   ? A CYS 64  ? AAA CYS 64  ? 1_555 NA  ? B NA  . ? AAA NA  201 ? 1_555 OG  ? A SER 72  ? AAA SER 72  ? 1_555 167.8 ? 
20 O   ? A SER 60  ? AAA SER 60  ? 1_555 NA  ? B NA  . ? AAA NA  201 ? 1_555 O   ? A ARG 73  ? AAA ARG 73  ? 1_555 101.4 ? 
21 O   ? A CYS 64  ? AAA CYS 64  ? 1_555 NA  ? B NA  . ? AAA NA  201 ? 1_555 O   ? A ARG 73  ? AAA ARG 73  ? 1_555 106.0 ? 
22 OG  ? A SER 72  ? AAA SER 72  ? 1_555 NA  ? B NA  . ? AAA NA  201 ? 1_555 O   ? A ARG 73  ? AAA ARG 73  ? 1_555 85.2  ? 
23 O   ? A SER 60  ? AAA SER 60  ? 1_555 NA  ? B NA  . ? AAA NA  201 ? 1_555 O   ? G HOH .   ? AAA HOH 346 ? 1_555 95.2  ? 
24 O   ? A CYS 64  ? AAA CYS 64  ? 1_555 NA  ? B NA  . ? AAA NA  201 ? 1_555 O   ? G HOH .   ? AAA HOH 346 ? 1_555 96.2  ? 
25 OG  ? A SER 72  ? AAA SER 72  ? 1_555 NA  ? B NA  . ? AAA NA  201 ? 1_555 O   ? G HOH .   ? AAA HOH 346 ? 1_555 71.7  ? 
26 O   ? A ARG 73  ? AAA ARG 73  ? 1_555 NA  ? B NA  . ? AAA NA  201 ? 1_555 O   ? G HOH .   ? AAA HOH 346 ? 1_555 151.7 ? 
27 O   ? A SER 60  ? AAA SER 60  ? 1_555 NA  ? B NA  . ? AAA NA  201 ? 1_555 O   ? G HOH .   ? AAA HOH 351 ? 1_555 162.9 ? 
28 O   ? A CYS 64  ? AAA CYS 64  ? 1_555 NA  ? B NA  . ? AAA NA  201 ? 1_555 O   ? G HOH .   ? AAA HOH 351 ? 1_555 105.4 ? 
29 OG  ? A SER 72  ? AAA SER 72  ? 1_555 NA  ? B NA  . ? AAA NA  201 ? 1_555 O   ? G HOH .   ? AAA HOH 351 ? 1_555 73.0  ? 
30 O   ? A ARG 73  ? AAA ARG 73  ? 1_555 NA  ? B NA  . ? AAA NA  201 ? 1_555 O   ? G HOH .   ? AAA HOH 351 ? 1_555 72.3  ? 
31 O   ? G HOH .   ? AAA HOH 346 ? 1_555 NA  ? B NA  . ? AAA NA  201 ? 1_555 O   ? G HOH .   ? AAA HOH 351 ? 1_555 85.2  ? 
32 OD1 ? A ASP 101 ? AAA ASP 101 ? 1_555 RU2 ? D R2I . ? AAA R2I 203 ? 1_555 RU1 ? D R2I .   ? AAA R2I 203 ? 1_555 94.7  ? 
33 OD1 ? A ASP 101 ? AAA ASP 101 ? 1_555 RU2 ? D R2I . ? AAA R2I 203 ? 1_555 O4  ? D R2I .   ? AAA R2I 203 ? 1_555 87.8  ? 
34 RU1 ? D R2I .   ? AAA R2I 203 ? 1_555 RU2 ? D R2I . ? AAA R2I 203 ? 1_555 O4  ? D R2I .   ? AAA R2I 203 ? 1_555 91.2  ? 
35 OD1 ? A ASP 101 ? AAA ASP 101 ? 1_555 RU2 ? D R2I . ? AAA R2I 203 ? 1_555 O2  ? D R2I .   ? AAA R2I 203 ? 1_555 91.5  ? 
36 RU1 ? D R2I .   ? AAA R2I 203 ? 1_555 RU2 ? D R2I . ? AAA R2I 203 ? 1_555 O2  ? D R2I .   ? AAA R2I 203 ? 1_555 90.6  ? 
37 O4  ? D R2I .   ? AAA R2I 203 ? 1_555 RU2 ? D R2I . ? AAA R2I 203 ? 1_555 O2  ? D R2I .   ? AAA R2I 203 ? 1_555 178.1 ? 
38 OD1 ? A ASP 101 ? AAA ASP 101 ? 1_555 RU2 ? D R2I . ? AAA R2I 203 ? 1_555 N2  ? D R2I .   ? AAA R2I 203 ? 1_555 176.6 ? 
39 RU1 ? D R2I .   ? AAA R2I 203 ? 1_555 RU2 ? D R2I . ? AAA R2I 203 ? 1_555 N2  ? D R2I .   ? AAA R2I 203 ? 1_555 88.6  ? 
40 O4  ? D R2I .   ? AAA R2I 203 ? 1_555 RU2 ? D R2I . ? AAA R2I 203 ? 1_555 N2  ? D R2I .   ? AAA R2I 203 ? 1_555 91.3  ? 
41 O2  ? D R2I .   ? AAA R2I 203 ? 1_555 RU2 ? D R2I . ? AAA R2I 203 ? 1_555 N2  ? D R2I .   ? AAA R2I 203 ? 1_555 89.3  ? 
42 OD1 ? A ASP 101 ? AAA ASP 101 ? 1_555 RU2 ? D R2I . ? AAA R2I 203 ? 1_555 O   ? G HOH .   ? AAA HOH 342 ? 1_555 74.3  ? 
43 RU1 ? D R2I .   ? AAA R2I 203 ? 1_555 RU2 ? D R2I . ? AAA R2I 203 ? 1_555 O   ? G HOH .   ? AAA HOH 342 ? 1_555 168.7 ? 
44 O4  ? D R2I .   ? AAA R2I 203 ? 1_555 RU2 ? D R2I . ? AAA R2I 203 ? 1_555 O   ? G HOH .   ? AAA HOH 342 ? 1_555 90.9  ? 
45 O2  ? D R2I .   ? AAA R2I 203 ? 1_555 RU2 ? D R2I . ? AAA R2I 203 ? 1_555 O   ? G HOH .   ? AAA HOH 342 ? 1_555 87.2  ? 
46 N2  ? D R2I .   ? AAA R2I 203 ? 1_555 RU2 ? D R2I . ? AAA R2I 203 ? 1_555 O   ? G HOH .   ? AAA HOH 342 ? 1_555 102.4 ? 
47 OD2 ? A ASP 101 ? AAA ASP 101 ? 1_555 RU1 ? D R2I . ? AAA R2I 203 ? 1_555 O3  ? D R2I .   ? AAA R2I 203 ? 1_555 84.8  ? 
48 OD2 ? A ASP 101 ? AAA ASP 101 ? 1_555 RU1 ? D R2I . ? AAA R2I 203 ? 1_555 O1  ? D R2I .   ? AAA R2I 203 ? 1_555 96.0  ? 
49 O3  ? D R2I .   ? AAA R2I 203 ? 1_555 RU1 ? D R2I . ? AAA R2I 203 ? 1_555 O1  ? D R2I .   ? AAA R2I 203 ? 1_555 175.5 ? 
50 OD2 ? A ASP 101 ? AAA ASP 101 ? 1_555 RU1 ? D R2I . ? AAA R2I 203 ? 1_555 N1  ? D R2I .   ? AAA R2I 203 ? 1_555 173.7 ? 
51 O3  ? D R2I .   ? AAA R2I 203 ? 1_555 RU1 ? D R2I . ? AAA R2I 203 ? 1_555 N1  ? D R2I .   ? AAA R2I 203 ? 1_555 90.7  ? 
52 O1  ? D R2I .   ? AAA R2I 203 ? 1_555 RU1 ? D R2I . ? AAA R2I 203 ? 1_555 N1  ? D R2I .   ? AAA R2I 203 ? 1_555 88.1  ? 
53 OD2 ? A ASP 101 ? AAA ASP 101 ? 1_555 RU1 ? D R2I . ? AAA R2I 203 ? 1_555 RU2 ? D R2I .   ? AAA R2I 203 ? 1_555 83.6  ? 
54 O3  ? D R2I .   ? AAA R2I 203 ? 1_555 RU1 ? D R2I . ? AAA R2I 203 ? 1_555 RU2 ? D R2I .   ? AAA R2I 203 ? 1_555 87.1  ? 
55 O1  ? D R2I .   ? AAA R2I 203 ? 1_555 RU1 ? D R2I . ? AAA R2I 203 ? 1_555 RU2 ? D R2I .   ? AAA R2I 203 ? 1_555 88.6  ? 
56 N1  ? D R2I .   ? AAA R2I 203 ? 1_555 RU1 ? D R2I . ? AAA R2I 203 ? 1_555 RU2 ? D R2I .   ? AAA R2I 203 ? 1_555 91.9  ? 
57 OD2 ? A ASP 101 ? AAA ASP 101 ? 1_555 RU1 ? D R2I . ? AAA R2I 203 ? 1_555 O   ? G HOH .   ? AAA HOH 359 ? 1_555 86.4  ? 
58 O3  ? D R2I .   ? AAA R2I 203 ? 1_555 RU1 ? D R2I . ? AAA R2I 203 ? 1_555 O   ? G HOH .   ? AAA HOH 359 ? 1_555 92.9  ? 
59 O1  ? D R2I .   ? AAA R2I 203 ? 1_555 RU1 ? D R2I . ? AAA R2I 203 ? 1_555 O   ? G HOH .   ? AAA HOH 359 ? 1_555 91.5  ? 
60 N1  ? D R2I .   ? AAA R2I 203 ? 1_555 RU1 ? D R2I . ? AAA R2I 203 ? 1_555 O   ? G HOH .   ? AAA HOH 359 ? 1_555 98.2  ? 
61 RU2 ? D R2I .   ? AAA R2I 203 ? 1_555 RU1 ? D R2I . ? AAA R2I 203 ? 1_555 O   ? G HOH .   ? AAA HOH 359 ? 1_555 169.9 ? 
62 OD1 ? A ASP 119 ? AAA ASP 119 ? 1_555 RU1 ? E R2U . ? AAA R2U 204 ? 1_555 O3  ? E R2U .   ? AAA R2U 204 ? 1_555 74.8  ? 
63 OD1 ? A ASP 119 ? AAA ASP 119 ? 1_555 RU1 ? E R2U . ? AAA R2U 204 ? 1_555 O5  ? E R2U .   ? AAA R2U 204 ? 1_555 142.2 ? 
64 O3  ? E R2U .   ? AAA R2U 204 ? 1_555 RU1 ? E R2U . ? AAA R2U 204 ? 1_555 O5  ? E R2U .   ? AAA R2U 204 ? 1_555 92.3  ? 
65 OD1 ? A ASP 119 ? AAA ASP 119 ? 1_555 RU1 ? E R2U . ? AAA R2U 204 ? 1_555 RU2 ? E R2U .   ? AAA R2U 204 ? 1_555 55.2  ? 
66 O3  ? E R2U .   ? AAA R2U 204 ? 1_555 RU1 ? E R2U . ? AAA R2U 204 ? 1_555 RU2 ? E R2U .   ? AAA R2U 204 ? 1_555 95.3  ? 
67 O5  ? E R2U .   ? AAA R2U 204 ? 1_555 RU1 ? E R2U . ? AAA R2U 204 ? 1_555 RU2 ? E R2U .   ? AAA R2U 204 ? 1_555 92.0  ? 
68 OD1 ? A ASP 119 ? AAA ASP 119 ? 1_555 RU1 ? E R2U . ? AAA R2U 204 ? 1_555 O7  ? E R2U .   ? AAA R2U 204 ? 1_555 103.0 ? 
69 O3  ? E R2U .   ? AAA R2U 204 ? 1_555 RU1 ? E R2U . ? AAA R2U 204 ? 1_555 O7  ? E R2U .   ? AAA R2U 204 ? 1_555 177.3 ? 
70 O5  ? E R2U .   ? AAA R2U 204 ? 1_555 RU1 ? E R2U . ? AAA R2U 204 ? 1_555 O7  ? E R2U .   ? AAA R2U 204 ? 1_555 90.4  ? 
71 RU2 ? E R2U .   ? AAA R2U 204 ? 1_555 RU1 ? E R2U . ? AAA R2U 204 ? 1_555 O7  ? E R2U .   ? AAA R2U 204 ? 1_555 84.4  ? 
72 OD1 ? A ASP 119 ? AAA ASP 119 ? 1_555 RU1 ? E R2U . ? AAA R2U 204 ? 1_555 OD2 ? A ASP 119 ? AAA ASP 119 ? 1_555 53.3  ? 
73 O3  ? E R2U .   ? AAA R2U 204 ? 1_555 RU1 ? E R2U . ? AAA R2U 204 ? 1_555 OD2 ? A ASP 119 ? AAA ASP 119 ? 1_555 88.5  ? 
74 O5  ? E R2U .   ? AAA R2U 204 ? 1_555 RU1 ? E R2U . ? AAA R2U 204 ? 1_555 OD2 ? A ASP 119 ? AAA ASP 119 ? 1_555 163.8 ? 
75 RU2 ? E R2U .   ? AAA R2U 204 ? 1_555 RU1 ? E R2U . ? AAA R2U 204 ? 1_555 OD2 ? A ASP 119 ? AAA ASP 119 ? 1_555 104.0 ? 
76 O7  ? E R2U .   ? AAA R2U 204 ? 1_555 RU1 ? E R2U . ? AAA R2U 204 ? 1_555 OD2 ? A ASP 119 ? AAA ASP 119 ? 1_555 89.0  ? 
77 OD1 ? A ASP 119 ? AAA ASP 119 ? 1_555 RU2 ? E R2U . ? AAA R2U 204 ? 1_555 O4  ? E R2U .   ? AAA R2U 204 ? 1_555 76.1  ? 
78 OD1 ? A ASP 119 ? AAA ASP 119 ? 1_555 RU2 ? E R2U . ? AAA R2U 204 ? 1_555 RU1 ? E R2U .   ? AAA R2U 204 ? 1_555 69.1  ? 
79 O4  ? E R2U .   ? AAA R2U 204 ? 1_555 RU2 ? E R2U . ? AAA R2U 204 ? 1_555 RU1 ? E R2U .   ? AAA R2U 204 ? 1_555 83.7  ? 
80 OD1 ? A ASP 119 ? AAA ASP 119 ? 1_555 RU2 ? E R2U . ? AAA R2U 204 ? 1_555 O6  ? E R2U .   ? AAA R2U 204 ? 1_555 155.1 ? 
81 O4  ? E R2U .   ? AAA R2U 204 ? 1_555 RU2 ? E R2U . ? AAA R2U 204 ? 1_555 O6  ? E R2U .   ? AAA R2U 204 ? 1_555 93.6  ? 
82 RU1 ? E R2U .   ? AAA R2U 204 ? 1_555 RU2 ? E R2U . ? AAA R2U 204 ? 1_555 O6  ? E R2U .   ? AAA R2U 204 ? 1_555 87.5  ? 
83 OD1 ? A ASP 119 ? AAA ASP 119 ? 1_555 RU2 ? E R2U . ? AAA R2U 204 ? 1_555 O8  ? E R2U .   ? AAA R2U 204 ? 1_555 100.6 ? 
84 O4  ? E R2U .   ? AAA R2U 204 ? 1_555 RU2 ? E R2U . ? AAA R2U 204 ? 1_555 O8  ? E R2U .   ? AAA R2U 204 ? 1_555 175.2 ? 
85 RU1 ? E R2U .   ? AAA R2U 204 ? 1_555 RU2 ? E R2U . ? AAA R2U 204 ? 1_555 O8  ? E R2U .   ? AAA R2U 204 ? 1_555 91.9  ? 
86 O6  ? E R2U .   ? AAA R2U 204 ? 1_555 RU2 ? E R2U . ? AAA R2U 204 ? 1_555 O8  ? E R2U .   ? AAA R2U 204 ? 1_555 88.1  ? 
# 
loop_
_pdbx_modification_feature.ordinal 
_pdbx_modification_feature.label_comp_id 
_pdbx_modification_feature.label_asym_id 
_pdbx_modification_feature.label_seq_id 
_pdbx_modification_feature.label_alt_id 
_pdbx_modification_feature.modified_residue_label_comp_id 
_pdbx_modification_feature.modified_residue_label_asym_id 
_pdbx_modification_feature.modified_residue_label_seq_id 
_pdbx_modification_feature.modified_residue_label_alt_id 
_pdbx_modification_feature.auth_comp_id 
_pdbx_modification_feature.auth_asym_id 
_pdbx_modification_feature.auth_seq_id 
_pdbx_modification_feature.PDB_ins_code 
_pdbx_modification_feature.symmetry 
_pdbx_modification_feature.modified_residue_auth_comp_id 
_pdbx_modification_feature.modified_residue_auth_asym_id 
_pdbx_modification_feature.modified_residue_auth_seq_id 
_pdbx_modification_feature.modified_residue_PDB_ins_code 
_pdbx_modification_feature.modified_residue_symmetry 
_pdbx_modification_feature.comp_id_linking_atom 
_pdbx_modification_feature.modified_residue_id_linking_atom 
_pdbx_modification_feature.modified_residue_id 
_pdbx_modification_feature.ref_pcm_id 
_pdbx_modification_feature.ref_comp_id 
_pdbx_modification_feature.type 
_pdbx_modification_feature.category 
1 CYS A 6  ? CYS A 127 ? CYS AAA 6  ? 1_555 CYS AAA 127 ? 1_555 SG SG . . . None 'Disulfide bridge' 
2 CYS A 30 ? CYS A 115 ? CYS AAA 30 ? 1_555 CYS AAA 115 ? 1_555 SG SG . . . None 'Disulfide bridge' 
3 CYS A 64 ? CYS A 80  ? CYS AAA 64 ? 1_555 CYS AAA 80  ? 1_555 SG SG . . . None 'Disulfide bridge' 
4 CYS A 76 ? CYS A 94  ? CYS AAA 76 ? 1_555 CYS AAA 94  ? 1_555 SG SG . . . None 'Disulfide bridge' 
# 
_struct_sheet.id               AA1 
_struct_sheet.type             ? 
_struct_sheet.number_strands   3 
_struct_sheet.details          ? 
# 
loop_
_struct_sheet_order.sheet_id 
_struct_sheet_order.range_id_1 
_struct_sheet_order.range_id_2 
_struct_sheet_order.offset 
_struct_sheet_order.sense 
AA1 1 2 ? anti-parallel 
AA1 2 3 ? anti-parallel 
# 
loop_
_struct_sheet_range.sheet_id 
_struct_sheet_range.id 
_struct_sheet_range.beg_label_comp_id 
_struct_sheet_range.beg_label_asym_id 
_struct_sheet_range.beg_label_seq_id 
_struct_sheet_range.pdbx_beg_PDB_ins_code 
_struct_sheet_range.end_label_comp_id 
_struct_sheet_range.end_label_asym_id 
_struct_sheet_range.end_label_seq_id 
_struct_sheet_range.pdbx_end_PDB_ins_code 
_struct_sheet_range.beg_auth_comp_id 
_struct_sheet_range.beg_auth_asym_id 
_struct_sheet_range.beg_auth_seq_id 
_struct_sheet_range.end_auth_comp_id 
_struct_sheet_range.end_auth_asym_id 
_struct_sheet_range.end_auth_seq_id 
AA1 1 THR A 43 ? ARG A 45 ? THR AAA 43 ARG AAA 45 
AA1 2 THR A 51 ? TYR A 53 ? THR AAA 51 TYR AAA 53 
AA1 3 ILE A 58 ? ASN A 59 ? ILE AAA 58 ASN AAA 59 
# 
loop_
_pdbx_struct_sheet_hbond.sheet_id 
_pdbx_struct_sheet_hbond.range_id_1 
_pdbx_struct_sheet_hbond.range_id_2 
_pdbx_struct_sheet_hbond.range_1_label_atom_id 
_pdbx_struct_sheet_hbond.range_1_label_comp_id 
_pdbx_struct_sheet_hbond.range_1_label_asym_id 
_pdbx_struct_sheet_hbond.range_1_label_seq_id 
_pdbx_struct_sheet_hbond.range_1_PDB_ins_code 
_pdbx_struct_sheet_hbond.range_1_auth_atom_id 
_pdbx_struct_sheet_hbond.range_1_auth_comp_id 
_pdbx_struct_sheet_hbond.range_1_auth_asym_id 
_pdbx_struct_sheet_hbond.range_1_auth_seq_id 
_pdbx_struct_sheet_hbond.range_2_label_atom_id 
_pdbx_struct_sheet_hbond.range_2_label_comp_id 
_pdbx_struct_sheet_hbond.range_2_label_asym_id 
_pdbx_struct_sheet_hbond.range_2_label_seq_id 
_pdbx_struct_sheet_hbond.range_2_PDB_ins_code 
_pdbx_struct_sheet_hbond.range_2_auth_atom_id 
_pdbx_struct_sheet_hbond.range_2_auth_comp_id 
_pdbx_struct_sheet_hbond.range_2_auth_asym_id 
_pdbx_struct_sheet_hbond.range_2_auth_seq_id 
AA1 1 2 N ASN A 44 ? N ASN AAA 44 O ASP A 52 ? O ASP AAA 52 
AA1 2 3 N TYR A 53 ? N TYR AAA 53 O ILE A 58 ? O ILE AAA 58 
# 
_pdbx_entry_details.entry_id                   8BPU 
_pdbx_entry_details.nonpolymer_details         ? 
_pdbx_entry_details.sequence_details           ? 
_pdbx_entry_details.compound_details           ? 
_pdbx_entry_details.source_details             ? 
_pdbx_entry_details.has_ligand_of_interest     Y 
_pdbx_entry_details.has_protein_modification   Y 
# 
_pdbx_validate_close_contact.id               1 
_pdbx_validate_close_contact.PDB_model_num    1 
_pdbx_validate_close_contact.auth_atom_id_1   NZ 
_pdbx_validate_close_contact.auth_asym_id_1   AAA 
_pdbx_validate_close_contact.auth_comp_id_1   LYS 
_pdbx_validate_close_contact.auth_seq_id_1    13 
_pdbx_validate_close_contact.PDB_ins_code_1   ? 
_pdbx_validate_close_contact.label_alt_id_1   ? 
_pdbx_validate_close_contact.auth_atom_id_2   O 
_pdbx_validate_close_contact.auth_asym_id_2   AAA 
_pdbx_validate_close_contact.auth_comp_id_2   HOH 
_pdbx_validate_close_contact.auth_seq_id_2    301 
_pdbx_validate_close_contact.PDB_ins_code_2   ? 
_pdbx_validate_close_contact.label_alt_id_2   ? 
_pdbx_validate_close_contact.dist             2.07 
# 
_pdbx_validate_symm_contact.id                1 
_pdbx_validate_symm_contact.PDB_model_num     1 
_pdbx_validate_symm_contact.auth_atom_id_1    O 
_pdbx_validate_symm_contact.auth_asym_id_1    AAA 
_pdbx_validate_symm_contact.auth_comp_id_1    HOH 
_pdbx_validate_symm_contact.auth_seq_id_1     301 
_pdbx_validate_symm_contact.PDB_ins_code_1    ? 
_pdbx_validate_symm_contact.label_alt_id_1    ? 
_pdbx_validate_symm_contact.site_symmetry_1   1_555 
_pdbx_validate_symm_contact.auth_atom_id_2    O 
_pdbx_validate_symm_contact.auth_asym_id_2    AAA 
_pdbx_validate_symm_contact.auth_comp_id_2    HOH 
_pdbx_validate_symm_contact.auth_seq_id_2     301 
_pdbx_validate_symm_contact.PDB_ins_code_2    ? 
_pdbx_validate_symm_contact.label_alt_id_2    ? 
_pdbx_validate_symm_contact.site_symmetry_2   7_554 
_pdbx_validate_symm_contact.dist              1.81 
# 
_pdbx_validate_torsion.id              1 
_pdbx_validate_torsion.PDB_model_num   1 
_pdbx_validate_torsion.auth_comp_id    ARG 
_pdbx_validate_torsion.auth_asym_id    AAA 
_pdbx_validate_torsion.auth_seq_id     68 
_pdbx_validate_torsion.PDB_ins_code    ? 
_pdbx_validate_torsion.label_alt_id    ? 
_pdbx_validate_torsion.phi             -146.35 
_pdbx_validate_torsion.psi             13.11 
# 
loop_
_pdbx_struct_special_symmetry.id 
_pdbx_struct_special_symmetry.PDB_model_num 
_pdbx_struct_special_symmetry.auth_asym_id 
_pdbx_struct_special_symmetry.auth_comp_id 
_pdbx_struct_special_symmetry.auth_seq_id 
_pdbx_struct_special_symmetry.PDB_ins_code 
_pdbx_struct_special_symmetry.label_asym_id 
_pdbx_struct_special_symmetry.label_comp_id 
_pdbx_struct_special_symmetry.label_seq_id 
1 1 AAA HOH 369 ? G HOH . 
2 1 AAA HOH 371 ? G HOH . 
3 1 AAA HOH 373 ? G HOH . 
# 
loop_
_pdbx_distant_solvent_atoms.id 
_pdbx_distant_solvent_atoms.PDB_model_num 
_pdbx_distant_solvent_atoms.auth_atom_id 
_pdbx_distant_solvent_atoms.label_alt_id 
_pdbx_distant_solvent_atoms.auth_asym_id 
_pdbx_distant_solvent_atoms.auth_comp_id 
_pdbx_distant_solvent_atoms.auth_seq_id 
_pdbx_distant_solvent_atoms.PDB_ins_code 
_pdbx_distant_solvent_atoms.neighbor_macromolecule_distance 
_pdbx_distant_solvent_atoms.neighbor_ligand_distance 
1 1 O ? AAA HOH 372 ? 6.51 . 
2 1 O ? AAA HOH 373 ? 8.05 . 
# 
loop_
_chem_comp_atom.comp_id 
_chem_comp_atom.atom_id 
_chem_comp_atom.type_symbol 
_chem_comp_atom.pdbx_aromatic_flag 
_chem_comp_atom.pdbx_stereo_config 
_chem_comp_atom.pdbx_ordinal 
ALA N    N  N N 1   
ALA CA   C  N S 2   
ALA C    C  N N 3   
ALA O    O  N N 4   
ALA CB   C  N N 5   
ALA OXT  O  N N 6   
ALA H    H  N N 7   
ALA H2   H  N N 8   
ALA HA   H  N N 9   
ALA HB1  H  N N 10  
ALA HB2  H  N N 11  
ALA HB3  H  N N 12  
ALA HXT  H  N N 13  
ARG N    N  N N 14  
ARG CA   C  N S 15  
ARG C    C  N N 16  
ARG O    O  N N 17  
ARG CB   C  N N 18  
ARG CG   C  N N 19  
ARG CD   C  N N 20  
ARG NE   N  N N 21  
ARG CZ   C  N N 22  
ARG NH1  N  N N 23  
ARG NH2  N  N N 24  
ARG OXT  O  N N 25  
ARG H    H  N N 26  
ARG H2   H  N N 27  
ARG HA   H  N N 28  
ARG HB2  H  N N 29  
ARG HB3  H  N N 30  
ARG HG2  H  N N 31  
ARG HG3  H  N N 32  
ARG HD2  H  N N 33  
ARG HD3  H  N N 34  
ARG HE   H  N N 35  
ARG HH11 H  N N 36  
ARG HH12 H  N N 37  
ARG HH21 H  N N 38  
ARG HH22 H  N N 39  
ARG HXT  H  N N 40  
ASN N    N  N N 41  
ASN CA   C  N S 42  
ASN C    C  N N 43  
ASN O    O  N N 44  
ASN CB   C  N N 45  
ASN CG   C  N N 46  
ASN OD1  O  N N 47  
ASN ND2  N  N N 48  
ASN OXT  O  N N 49  
ASN H    H  N N 50  
ASN H2   H  N N 51  
ASN HA   H  N N 52  
ASN HB2  H  N N 53  
ASN HB3  H  N N 54  
ASN HD21 H  N N 55  
ASN HD22 H  N N 56  
ASN HXT  H  N N 57  
ASP N    N  N N 58  
ASP CA   C  N S 59  
ASP C    C  N N 60  
ASP O    O  N N 61  
ASP CB   C  N N 62  
ASP CG   C  N N 63  
ASP OD1  O  N N 64  
ASP OD2  O  N N 65  
ASP OXT  O  N N 66  
ASP H    H  N N 67  
ASP H2   H  N N 68  
ASP HA   H  N N 69  
ASP HB2  H  N N 70  
ASP HB3  H  N N 71  
ASP HD2  H  N N 72  
ASP HXT  H  N N 73  
CYS N    N  N N 74  
CYS CA   C  N R 75  
CYS C    C  N N 76  
CYS O    O  N N 77  
CYS CB   C  N N 78  
CYS SG   S  N N 79  
CYS OXT  O  N N 80  
CYS H    H  N N 81  
CYS H2   H  N N 82  
CYS HA   H  N N 83  
CYS HB2  H  N N 84  
CYS HB3  H  N N 85  
CYS HG   H  N N 86  
CYS HXT  H  N N 87  
EPE N1   N  N N 88  
EPE C2   C  N N 89  
EPE C3   C  N N 90  
EPE N4   N  N N 91  
EPE C5   C  N N 92  
EPE C6   C  N N 93  
EPE C7   C  N N 94  
EPE C8   C  N N 95  
EPE O8   O  N N 96  
EPE C9   C  N N 97  
EPE C10  C  N N 98  
EPE S    S  N N 99  
EPE O1S  O  N N 100 
EPE O2S  O  N N 101 
EPE O3S  O  N N 102 
EPE H21  H  N N 103 
EPE H22  H  N N 104 
EPE H31  H  N N 105 
EPE H32  H  N N 106 
EPE H51  H  N N 107 
EPE H52  H  N N 108 
EPE H61  H  N N 109 
EPE H62  H  N N 110 
EPE H71  H  N N 111 
EPE H72  H  N N 112 
EPE H81  H  N N 113 
EPE H82  H  N N 114 
EPE HO8  H  N N 115 
EPE H91  H  N N 116 
EPE H92  H  N N 117 
EPE H101 H  N N 118 
EPE H102 H  N N 119 
EPE HOS3 H  N N 120 
GLN N    N  N N 121 
GLN CA   C  N S 122 
GLN C    C  N N 123 
GLN O    O  N N 124 
GLN CB   C  N N 125 
GLN CG   C  N N 126 
GLN CD   C  N N 127 
GLN OE1  O  N N 128 
GLN NE2  N  N N 129 
GLN OXT  O  N N 130 
GLN H    H  N N 131 
GLN H2   H  N N 132 
GLN HA   H  N N 133 
GLN HB2  H  N N 134 
GLN HB3  H  N N 135 
GLN HG2  H  N N 136 
GLN HG3  H  N N 137 
GLN HE21 H  N N 138 
GLN HE22 H  N N 139 
GLN HXT  H  N N 140 
GLU N    N  N N 141 
GLU CA   C  N S 142 
GLU C    C  N N 143 
GLU O    O  N N 144 
GLU CB   C  N N 145 
GLU CG   C  N N 146 
GLU CD   C  N N 147 
GLU OE1  O  N N 148 
GLU OE2  O  N N 149 
GLU OXT  O  N N 150 
GLU H    H  N N 151 
GLU H2   H  N N 152 
GLU HA   H  N N 153 
GLU HB2  H  N N 154 
GLU HB3  H  N N 155 
GLU HG2  H  N N 156 
GLU HG3  H  N N 157 
GLU HE2  H  N N 158 
GLU HXT  H  N N 159 
GLY N    N  N N 160 
GLY CA   C  N N 161 
GLY C    C  N N 162 
GLY O    O  N N 163 
GLY OXT  O  N N 164 
GLY H    H  N N 165 
GLY H2   H  N N 166 
GLY HA2  H  N N 167 
GLY HA3  H  N N 168 
GLY HXT  H  N N 169 
HIS N    N  N N 170 
HIS CA   C  N S 171 
HIS C    C  N N 172 
HIS O    O  N N 173 
HIS CB   C  N N 174 
HIS CG   C  Y N 175 
HIS ND1  N  Y N 176 
HIS CD2  C  Y N 177 
HIS CE1  C  Y N 178 
HIS NE2  N  Y N 179 
HIS OXT  O  N N 180 
HIS H    H  N N 181 
HIS H2   H  N N 182 
HIS HA   H  N N 183 
HIS HB2  H  N N 184 
HIS HB3  H  N N 185 
HIS HD1  H  N N 186 
HIS HD2  H  N N 187 
HIS HE1  H  N N 188 
HIS HE2  H  N N 189 
HIS HXT  H  N N 190 
HOH O    O  N N 191 
HOH H1   H  N N 192 
HOH H2   H  N N 193 
ILE N    N  N N 194 
ILE CA   C  N S 195 
ILE C    C  N N 196 
ILE O    O  N N 197 
ILE CB   C  N S 198 
ILE CG1  C  N N 199 
ILE CG2  C  N N 200 
ILE CD1  C  N N 201 
ILE OXT  O  N N 202 
ILE H    H  N N 203 
ILE H2   H  N N 204 
ILE HA   H  N N 205 
ILE HB   H  N N 206 
ILE HG12 H  N N 207 
ILE HG13 H  N N 208 
ILE HG21 H  N N 209 
ILE HG22 H  N N 210 
ILE HG23 H  N N 211 
ILE HD11 H  N N 212 
ILE HD12 H  N N 213 
ILE HD13 H  N N 214 
ILE HXT  H  N N 215 
LEU N    N  N N 216 
LEU CA   C  N S 217 
LEU C    C  N N 218 
LEU O    O  N N 219 
LEU CB   C  N N 220 
LEU CG   C  N N 221 
LEU CD1  C  N N 222 
LEU CD2  C  N N 223 
LEU OXT  O  N N 224 
LEU H    H  N N 225 
LEU H2   H  N N 226 
LEU HA   H  N N 227 
LEU HB2  H  N N 228 
LEU HB3  H  N N 229 
LEU HG   H  N N 230 
LEU HD11 H  N N 231 
LEU HD12 H  N N 232 
LEU HD13 H  N N 233 
LEU HD21 H  N N 234 
LEU HD22 H  N N 235 
LEU HD23 H  N N 236 
LEU HXT  H  N N 237 
LYS N    N  N N 238 
LYS CA   C  N S 239 
LYS C    C  N N 240 
LYS O    O  N N 241 
LYS CB   C  N N 242 
LYS CG   C  N N 243 
LYS CD   C  N N 244 
LYS CE   C  N N 245 
LYS NZ   N  N N 246 
LYS OXT  O  N N 247 
LYS H    H  N N 248 
LYS H2   H  N N 249 
LYS HA   H  N N 250 
LYS HB2  H  N N 251 
LYS HB3  H  N N 252 
LYS HG2  H  N N 253 
LYS HG3  H  N N 254 
LYS HD2  H  N N 255 
LYS HD3  H  N N 256 
LYS HE2  H  N N 257 
LYS HE3  H  N N 258 
LYS HZ1  H  N N 259 
LYS HZ2  H  N N 260 
LYS HZ3  H  N N 261 
LYS HXT  H  N N 262 
MET N    N  N N 263 
MET CA   C  N S 264 
MET C    C  N N 265 
MET O    O  N N 266 
MET CB   C  N N 267 
MET CG   C  N N 268 
MET SD   S  N N 269 
MET CE   C  N N 270 
MET OXT  O  N N 271 
MET H    H  N N 272 
MET H2   H  N N 273 
MET HA   H  N N 274 
MET HB2  H  N N 275 
MET HB3  H  N N 276 
MET HG2  H  N N 277 
MET HG3  H  N N 278 
MET HE1  H  N N 279 
MET HE2  H  N N 280 
MET HE3  H  N N 281 
MET HXT  H  N N 282 
NA  NA   NA N N 283 
PHE N    N  N N 284 
PHE CA   C  N S 285 
PHE C    C  N N 286 
PHE O    O  N N 287 
PHE CB   C  N N 288 
PHE CG   C  Y N 289 
PHE CD1  C  Y N 290 
PHE CD2  C  Y N 291 
PHE CE1  C  Y N 292 
PHE CE2  C  Y N 293 
PHE CZ   C  Y N 294 
PHE OXT  O  N N 295 
PHE H    H  N N 296 
PHE H2   H  N N 297 
PHE HA   H  N N 298 
PHE HB2  H  N N 299 
PHE HB3  H  N N 300 
PHE HD1  H  N N 301 
PHE HD2  H  N N 302 
PHE HE1  H  N N 303 
PHE HE2  H  N N 304 
PHE HZ   H  N N 305 
PHE HXT  H  N N 306 
PRO N    N  N N 307 
PRO CA   C  N S 308 
PRO C    C  N N 309 
PRO O    O  N N 310 
PRO CB   C  N N 311 
PRO CG   C  N N 312 
PRO CD   C  N N 313 
PRO OXT  O  N N 314 
PRO H    H  N N 315 
PRO HA   H  N N 316 
PRO HB2  H  N N 317 
PRO HB3  H  N N 318 
PRO HG2  H  N N 319 
PRO HG3  H  N N 320 
PRO HD2  H  N N 321 
PRO HD3  H  N N 322 
PRO HXT  H  N N 323 
R2I C11  C  Y N 324 
R2I C12  C  Y N 325 
R2I C13  C  Y N 326 
R2I C14  C  N N 327 
R2I RU1  RU N N 328 
R2I RU2  RU N N 329 
R2I F1   F  N N 330 
R2I F2   F  N N 331 
R2I O3   O  N N 332 
R2I O1   O  N N 333 
R2I O2   O  N N 334 
R2I O4   O  N N 335 
R2I N1   N  N N 336 
R2I N2   N  N N 337 
R2I C2   C  Y N 338 
R2I C3   C  Y N 339 
R2I C4   C  Y N 340 
R2I C7   C  Y N 341 
R2I C1   C  N N 342 
R2I C6   C  Y N 343 
R2I C5   C  Y N 344 
R2I C8   C  Y N 345 
R2I C16  C  N N 346 
R2I C10  C  Y N 347 
R2I C9   C  Y N 348 
R2I H1   H  N N 349 
R2I H2   H  N N 350 
R2I H3   H  N N 351 
R2I H4   H  N N 352 
R2I H5   H  N N 353 
R2I H6   H  N N 354 
R2I H7   H  N N 355 
R2I H8   H  N N 356 
R2I H9   H  N N 357 
R2I H10  H  N N 358 
R2I H11  H  N N 359 
R2I H12  H  N N 360 
R2I H13  H  N N 361 
R2I H14  H  N N 362 
R2U O3   O  N N 363 
R2U O4   O  N N 364 
R2U O5   O  N N 365 
R2U O6   O  N N 366 
R2U O7   O  N N 367 
R2U O8   O  N N 368 
R2U RU1  RU N N 369 
R2U RU2  RU N N 370 
R2U H1   H  N N 371 
R2U H2   H  N N 372 
R2U H3   H  N N 373 
R2U H4   H  N N 374 
R2U H5   H  N N 375 
R2U H6   H  N N 376 
SER N    N  N N 377 
SER CA   C  N S 378 
SER C    C  N N 379 
SER O    O  N N 380 
SER CB   C  N N 381 
SER OG   O  N N 382 
SER OXT  O  N N 383 
SER H    H  N N 384 
SER H2   H  N N 385 
SER HA   H  N N 386 
SER HB2  H  N N 387 
SER HB3  H  N N 388 
SER HG   H  N N 389 
SER HXT  H  N N 390 
THR N    N  N N 391 
THR CA   C  N S 392 
THR C    C  N N 393 
THR O    O  N N 394 
THR CB   C  N R 395 
THR OG1  O  N N 396 
THR CG2  C  N N 397 
THR OXT  O  N N 398 
THR H    H  N N 399 
THR H2   H  N N 400 
THR HA   H  N N 401 
THR HB   H  N N 402 
THR HG1  H  N N 403 
THR HG21 H  N N 404 
THR HG22 H  N N 405 
THR HG23 H  N N 406 
THR HXT  H  N N 407 
TRP N    N  N N 408 
TRP CA   C  N S 409 
TRP C    C  N N 410 
TRP O    O  N N 411 
TRP CB   C  N N 412 
TRP CG   C  Y N 413 
TRP CD1  C  Y N 414 
TRP CD2  C  Y N 415 
TRP NE1  N  Y N 416 
TRP CE2  C  Y N 417 
TRP CE3  C  Y N 418 
TRP CZ2  C  Y N 419 
TRP CZ3  C  Y N 420 
TRP CH2  C  Y N 421 
TRP OXT  O  N N 422 
TRP H    H  N N 423 
TRP H2   H  N N 424 
TRP HA   H  N N 425 
TRP HB2  H  N N 426 
TRP HB3  H  N N 427 
TRP HD1  H  N N 428 
TRP HE1  H  N N 429 
TRP HE3  H  N N 430 
TRP HZ2  H  N N 431 
TRP HZ3  H  N N 432 
TRP HH2  H  N N 433 
TRP HXT  H  N N 434 
TYR N    N  N N 435 
TYR CA   C  N S 436 
TYR C    C  N N 437 
TYR O    O  N N 438 
TYR CB   C  N N 439 
TYR CG   C  Y N 440 
TYR CD1  C  Y N 441 
TYR CD2  C  Y N 442 
TYR CE1  C  Y N 443 
TYR CE2  C  Y N 444 
TYR CZ   C  Y N 445 
TYR OH   O  N N 446 
TYR OXT  O  N N 447 
TYR H    H  N N 448 
TYR H2   H  N N 449 
TYR HA   H  N N 450 
TYR HB2  H  N N 451 
TYR HB3  H  N N 452 
TYR HD1  H  N N 453 
TYR HD2  H  N N 454 
TYR HE1  H  N N 455 
TYR HE2  H  N N 456 
TYR HH   H  N N 457 
TYR HXT  H  N N 458 
VAL N    N  N N 459 
VAL CA   C  N S 460 
VAL C    C  N N 461 
VAL O    O  N N 462 
VAL CB   C  N N 463 
VAL CG1  C  N N 464 
VAL CG2  C  N N 465 
VAL OXT  O  N N 466 
VAL H    H  N N 467 
VAL H2   H  N N 468 
VAL HA   H  N N 469 
VAL HB   H  N N 470 
VAL HG11 H  N N 471 
VAL HG12 H  N N 472 
VAL HG13 H  N N 473 
VAL HG21 H  N N 474 
VAL HG22 H  N N 475 
VAL HG23 H  N N 476 
VAL HXT  H  N N 477 
# 
loop_
_chem_comp_bond.comp_id 
_chem_comp_bond.atom_id_1 
_chem_comp_bond.atom_id_2 
_chem_comp_bond.value_order 
_chem_comp_bond.pdbx_aromatic_flag 
_chem_comp_bond.pdbx_stereo_config 
_chem_comp_bond.pdbx_ordinal 
ALA N   CA   sing N N 1   
ALA N   H    sing N N 2   
ALA N   H2   sing N N 3   
ALA CA  C    sing N N 4   
ALA CA  CB   sing N N 5   
ALA CA  HA   sing N N 6   
ALA C   O    doub N N 7   
ALA C   OXT  sing N N 8   
ALA CB  HB1  sing N N 9   
ALA CB  HB2  sing N N 10  
ALA CB  HB3  sing N N 11  
ALA OXT HXT  sing N N 12  
ARG N   CA   sing N N 13  
ARG N   H    sing N N 14  
ARG N   H2   sing N N 15  
ARG CA  C    sing N N 16  
ARG CA  CB   sing N N 17  
ARG CA  HA   sing N N 18  
ARG C   O    doub N N 19  
ARG C   OXT  sing N N 20  
ARG CB  CG   sing N N 21  
ARG CB  HB2  sing N N 22  
ARG CB  HB3  sing N N 23  
ARG CG  CD   sing N N 24  
ARG CG  HG2  sing N N 25  
ARG CG  HG3  sing N N 26  
ARG CD  NE   sing N N 27  
ARG CD  HD2  sing N N 28  
ARG CD  HD3  sing N N 29  
ARG NE  CZ   sing N N 30  
ARG NE  HE   sing N N 31  
ARG CZ  NH1  sing N N 32  
ARG CZ  NH2  doub N N 33  
ARG NH1 HH11 sing N N 34  
ARG NH1 HH12 sing N N 35  
ARG NH2 HH21 sing N N 36  
ARG NH2 HH22 sing N N 37  
ARG OXT HXT  sing N N 38  
ASN N   CA   sing N N 39  
ASN N   H    sing N N 40  
ASN N   H2   sing N N 41  
ASN CA  C    sing N N 42  
ASN CA  CB   sing N N 43  
ASN CA  HA   sing N N 44  
ASN C   O    doub N N 45  
ASN C   OXT  sing N N 46  
ASN CB  CG   sing N N 47  
ASN CB  HB2  sing N N 48  
ASN CB  HB3  sing N N 49  
ASN CG  OD1  doub N N 50  
ASN CG  ND2  sing N N 51  
ASN ND2 HD21 sing N N 52  
ASN ND2 HD22 sing N N 53  
ASN OXT HXT  sing N N 54  
ASP N   CA   sing N N 55  
ASP N   H    sing N N 56  
ASP N   H2   sing N N 57  
ASP CA  C    sing N N 58  
ASP CA  CB   sing N N 59  
ASP CA  HA   sing N N 60  
ASP C   O    doub N N 61  
ASP C   OXT  sing N N 62  
ASP CB  CG   sing N N 63  
ASP CB  HB2  sing N N 64  
ASP CB  HB3  sing N N 65  
ASP CG  OD1  doub N N 66  
ASP CG  OD2  sing N N 67  
ASP OD2 HD2  sing N N 68  
ASP OXT HXT  sing N N 69  
CYS N   CA   sing N N 70  
CYS N   H    sing N N 71  
CYS N   H2   sing N N 72  
CYS CA  C    sing N N 73  
CYS CA  CB   sing N N 74  
CYS CA  HA   sing N N 75  
CYS C   O    doub N N 76  
CYS C   OXT  sing N N 77  
CYS CB  SG   sing N N 78  
CYS CB  HB2  sing N N 79  
CYS CB  HB3  sing N N 80  
CYS SG  HG   sing N N 81  
CYS OXT HXT  sing N N 82  
EPE N1  C2   sing N N 83  
EPE N1  C6   sing N N 84  
EPE N1  C9   sing N N 85  
EPE C2  C3   sing N N 86  
EPE C2  H21  sing N N 87  
EPE C2  H22  sing N N 88  
EPE C3  N4   sing N N 89  
EPE C3  H31  sing N N 90  
EPE C3  H32  sing N N 91  
EPE N4  C5   sing N N 92  
EPE N4  C7   sing N N 93  
EPE C5  C6   sing N N 94  
EPE C5  H51  sing N N 95  
EPE C5  H52  sing N N 96  
EPE C6  H61  sing N N 97  
EPE C6  H62  sing N N 98  
EPE C7  C8   sing N N 99  
EPE C7  H71  sing N N 100 
EPE C7  H72  sing N N 101 
EPE C8  O8   sing N N 102 
EPE C8  H81  sing N N 103 
EPE C8  H82  sing N N 104 
EPE O8  HO8  sing N N 105 
EPE C9  C10  sing N N 106 
EPE C9  H91  sing N N 107 
EPE C9  H92  sing N N 108 
EPE C10 S    sing N N 109 
EPE C10 H101 sing N N 110 
EPE C10 H102 sing N N 111 
EPE S   O1S  doub N N 112 
EPE S   O2S  doub N N 113 
EPE S   O3S  sing N N 114 
EPE O3S HOS3 sing N N 115 
GLN N   CA   sing N N 116 
GLN N   H    sing N N 117 
GLN N   H2   sing N N 118 
GLN CA  C    sing N N 119 
GLN CA  CB   sing N N 120 
GLN CA  HA   sing N N 121 
GLN C   O    doub N N 122 
GLN C   OXT  sing N N 123 
GLN CB  CG   sing N N 124 
GLN CB  HB2  sing N N 125 
GLN CB  HB3  sing N N 126 
GLN CG  CD   sing N N 127 
GLN CG  HG2  sing N N 128 
GLN CG  HG3  sing N N 129 
GLN CD  OE1  doub N N 130 
GLN CD  NE2  sing N N 131 
GLN NE2 HE21 sing N N 132 
GLN NE2 HE22 sing N N 133 
GLN OXT HXT  sing N N 134 
GLU N   CA   sing N N 135 
GLU N   H    sing N N 136 
GLU N   H2   sing N N 137 
GLU CA  C    sing N N 138 
GLU CA  CB   sing N N 139 
GLU CA  HA   sing N N 140 
GLU C   O    doub N N 141 
GLU C   OXT  sing N N 142 
GLU CB  CG   sing N N 143 
GLU CB  HB2  sing N N 144 
GLU CB  HB3  sing N N 145 
GLU CG  CD   sing N N 146 
GLU CG  HG2  sing N N 147 
GLU CG  HG3  sing N N 148 
GLU CD  OE1  doub N N 149 
GLU CD  OE2  sing N N 150 
GLU OE2 HE2  sing N N 151 
GLU OXT HXT  sing N N 152 
GLY N   CA   sing N N 153 
GLY N   H    sing N N 154 
GLY N   H2   sing N N 155 
GLY CA  C    sing N N 156 
GLY CA  HA2  sing N N 157 
GLY CA  HA3  sing N N 158 
GLY C   O    doub N N 159 
GLY C   OXT  sing N N 160 
GLY OXT HXT  sing N N 161 
HIS N   CA   sing N N 162 
HIS N   H    sing N N 163 
HIS N   H2   sing N N 164 
HIS CA  C    sing N N 165 
HIS CA  CB   sing N N 166 
HIS CA  HA   sing N N 167 
HIS C   O    doub N N 168 
HIS C   OXT  sing N N 169 
HIS CB  CG   sing N N 170 
HIS CB  HB2  sing N N 171 
HIS CB  HB3  sing N N 172 
HIS CG  ND1  sing Y N 173 
HIS CG  CD2  doub Y N 174 
HIS ND1 CE1  doub Y N 175 
HIS ND1 HD1  sing N N 176 
HIS CD2 NE2  sing Y N 177 
HIS CD2 HD2  sing N N 178 
HIS CE1 NE2  sing Y N 179 
HIS CE1 HE1  sing N N 180 
HIS NE2 HE2  sing N N 181 
HIS OXT HXT  sing N N 182 
HOH O   H1   sing N N 183 
HOH O   H2   sing N N 184 
ILE N   CA   sing N N 185 
ILE N   H    sing N N 186 
ILE N   H2   sing N N 187 
ILE CA  C    sing N N 188 
ILE CA  CB   sing N N 189 
ILE CA  HA   sing N N 190 
ILE C   O    doub N N 191 
ILE C   OXT  sing N N 192 
ILE CB  CG1  sing N N 193 
ILE CB  CG2  sing N N 194 
ILE CB  HB   sing N N 195 
ILE CG1 CD1  sing N N 196 
ILE CG1 HG12 sing N N 197 
ILE CG1 HG13 sing N N 198 
ILE CG2 HG21 sing N N 199 
ILE CG2 HG22 sing N N 200 
ILE CG2 HG23 sing N N 201 
ILE CD1 HD11 sing N N 202 
ILE CD1 HD12 sing N N 203 
ILE CD1 HD13 sing N N 204 
ILE OXT HXT  sing N N 205 
LEU N   CA   sing N N 206 
LEU N   H    sing N N 207 
LEU N   H2   sing N N 208 
LEU CA  C    sing N N 209 
LEU CA  CB   sing N N 210 
LEU CA  HA   sing N N 211 
LEU C   O    doub N N 212 
LEU C   OXT  sing N N 213 
LEU CB  CG   sing N N 214 
LEU CB  HB2  sing N N 215 
LEU CB  HB3  sing N N 216 
LEU CG  CD1  sing N N 217 
LEU CG  CD2  sing N N 218 
LEU CG  HG   sing N N 219 
LEU CD1 HD11 sing N N 220 
LEU CD1 HD12 sing N N 221 
LEU CD1 HD13 sing N N 222 
LEU CD2 HD21 sing N N 223 
LEU CD2 HD22 sing N N 224 
LEU CD2 HD23 sing N N 225 
LEU OXT HXT  sing N N 226 
LYS N   CA   sing N N 227 
LYS N   H    sing N N 228 
LYS N   H2   sing N N 229 
LYS CA  C    sing N N 230 
LYS CA  CB   sing N N 231 
LYS CA  HA   sing N N 232 
LYS C   O    doub N N 233 
LYS C   OXT  sing N N 234 
LYS CB  CG   sing N N 235 
LYS CB  HB2  sing N N 236 
LYS CB  HB3  sing N N 237 
LYS CG  CD   sing N N 238 
LYS CG  HG2  sing N N 239 
LYS CG  HG3  sing N N 240 
LYS CD  CE   sing N N 241 
LYS CD  HD2  sing N N 242 
LYS CD  HD3  sing N N 243 
LYS CE  NZ   sing N N 244 
LYS CE  HE2  sing N N 245 
LYS CE  HE3  sing N N 246 
LYS NZ  HZ1  sing N N 247 
LYS NZ  HZ2  sing N N 248 
LYS NZ  HZ3  sing N N 249 
LYS OXT HXT  sing N N 250 
MET N   CA   sing N N 251 
MET N   H    sing N N 252 
MET N   H2   sing N N 253 
MET CA  C    sing N N 254 
MET CA  CB   sing N N 255 
MET CA  HA   sing N N 256 
MET C   O    doub N N 257 
MET C   OXT  sing N N 258 
MET CB  CG   sing N N 259 
MET CB  HB2  sing N N 260 
MET CB  HB3  sing N N 261 
MET CG  SD   sing N N 262 
MET CG  HG2  sing N N 263 
MET CG  HG3  sing N N 264 
MET SD  CE   sing N N 265 
MET CE  HE1  sing N N 266 
MET CE  HE2  sing N N 267 
MET CE  HE3  sing N N 268 
MET OXT HXT  sing N N 269 
PHE N   CA   sing N N 270 
PHE N   H    sing N N 271 
PHE N   H2   sing N N 272 
PHE CA  C    sing N N 273 
PHE CA  CB   sing N N 274 
PHE CA  HA   sing N N 275 
PHE C   O    doub N N 276 
PHE C   OXT  sing N N 277 
PHE CB  CG   sing N N 278 
PHE CB  HB2  sing N N 279 
PHE CB  HB3  sing N N 280 
PHE CG  CD1  doub Y N 281 
PHE CG  CD2  sing Y N 282 
PHE CD1 CE1  sing Y N 283 
PHE CD1 HD1  sing N N 284 
PHE CD2 CE2  doub Y N 285 
PHE CD2 HD2  sing N N 286 
PHE CE1 CZ   doub Y N 287 
PHE CE1 HE1  sing N N 288 
PHE CE2 CZ   sing Y N 289 
PHE CE2 HE2  sing N N 290 
PHE CZ  HZ   sing N N 291 
PHE OXT HXT  sing N N 292 
PRO N   CA   sing N N 293 
PRO N   CD   sing N N 294 
PRO N   H    sing N N 295 
PRO CA  C    sing N N 296 
PRO CA  CB   sing N N 297 
PRO CA  HA   sing N N 298 
PRO C   O    doub N N 299 
PRO C   OXT  sing N N 300 
PRO CB  CG   sing N N 301 
PRO CB  HB2  sing N N 302 
PRO CB  HB3  sing N N 303 
PRO CG  CD   sing N N 304 
PRO CG  HG2  sing N N 305 
PRO CG  HG3  sing N N 306 
PRO CD  HD2  sing N N 307 
PRO CD  HD3  sing N N 308 
PRO OXT HXT  sing N N 309 
R2I O3  RU1  sing N N 310 
R2I O3  C16  sing N N 311 
R2I RU1 O1   sing N N 312 
R2I RU1 N1   sing N N 313 
R2I RU1 RU2  sing N N 314 
R2I C16 O4   sing N N 315 
R2I F1  C5   sing N N 316 
R2I C4  C5   doub Y N 317 
R2I C4  C3   sing Y N 318 
R2I O1  C14  sing N N 319 
R2I C5  C6   sing Y N 320 
R2I C3  C2   doub Y N 321 
R2I C6  C7   doub Y N 322 
R2I O4  RU2  sing N N 323 
R2I C7  C2   sing Y N 324 
R2I C2  N1   sing N N 325 
R2I C14 O2   sing N N 326 
R2I N1  C1   sing N N 327 
R2I RU2 O2   sing N N 328 
R2I RU2 N2   sing N N 329 
R2I C1  N2   sing N N 330 
R2I N2  C8   sing N N 331 
R2I C8  C9   doub Y N 332 
R2I C8  C13  sing Y N 333 
R2I C9  C10  sing Y N 334 
R2I C13 C12  doub Y N 335 
R2I C10 C11  doub Y N 336 
R2I C12 C11  sing Y N 337 
R2I C11 F2   sing N N 338 
R2I C12 H1   sing N N 339 
R2I C13 H2   sing N N 340 
R2I C14 H3   sing N N 341 
R2I C14 H4   sing N N 342 
R2I C3  H5   sing N N 343 
R2I C4  H6   sing N N 344 
R2I C7  H7   sing N N 345 
R2I C1  H8   sing N N 346 
R2I C1  H9   sing N N 347 
R2I C6  H10  sing N N 348 
R2I C16 H11  sing N N 349 
R2I C16 H12  sing N N 350 
R2I C10 H13  sing N N 351 
R2I C9  H14  sing N N 352 
R2U O3  RU1  sing N N 353 
R2U O4  RU2  sing N N 354 
R2U RU1 O5   sing N N 355 
R2U RU1 RU2  sing N N 356 
R2U RU1 O7   sing N N 357 
R2U RU2 O6   sing N N 358 
R2U RU2 O8   sing N N 359 
R2U O3  H1   sing N N 360 
R2U O4  H2   sing N N 361 
R2U O5  H3   sing N N 362 
R2U O6  H4   sing N N 363 
R2U O7  H5   sing N N 364 
R2U O8  H6   sing N N 365 
SER N   CA   sing N N 366 
SER N   H    sing N N 367 
SER N   H2   sing N N 368 
SER CA  C    sing N N 369 
SER CA  CB   sing N N 370 
SER CA  HA   sing N N 371 
SER C   O    doub N N 372 
SER C   OXT  sing N N 373 
SER CB  OG   sing N N 374 
SER CB  HB2  sing N N 375 
SER CB  HB3  sing N N 376 
SER OG  HG   sing N N 377 
SER OXT HXT  sing N N 378 
THR N   CA   sing N N 379 
THR N   H    sing N N 380 
THR N   H2   sing N N 381 
THR CA  C    sing N N 382 
THR CA  CB   sing N N 383 
THR CA  HA   sing N N 384 
THR C   O    doub N N 385 
THR C   OXT  sing N N 386 
THR CB  OG1  sing N N 387 
THR CB  CG2  sing N N 388 
THR CB  HB   sing N N 389 
THR OG1 HG1  sing N N 390 
THR CG2 HG21 sing N N 391 
THR CG2 HG22 sing N N 392 
THR CG2 HG23 sing N N 393 
THR OXT HXT  sing N N 394 
TRP N   CA   sing N N 395 
TRP N   H    sing N N 396 
TRP N   H2   sing N N 397 
TRP CA  C    sing N N 398 
TRP CA  CB   sing N N 399 
TRP CA  HA   sing N N 400 
TRP C   O    doub N N 401 
TRP C   OXT  sing N N 402 
TRP CB  CG   sing N N 403 
TRP CB  HB2  sing N N 404 
TRP CB  HB3  sing N N 405 
TRP CG  CD1  doub Y N 406 
TRP CG  CD2  sing Y N 407 
TRP CD1 NE1  sing Y N 408 
TRP CD1 HD1  sing N N 409 
TRP CD2 CE2  doub Y N 410 
TRP CD2 CE3  sing Y N 411 
TRP NE1 CE2  sing Y N 412 
TRP NE1 HE1  sing N N 413 
TRP CE2 CZ2  sing Y N 414 
TRP CE3 CZ3  doub Y N 415 
TRP CE3 HE3  sing N N 416 
TRP CZ2 CH2  doub Y N 417 
TRP CZ2 HZ2  sing N N 418 
TRP CZ3 CH2  sing Y N 419 
TRP CZ3 HZ3  sing N N 420 
TRP CH2 HH2  sing N N 421 
TRP OXT HXT  sing N N 422 
TYR N   CA   sing N N 423 
TYR N   H    sing N N 424 
TYR N   H2   sing N N 425 
TYR CA  C    sing N N 426 
TYR CA  CB   sing N N 427 
TYR CA  HA   sing N N 428 
TYR C   O    doub N N 429 
TYR C   OXT  sing N N 430 
TYR CB  CG   sing N N 431 
TYR CB  HB2  sing N N 432 
TYR CB  HB3  sing N N 433 
TYR CG  CD1  doub Y N 434 
TYR CG  CD2  sing Y N 435 
TYR CD1 CE1  sing Y N 436 
TYR CD1 HD1  sing N N 437 
TYR CD2 CE2  doub Y N 438 
TYR CD2 HD2  sing N N 439 
TYR CE1 CZ   doub Y N 440 
TYR CE1 HE1  sing N N 441 
TYR CE2 CZ   sing Y N 442 
TYR CE2 HE2  sing N N 443 
TYR CZ  OH   sing N N 444 
TYR OH  HH   sing N N 445 
TYR OXT HXT  sing N N 446 
VAL N   CA   sing N N 447 
VAL N   H    sing N N 448 
VAL N   H2   sing N N 449 
VAL CA  C    sing N N 450 
VAL CA  CB   sing N N 451 
VAL CA  HA   sing N N 452 
VAL C   O    doub N N 453 
VAL C   OXT  sing N N 454 
VAL CB  CG1  sing N N 455 
VAL CB  CG2  sing N N 456 
VAL CB  HB   sing N N 457 
VAL CG1 HG11 sing N N 458 
VAL CG1 HG12 sing N N 459 
VAL CG1 HG13 sing N N 460 
VAL CG2 HG21 sing N N 461 
VAL CG2 HG22 sing N N 462 
VAL CG2 HG23 sing N N 463 
VAL OXT HXT  sing N N 464 
# 
_pdbx_audit_support.funding_organization   'Not funded' 
_pdbx_audit_support.country                ? 
_pdbx_audit_support.grant_number           ? 
_pdbx_audit_support.ordinal                1 
# 
loop_
_pdbx_initial_refinement_model.id 
_pdbx_initial_refinement_model.entity_id_list 
_pdbx_initial_refinement_model.type 
_pdbx_initial_refinement_model.source_name 
_pdbx_initial_refinement_model.accession_code 
_pdbx_initial_refinement_model.details 
1 ? 'experimental model' PDB 193L ? 
2 ? 'experimental model' PDB 198L ? 
# 
_atom_sites.entry_id                    8BPU 
_atom_sites.Cartn_transf_matrix[1][1]   ? 
_atom_sites.Cartn_transf_matrix[1][2]   ? 
_atom_sites.Cartn_transf_matrix[1][3]   ? 
_atom_sites.Cartn_transf_matrix[2][1]   ? 
_atom_sites.Cartn_transf_matrix[2][2]   ? 
_atom_sites.Cartn_transf_matrix[2][3]   ? 
_atom_sites.Cartn_transf_matrix[3][1]   ? 
_atom_sites.Cartn_transf_matrix[3][2]   ? 
_atom_sites.Cartn_transf_matrix[3][3]   ? 
_atom_sites.Cartn_transf_vector[1]      ? 
_atom_sites.Cartn_transf_vector[2]      ? 
_atom_sites.Cartn_transf_vector[3]      ? 
_atom_sites.fract_transf_matrix[1][1]   -0.00525862 
_atom_sites.fract_transf_matrix[1][2]   -0.01135086 
_atom_sites.fract_transf_matrix[1][3]   0.00252457 
_atom_sites.fract_transf_matrix[2][1]   -0.00457950 
_atom_sites.fract_transf_matrix[2][2]   -0.00052522 
_atom_sites.fract_transf_matrix[2][3]   -0.01190046 
_atom_sites.fract_transf_matrix[3][1]   0.02232840 
_atom_sites.fract_transf_matrix[3][2]   -0.01213621 
_atom_sites.fract_transf_matrix[3][3]   -0.00805671 
_atom_sites.fract_transf_vector[1]      -0.255249 
_atom_sites.fract_transf_vector[2]      -0.009569 
_atom_sites.fract_transf_vector[3]      -0.242848 
_atom_sites.solution_primary            ? 
_atom_sites.solution_secondary          ? 
_atom_sites.solution_hydrogens          ? 
_atom_sites.special_details             ? 
# 
loop_
_atom_type.symbol 
_atom_type.pdbx_scat_Z 
_atom_type.pdbx_N_electrons 
_atom_type.scat_Cromer_Mann_a1 
_atom_type.scat_Cromer_Mann_b1 
_atom_type.scat_Cromer_Mann_a2 
_atom_type.scat_Cromer_Mann_b2 
_atom_type.scat_Cromer_Mann_a3 
_atom_type.scat_Cromer_Mann_b3 
_atom_type.scat_Cromer_Mann_a4 
_atom_type.scat_Cromer_Mann_b4 
_atom_type.scat_Cromer_Mann_c 
C  6  6  2.310  20.844 1.020  10.208 1.589 0.569  0.865 51.651  0.216   
F  9  9  3.539  10.282 2.641  4.294  1.517 0.262  1.024 26.148  0.306   
H  1  1  0.493  10.511 0.323  26.126 0.140 3.142  0.041 57.800  0.003   
N  7  7  12.222 0.006  3.135  9.893  2.014 28.997 1.167 0.583   -11.538 
NA 11 11 4.766  3.285  3.176  8.842  1.268 0.314  1.114 129.424 0.736   
O  8  8  3.049  13.277 2.287  5.701  1.546 0.324  0.867 32.909  0.251   
RU 44 44 19.269 0.809  12.920 8.435  4.864 24.800 1.568 94.293  4.691   
S  16 16 6.905  1.468  5.203  22.215 1.438 0.254  1.586 56.172  1.056   
# 
loop_
_atom_site.group_PDB 
_atom_site.id 
_atom_site.type_symbol 
_atom_site.label_atom_id 
_atom_site.label_alt_id 
_atom_site.label_comp_id 
_atom_site.label_asym_id 
_atom_site.label_entity_id 
_atom_site.label_seq_id 
_atom_site.pdbx_PDB_ins_code 
_atom_site.Cartn_x 
_atom_site.Cartn_y 
_atom_site.Cartn_z 
_atom_site.occupancy 
_atom_site.B_iso_or_equiv 
_atom_site.pdbx_formal_charge 
_atom_site.auth_seq_id 
_atom_site.auth_comp_id 
_atom_site.auth_asym_id 
_atom_site.auth_atom_id 
_atom_site.pdbx_PDB_model_num 
_atom_site.calc_flag 
ATOM   1    N  N   . LYS A 1 1   ? -13.036 -5.255  1.233   1.000 31.192 0 1   LYS AAA N   1 ? 
ATOM   2    C  CA  . LYS A 1 1   ? -13.454 -4.386  2.370   1.000 32.082 0 1   LYS AAA CA  1 ? 
ATOM   3    C  C   . LYS A 1 1   ? -13.044 -2.931  2.090   1.000 32.968 0 1   LYS AAA C   1 ? 
ATOM   4    O  O   . LYS A 1 1   ? -11.888 -2.702  1.695   1.000 31.330 0 1   LYS AAA O   1 ? 
ATOM   5    C  CB  . LYS A 1 1   ? -12.827 -4.926  3.661   1.000 33.279 0 1   LYS AAA CB  1 ? 
ATOM   6    C  CG  . LYS A 1 1   ? -12.956 -4.039  4.882   1.000 35.146 0 1   LYS AAA CG  1 ? 
ATOM   7    C  CD  . LYS A 1 1   ? -12.357 -4.658  6.101   1.000 34.794 0 1   LYS AAA CD  1 ? 
ATOM   8    C  CE  . LYS A 1 1   ? -12.295 -3.683  7.257   1.000 39.846 0 1   LYS AAA CE  1 ? 
ATOM   9    N  NZ  . LYS A 1 1   ? -11.752 -4.333  8.474   1.000 41.809 0 1   LYS AAA NZ  1 ? 
ATOM   10   N  N   . VAL A 1 2   ? -13.975 -1.983  2.235   1.000 31.478 0 2   VAL AAA N   1 ? 
ATOM   11   C  CA  . VAL A 1 2   ? -13.677 -0.521  2.198   1.000 32.503 0 2   VAL AAA CA  1 ? 
ATOM   12   C  C   . VAL A 1 2   ? -13.525 -0.072  3.654   1.000 33.632 0 2   VAL AAA C   1 ? 
ATOM   13   O  O   . VAL A 1 2   ? -14.536 -0.059  4.391   1.000 31.233 0 2   VAL AAA O   1 ? 
ATOM   14   C  CB  . VAL A 1 2   ? -14.725 0.304   1.423   1.000 32.206 0 2   VAL AAA CB  1 ? 
ATOM   15   C  CG1 . VAL A 1 2   ? -14.300 1.752   1.281   1.000 36.202 0 2   VAL AAA CG1 1 ? 
ATOM   16   C  CG2 . VAL A 1 2   ? -15.009 -0.287  0.051   1.000 32.246 0 2   VAL AAA CG2 1 ? 
ATOM   17   N  N   . PHE A 1 3   ? -12.292 0.222   4.070   1.000 32.702 0 3   PHE AAA N   1 ? 
ATOM   18   C  CA  . PHE A 1 3   ? -11.967 0.649   5.455   1.000 32.520 0 3   PHE AAA CA  1 ? 
ATOM   19   C  C   . PHE A 1 3   ? -12.440 2.081   5.660   1.000 34.296 0 3   PHE AAA C   1 ? 
ATOM   20   O  O   . PHE A 1 3   ? -12.523 2.844   4.681   1.000 33.242 0 3   PHE AAA O   1 ? 
ATOM   21   C  CB  . PHE A 1 3   ? -10.468 0.614   5.733   1.000 34.512 0 3   PHE AAA CB  1 ? 
ATOM   22   C  CG  . PHE A 1 3   ? -9.920  -0.719  6.156   1.000 33.069 0 3   PHE AAA CG  1 ? 
ATOM   23   C  CD1 . PHE A 1 3   ? -9.732  -1.736  5.231   1.000 36.181 0 3   PHE AAA CD1 1 ? 
ATOM   24   C  CD2 . PHE A 1 3   ? -9.535  -0.933  7.472   1.000 32.999 0 3   PHE AAA CD2 1 ? 
ATOM   25   C  CE1 . PHE A 1 3   ? -9.200  -2.955  5.618   1.000 34.356 0 3   PHE AAA CE1 1 ? 
ATOM   26   C  CE2 . PHE A 1 3   ? -9.006  -2.151  7.855   1.000 31.864 0 3   PHE AAA CE2 1 ? 
ATOM   27   C  CZ  . PHE A 1 3   ? -8.851  -3.164  6.933   1.000 35.090 0 3   PHE AAA CZ  1 ? 
ATOM   28   N  N   . GLY A 1 4   ? -12.718 2.427   6.916   1.000 35.939 0 4   GLY AAA N   1 ? 
ATOM   29   C  CA  . GLY A 1 4   ? -12.726 3.823   7.370   1.000 35.747 0 4   GLY AAA CA  1 ? 
ATOM   30   C  C   . GLY A 1 4   ? -11.306 4.337   7.488   1.000 33.506 0 4   GLY AAA C   1 ? 
ATOM   31   O  O   . GLY A 1 4   ? -10.402 3.513   7.729   1.000 35.074 0 4   GLY AAA O   1 ? 
ATOM   32   N  N   . ARG A 1 5   ? -11.129 5.652   7.355   1.000 34.115 0 5   ARG AAA N   1 ? 
ATOM   33   C  CA  . ARG A 1 5   ? -9.829  6.365   7.506   1.000 33.772 0 5   ARG AAA CA  1 ? 
ATOM   34   C  C   . ARG A 1 5   ? -9.202  5.974   8.848   1.000 32.056 0 5   ARG AAA C   1 ? 
ATOM   35   O  O   . ARG A 1 5   ? -8.086  5.433   8.850   1.000 30.237 0 5   ARG AAA O   1 ? 
ATOM   36   C  CB  . ARG A 1 5   ? -10.090 7.866   7.357   1.000 37.348 0 5   ARG AAA CB  1 ? 
ATOM   37   C  CG  . ARG A 1 5   ? -8.903  8.771   7.624   1.000 39.248 0 5   ARG AAA CG  1 ? 
ATOM   38   C  CD  . ARG A 1 5   ? -9.330  10.189  7.301   1.000 41.532 0 5   ARG AAA CD  1 ? 
ATOM   39   N  NE  . ARG A 1 5   ? -10.284 10.759  8.243   1.000 43.394 0 5   ARG AAA NE  1 ? 
ATOM   40   C  CZ  . ARG A 1 5   ? -9.976  11.298  9.429   1.000 45.042 0 5   ARG AAA CZ  1 ? 
ATOM   41   N  NH1 . ARG A 1 5   ? -8.725  11.309  9.859   1.000 40.370 0 5   ARG AAA NH1 1 ? 
ATOM   42   N  NH2 . ARG A 1 5   ? -10.935 11.819  10.186  1.000 45.640 0 5   ARG AAA NH2 1 ? 
ATOM   43   N  N   . CYS A 1 6   ? -9.914  6.164   9.962   1.000 35.828 0 6   CYS AAA N   1 ? 
ATOM   44   C  CA  . CYS A 1 6   ? -9.384  5.886   11.327  1.000 34.168 0 6   CYS AAA CA  1 ? 
ATOM   45   C  C   . CYS A 1 6   ? -9.262  4.370   11.541  1.000 32.569 0 6   CYS AAA C   1 ? 
ATOM   46   O  O   . CYS A 1 6   ? -8.266  3.931   12.166  1.000 30.698 0 6   CYS AAA O   1 ? 
ATOM   47   C  CB  . CYS A 1 6   ? -10.205 6.586   12.414  1.000 35.809 0 6   CYS AAA CB  1 ? 
ATOM   48   S  SG  . CYS A 1 6   ? -10.162 8.395   12.268  1.000 38.160 0 6   CYS AAA SG  1 ? 
ATOM   49   N  N   . GLU A 1 7   ? -10.196 3.585   11.000  1.000 32.643 0 7   GLU AAA N   1 ? 
ATOM   50   C  CA  . GLU A 1 7   ? -10.147 2.104   11.071  1.000 31.219 0 7   GLU AAA CA  1 ? 
ATOM   51   C  C   . GLU A 1 7   ? -8.870  1.615   10.384  1.000 29.534 0 7   GLU AAA C   1 ? 
ATOM   52   O  O   . GLU A 1 7   ? -8.193  0.748   10.926  1.000 28.063 0 7   GLU AAA O   1 ? 
ATOM   53   C  CB  . GLU A 1 7   ? -11.379 1.492   10.407  1.000 30.873 0 7   GLU AAA CB  1 ? 
ATOM   54   C  CG  . GLU A 1 7   ? -11.540 0.028   10.733  1.000 30.794 0 7   GLU AAA CG  1 ? 
ATOM   55   C  CD  . GLU A 1 7   ? -12.506 -0.698  9.820   1.000 31.884 0 7   GLU AAA CD  1 ? 
ATOM   56   O  OE1 . GLU A 1 7   ? -12.968 -0.079  8.837   1.000 37.693 0 7   GLU AAA OE1 1 ? 
ATOM   57   O  OE2 . GLU A 1 7   ? -12.781 -1.897  10.081  1.000 36.093 0 7   GLU AAA OE2 1 ? 
ATOM   58   N  N   . LEU A 1 8   ? -8.527  2.208   9.244   1.000 28.919 0 8   LEU AAA N   1 ? 
ATOM   59   C  CA  . LEU A 1 8   ? -7.317  1.805   8.495   1.000 26.473 0 8   LEU AAA CA  1 ? 
ATOM   60   C  C   . LEU A 1 8   ? -6.061  2.274   9.224   1.000 26.383 0 8   LEU AAA C   1 ? 
ATOM   61   O  O   . LEU A 1 8   ? -5.061  1.544   9.236   1.000 27.509 0 8   LEU AAA O   1 ? 
ATOM   62   C  CB  . LEU A 1 8   ? -7.379  2.392   7.084   1.000 27.346 0 8   LEU AAA CB  1 ? 
ATOM   63   C  CG  . LEU A 1 8   ? -6.186  1.984   6.226   1.000 25.316 0 8   LEU AAA CG  1 ? 
ATOM   64   C  CD1 . LEU A 1 8   ? -6.093  0.483   6.135   1.000 27.764 0 8   LEU AAA CD1 1 ? 
ATOM   65   C  CD2 . LEU A 1 8   ? -6.269  2.605   4.835   1.000 26.383 0 8   LEU AAA CD2 1 ? 
ATOM   66   N  N   . ALA A 1 9   ? -6.062  3.509   9.714   1.000 28.963 0 9   ALA AAA N   1 ? 
ATOM   67   C  CA  . ALA A 1 9   ? -4.926  4.066   10.476  1.000 27.964 0 9   ALA AAA CA  1 ? 
ATOM   68   C  C   . ALA A 1 9   ? -4.617  3.125   11.653  1.000 27.212 0 9   ALA AAA C   1 ? 
ATOM   69   O  O   . ALA A 1 9   ? -3.435  2.702   11.824  1.000 27.729 0 9   ALA AAA O   1 ? 
ATOM   70   C  CB  . ALA A 1 9   ? -5.249  5.482   10.875  1.000 29.628 0 9   ALA AAA CB  1 ? 
ATOM   71   N  N   . ALA A 1 10  ? -5.640  2.688   12.394  1.000 30.458 0 10  ALA AAA N   1 ? 
ATOM   72   C  CA  . ALA A 1 10  ? -5.481  1.790   13.565  1.000 28.990 0 10  ALA AAA CA  1 ? 
ATOM   73   C  C   . ALA A 1 10  ? -4.824  0.477   13.139  1.000 31.618 0 10  ALA AAA C   1 ? 
ATOM   74   O  O   . ALA A 1 10  ? -3.906  0.011   13.835  1.000 29.613 0 10  ALA AAA O   1 ? 
ATOM   75   C  CB  . ALA A 1 10  ? -6.811  1.510   14.231  1.000 32.456 0 10  ALA AAA CB  1 ? 
ATOM   76   N  N   . ALA A 1 11  ? -5.320  -0.129  12.056  1.000 32.462 0 11  ALA AAA N   1 ? 
ATOM   77   C  CA  . ALA A 1 11  ? -4.842  -1.422  11.532  1.000 30.892 0 11  ALA AAA CA  1 ? 
ATOM   78   C  C   . ALA A 1 11  ? -3.397  -1.263  11.052  1.000 31.880 0 11  ALA AAA C   1 ? 
ATOM   79   O  O   . ALA A 1 11  ? -2.548  -2.100  11.429  1.000 28.953 0 11  ALA AAA O   1 ? 
ATOM   80   C  CB  . ALA A 1 11  ? -5.773  -1.903  10.435  1.000 34.775 0 11  ALA AAA CB  1 ? 
ATOM   81   N  N   . MET A 1 12  ? -3.106  -0.169  10.334  1.000 31.185 0 12  MET AAA N   1 ? 
ATOM   82   C  CA  . MET A 1 12  ? -1.712  0.175   9.921   1.000 32.619 0 12  MET AAA CA  1 ? 
ATOM   83   C  C   . MET A 1 12  ? -0.798  0.336   11.145  1.000 31.667 0 12  MET AAA C   1 ? 
ATOM   84   O  O   . MET A 1 12  ? 0.330   -0.207  11.124  1.000 32.011 0 12  MET AAA O   1 ? 
ATOM   85   C  CB  . MET A 1 12  ? -1.714  1.450   9.074   1.000 29.966 0 12  MET AAA CB  1 ? 
ATOM   86   C  CG  . MET A 1 12  ? -2.213  1.166   7.678   1.000 31.265 0 12  MET AAA CG  1 ? 
ATOM   87   S  SD  . MET A 1 12  ? -2.266  2.628   6.636   1.000 31.538 0 12  MET AAA SD  1 ? 
ATOM   88   C  CE  . MET A 1 12  ? -2.285  1.864   5.006   1.000 30.872 0 12  MET AAA CE  1 ? 
ATOM   89   N  N   . LYS A 1 13  ? -1.251  1.049   12.176  1.000 31.488 0 13  LYS AAA N   1 ? 
ATOM   90   C  CA  . LYS A 1 13  ? -0.461  1.299   13.419  1.000 32.830 0 13  LYS AAA CA  1 ? 
ATOM   91   C  C   . LYS A 1 13  ? -0.154  -0.048  14.078  1.000 35.606 0 13  LYS AAA C   1 ? 
ATOM   92   O  O   . LYS A 1 13  ? 1.049   -0.360  14.315  1.000 35.169 0 13  LYS AAA O   1 ? 
ATOM   93   C  CB  . LYS A 1 13  ? -1.215  2.236   14.370  1.000 39.556 0 13  LYS AAA CB  1 ? 
ATOM   94   C  CG  . LYS A 1 13  ? -0.387  2.792   15.523  1.000 43.309 0 13  LYS AAA CG  1 ? 
ATOM   95   C  CD  . LYS A 1 13  ? -1.168  3.744   16.397  1.000 46.066 0 13  LYS AAA CD  1 ? 
ATOM   96   C  CE  . LYS A 1 13  ? -0.331  4.831   17.043  1.000 50.025 0 13  LYS AAA CE  1 ? 
ATOM   97   N  NZ  . LYS A 1 13  ? -0.026  4.521   18.458  1.000 51.205 0 13  LYS AAA NZ  1 ? 
ATOM   98   N  N   . ARG A 1 14  ? -1.188  -0.853  14.316  1.000 35.904 0 14  ARG AAA N   1 ? 
ATOM   99   C  CA  . ARG A 1 14  ? -1.048  -2.180  14.969  1.000 38.932 0 14  ARG AAA CA  1 ? 
ATOM   100  C  C   . ARG A 1 14  ? 0.001   -3.051  14.258  1.000 37.974 0 14  ARG AAA C   1 ? 
ATOM   101  O  O   . ARG A 1 14  ? 0.686   -3.809  14.949  1.000 41.557 0 14  ARG AAA O   1 ? 
ATOM   102  C  CB  . ARG A 1 14  ? -2.385  -2.917  14.985  1.000 41.706 0 14  ARG AAA CB  1 ? 
ATOM   103  C  CG  . ARG A 1 14  ? -2.542  -3.815  16.203  1.000 46.910 0 14  ARG AAA CG  1 ? 
ATOM   104  C  CD  . ARG A 1 14  ? -2.893  -5.221  15.808  1.000 50.625 0 14  ARG AAA CD  1 ? 
ATOM   105  N  NE  . ARG A 1 14  ? -3.990  -5.267  14.856  1.000 53.825 0 14  ARG AAA NE  1 ? 
ATOM   106  C  CZ  . ARG A 1 14  ? -4.257  -6.304  14.068  1.000 52.732 0 14  ARG AAA CZ  1 ? 
ATOM   107  N  NH1 . ARG A 1 14  ? -3.500  -7.391  14.104  1.000 50.240 0 14  ARG AAA NH1 1 ? 
ATOM   108  N  NH2 . ARG A 1 14  ? -5.285  -6.237  13.241  1.000 53.026 0 14  ARG AAA NH2 1 ? 
ATOM   109  N  N   . HIS A 1 15  ? 0.128   -2.933  12.930  1.000 43.375 0 15  HIS AAA N   1 ? 
ATOM   110  C  CA  . HIS A 1 15  ? 0.980   -3.795  12.061  1.000 38.708 0 15  HIS AAA CA  1 ? 
ATOM   111  C  C   . HIS A 1 15  ? 2.372   -3.159  11.864  1.000 42.250 0 15  HIS AAA C   1 ? 
ATOM   112  O  O   . HIS A 1 15  ? 3.244   -3.790  11.203  1.000 44.130 0 15  HIS AAA O   1 ? 
ATOM   113  C  CB  . HIS A 1 15  ? 0.249   -4.085  10.732  1.000 39.251 0 15  HIS AAA CB  1 ? 
ATOM   114  C  CG  . HIS A 1 15  ? -0.811  -5.141  10.806  1.000 38.018 0 15  HIS AAA CG  1 ? 
ATOM   115  N  ND1 . HIS A 1 15  ? -2.162  -4.865  10.636  1.000 40.765 0 15  HIS AAA ND1 1 ? 
ATOM   116  C  CD2 . HIS A 1 15  ? -0.730  -6.475  11.005  1.000 40.637 0 15  HIS AAA CD2 1 ? 
ATOM   117  C  CE1 . HIS A 1 15  ? -2.857  -5.985  10.717  1.000 36.845 0 15  HIS AAA CE1 1 ? 
ATOM   118  N  NE2 . HIS A 1 15  ? -1.999  -6.984  10.946  1.000 43.307 0 15  HIS AAA NE2 1 ? 
ATOM   119  N  N   . GLY A 1 16  ? 2.614   -1.986  12.451  1.000 39.133 0 16  GLY AAA N   1 ? 
ATOM   120  C  CA  . GLY A 1 16  ? 3.969   -1.415  12.597  1.000 39.320 0 16  GLY AAA CA  1 ? 
ATOM   121  C  C   . GLY A 1 16  ? 4.355   -0.478  11.466  1.000 36.619 0 16  GLY AAA C   1 ? 
ATOM   122  O  O   . GLY A 1 16  ? 5.562   -0.273  11.291  1.000 37.595 0 16  GLY AAA O   1 ? 
ATOM   123  N  N   . LEU A 1 17  ? 3.379   0.129   10.776  1.000 36.406 0 17  LEU AAA N   1 ? 
ATOM   124  C  CA  . LEU A 1 17  ? 3.640   1.124   9.694   1.000 37.868 0 17  LEU AAA CA  1 ? 
ATOM   125  C  C   . LEU A 1 17  ? 3.937   2.520   10.255  1.000 38.805 0 17  LEU AAA C   1 ? 
ATOM   126  O  O   . LEU A 1 17  ? 4.643   3.294   9.557   1.000 38.058 0 17  LEU AAA O   1 ? 
ATOM   127  C  CB  . LEU A 1 17  ? 2.455   1.165   8.724   1.000 37.826 0 17  LEU AAA CB  1 ? 
ATOM   128  C  CG  . LEU A 1 17  ? 2.471   0.103   7.629   1.000 36.391 0 17  LEU AAA CG  1 ? 
ATOM   129  C  CD1 . LEU A 1 17  ? 1.517   0.474   6.497   1.000 36.564 0 17  LEU AAA CD1 1 ? 
ATOM   130  C  CD2 . LEU A 1 17  ? 3.873   -0.116  7.083   1.000 37.553 0 17  LEU AAA CD2 1 ? 
ATOM   131  N  N   . ASP A 1 18  ? 3.415   2.870   11.437  1.000 44.875 0 18  ASP AAA N   1 ? 
ATOM   132  C  CA  . ASP A 1 18  ? 3.650   4.206   12.054  1.000 49.917 0 18  ASP AAA CA  1 ? 
ATOM   133  C  C   . ASP A 1 18  ? 5.159   4.396   12.226  1.000 47.828 0 18  ASP AAA C   1 ? 
ATOM   134  O  O   . ASP A 1 18  ? 5.774   3.599   12.970  1.000 45.693 0 18  ASP AAA O   1 ? 
ATOM   135  C  CB  . ASP A 1 18  ? 2.923   4.387   13.390  1.000 54.419 0 18  ASP AAA CB  1 ? 
ATOM   136  C  CG  . ASP A 1 18  ? 2.916   5.810   13.953  1.000 63.659 0 18  ASP AAA CG  1 ? 
ATOM   137  O  OD1 . ASP A 1 18  ? 2.933   6.778   13.145  1.000 66.904 0 18  ASP AAA OD1 1 ? 
ATOM   138  O  OD2 . ASP A 1 18  ? 2.873   5.952   15.213  1.000 69.561 0 18  ASP AAA OD2 1 ? 
ATOM   139  N  N   . ASN A 1 19  ? 5.724   5.373   11.507  1.000 44.339 0 19  ASN AAA N   1 ? 
ATOM   140  C  CA  . ASN A 1 19  ? 7.152   5.781   11.574  1.000 42.479 0 19  ASN AAA CA  1 ? 
ATOM   141  C  C   . ASN A 1 19  ? 8.049   4.673   11.005  1.000 36.759 0 19  ASN AAA C   1 ? 
ATOM   142  O  O   . ASN A 1 19  ? 9.270   4.734   11.240  1.000 36.663 0 19  ASN AAA O   1 ? 
ATOM   143  C  CB  . ASN A 1 19  ? 7.534   6.173   13.009  1.000 46.982 0 19  ASN AAA CB  1 ? 
ATOM   144  C  CG  . ASN A 1 19  ? 6.486   7.043   13.683  1.000 49.873 0 19  ASN AAA CG  1 ? 
ATOM   145  O  OD1 . ASN A 1 19  ? 6.209   8.153   13.235  1.000 51.811 0 19  ASN AAA OD1 1 ? 
ATOM   146  N  ND2 . ASN A 1 19  ? 5.883   6.552   14.758  1.000 50.459 0 19  ASN AAA ND2 1 ? 
ATOM   147  N  N   . TYR A 1 20  ? 7.501   3.725   10.238  1.000 35.950 0 20  TYR AAA N   1 ? 
ATOM   148  C  CA  . TYR A 1 20  ? 8.301   2.670   9.560   1.000 32.520 0 20  TYR AAA CA  1 ? 
ATOM   149  C  C   . TYR A 1 20  ? 9.185   3.327   8.489   1.000 33.962 0 20  TYR AAA C   1 ? 
ATOM   150  O  O   . TYR A 1 20  ? 8.625   4.024   7.617   1.000 32.321 0 20  TYR AAA O   1 ? 
ATOM   151  C  CB  . TYR A 1 20  ? 7.424   1.590   8.918   1.000 31.883 0 20  TYR AAA CB  1 ? 
ATOM   152  C  CG  . TYR A 1 20  ? 8.246   0.403   8.491   1.000 31.417 0 20  TYR AAA CG  1 ? 
ATOM   153  C  CD1 . TYR A 1 20  ? 8.620   -0.573  9.407   1.000 32.769 0 20  TYR AAA CD1 1 ? 
ATOM   154  C  CD2 . TYR A 1 20  ? 8.694   0.273   7.188   1.000 31.050 0 20  TYR AAA CD2 1 ? 
ATOM   155  C  CE1 . TYR A 1 20  ? 9.433   -1.635  9.035   1.000 35.115 0 20  TYR AAA CE1 1 ? 
ATOM   156  C  CE2 . TYR A 1 20  ? 9.499   -0.786  6.797   1.000 31.493 0 20  TYR AAA CE2 1 ? 
ATOM   157  C  CZ  . TYR A 1 20  ? 9.856   -1.755  7.722   1.000 33.725 0 20  TYR AAA CZ  1 ? 
ATOM   158  O  OH  . TYR A 1 20  ? 10.672  -2.786  7.347   1.000 35.944 0 20  TYR AAA OH  1 ? 
ATOM   159  N  N   . ARG A 1 21  ? 10.504  3.078   8.540   1.000 37.121 0 21  ARG AAA N   1 ? 
ATOM   160  C  CA  . ARG A 1 21  ? 11.586  3.734   7.738   1.000 38.492 0 21  ARG AAA CA  1 ? 
ATOM   161  C  C   . ARG A 1 21  ? 11.363  5.251   7.630   1.000 38.726 0 21  ARG AAA C   1 ? 
ATOM   162  O  O   . ARG A 1 21  ? 11.740  5.852   6.598   1.000 36.427 0 21  ARG AAA O   1 ? 
ATOM   163  C  CB  . ARG A 1 21  ? 11.780  3.035   6.386   1.000 42.806 0 21  ARG AAA CB  1 ? 
ATOM   164  C  CG  . ARG A 1 21  ? 13.051  2.188   6.323   1.000 47.948 0 21  ARG AAA CG  1 ? 
ATOM   165  C  CD  . ARG A 1 21  ? 13.479  1.803   4.916   1.000 52.081 0 21  ARG AAA CD  1 ? 
ATOM   166  N  NE  . ARG A 1 21  ? 14.847  1.284   4.781   1.000 54.521 0 21  ARG AAA NE  1 ? 
ATOM   167  C  CZ  . ARG A 1 21  ? 15.258  0.069   5.154   1.000 59.661 0 21  ARG AAA CZ  1 ? 
ATOM   168  N  NH1 . ARG A 1 21  ? 14.416  -0.786  5.716   1.000 61.596 0 21  ARG AAA NH1 1 ? 
ATOM   169  N  NH2 . ARG A 1 21  ? 16.522  -0.288  4.962   1.000 59.245 0 21  ARG AAA NH2 1 ? 
ATOM   170  N  N   . GLY A 1 22  ? 10.807  5.862   8.677   1.000 36.696 0 22  GLY AAA N   1 ? 
ATOM   171  C  CA  . GLY A 1 22  ? 10.762  7.324   8.858   1.000 36.579 0 22  GLY AAA CA  1 ? 
ATOM   172  C  C   . GLY A 1 22  ? 9.457   7.943   8.388   1.000 34.266 0 22  GLY AAA C   1 ? 
ATOM   173  O  O   . GLY A 1 22  ? 9.366   9.192   8.417   1.000 35.401 0 22  GLY AAA O   1 ? 
ATOM   174  N  N   . TYR A 1 23  ? 8.488   7.123   7.962   1.000 30.855 0 23  TYR AAA N   1 ? 
ATOM   175  C  CA  . TYR A 1 23  ? 7.199   7.582   7.372   1.000 30.134 0 23  TYR AAA CA  1 ? 
ATOM   176  C  C   . TYR A 1 23  ? 6.097   7.493   8.419   1.000 29.103 0 23  TYR AAA C   1 ? 
ATOM   177  O  O   . TYR A 1 23  ? 5.668   6.346   8.786   1.000 25.910 0 23  TYR AAA O   1 ? 
ATOM   178  C  CB  . TYR A 1 23  ? 6.865   6.788   6.099   1.000 27.420 0 23  TYR AAA CB  1 ? 
ATOM   179  C  CG  . TYR A 1 23  ? 7.823   7.025   4.971   1.000 24.261 0 23  TYR AAA CG  1 ? 
ATOM   180  C  CD1 . TYR A 1 23  ? 7.681   8.123   4.129   1.000 24.231 0 23  TYR AAA CD1 1 ? 
ATOM   181  C  CD2 . TYR A 1 23  ? 8.940   6.217   4.799   1.000 23.106 0 23  TYR AAA CD2 1 ? 
ATOM   182  C  CE1 . TYR A 1 23  ? 8.562   8.359   3.089   1.000 24.655 0 23  TYR AAA CE1 1 ? 
ATOM   183  C  CE2 . TYR A 1 23  ? 9.851   6.462   3.783   1.000 24.751 0 23  TYR AAA CE2 1 ? 
ATOM   184  C  CZ  . TYR A 1 23  ? 9.669   7.546   2.937   1.000 24.689 0 23  TYR AAA CZ  1 ? 
ATOM   185  O  OH  . TYR A 1 23  ? 10.532  7.783   1.918   1.000 26.734 0 23  TYR AAA OH  1 ? 
ATOM   186  N  N   . SER A 1 24  ? 5.620   8.658   8.861   1.000 31.585 0 24  SER AAA N   1 ? 
ATOM   187  C  CA  . SER A 1 24  ? 4.465   8.791   9.798   1.000 33.322 0 24  SER AAA CA  1 ? 
ATOM   188  C  C   . SER A 1 24  ? 3.210   8.128   9.223   1.000 33.517 0 24  SER AAA C   1 ? 
ATOM   189  O  O   . SER A 1 24  ? 3.032   8.106   7.964   1.000 27.384 0 24  SER AAA O   1 ? 
ATOM   190  C  CB  . SER A 1 24  ? 4.187   10.210  10.136  1.000 31.948 0 24  SER AAA CB  1 ? 
ATOM   191  O  OG  . SER A 1 24  ? 3.755   10.906  8.988   1.000 35.421 0 24  SER AAA OG  1 ? 
ATOM   192  N  N   . LEU A 1 25  ? 2.326   7.694   10.121  1.000 30.723 0 25  LEU AAA N   1 ? 
ATOM   193  C  CA  . LEU A 1 25  ? 1.037   7.028   9.789   1.000 30.830 0 25  LEU AAA CA  1 ? 
ATOM   194  C  C   . LEU A 1 25  ? 0.258   7.789   8.719   1.000 28.901 0 25  LEU AAA C   1 ? 
ATOM   195  O  O   . LEU A 1 25  ? -0.463  7.135   7.941   1.000 26.870 0 25  LEU AAA O   1 ? 
ATOM   196  C  CB  . LEU A 1 25  ? 0.179   6.947   11.052  1.000 33.470 0 25  LEU AAA CB  1 ? 
ATOM   197  C  CG  . LEU A 1 25  ? -0.857  5.829   11.085  1.000 31.875 0 25  LEU AAA CG  1 ? 
ATOM   198  C  CD1 . LEU A 1 25  ? -0.281  4.513   10.558  1.000 30.565 0 25  LEU AAA CD1 1 ? 
ATOM   199  C  CD2 . LEU A 1 25  ? -1.359  5.657   12.512  1.000 33.255 0 25  LEU AAA CD2 1 ? 
ATOM   200  N  N   . GLY A 1 26  ? 0.316   9.120   8.730   1.000 27.170 0 26  GLY AAA N   1 ? 
ATOM   201  C  CA  . GLY A 1 26  ? -0.454  9.966   7.799   1.000 26.701 0 26  GLY AAA CA  1 ? 
ATOM   202  C  C   . GLY A 1 26  ? -0.038  9.763   6.353   1.000 24.934 0 26  GLY AAA C   1 ? 
ATOM   203  O  O   . GLY A 1 26  ? -0.913  9.836   5.469   1.000 24.504 0 26  GLY AAA O   1 ? 
ATOM   204  N  N   . ASN A 1 27  ? 1.243   9.450   6.131   1.000 27.798 0 27  ASN AAA N   1 ? 
ATOM   205  C  CA  . ASN A 1 27  ? 1.840   9.124   4.806   1.000 24.883 0 27  ASN AAA CA  1 ? 
ATOM   206  C  C   . ASN A 1 27  ? 1.252   7.828   4.249   1.000 22.967 0 27  ASN AAA C   1 ? 
ATOM   207  O  O   . ASN A 1 27  ? 0.838   7.831   3.093   1.000 22.912 0 27  ASN AAA O   1 ? 
ATOM   208  C  CB  . ASN A 1 27  ? 3.349   9.040   4.884   1.000 26.194 0 27  ASN AAA CB  1 ? 
ATOM   209  C  CG  . ASN A 1 27  ? 3.940   10.425  4.998   1.000 24.230 0 27  ASN AAA CG  1 ? 
ATOM   210  O  OD1 . ASN A 1 27  ? 4.008   11.141  4.008   1.000 23.118 0 27  ASN AAA OD1 1 ? 
ATOM   211  N  ND2 . ASN A 1 27  ? 4.385   10.779  6.197   1.000 25.271 0 27  ASN AAA ND2 1 ? 
ATOM   212  N  N   . TRP A 1 28  ? 1.127   6.812   5.085   1.000 21.503 0 28  TRP AAA N   1 ? 
ATOM   213  C  CA  . TRP A 1 28  ? 0.499   5.518   4.718   1.000 22.302 0 28  TRP AAA CA  1 ? 
ATOM   214  C  C   . TRP A 1 28  ? -1.005  5.662   4.433   1.000 24.493 0 28  TRP AAA C   1 ? 
ATOM   215  O  O   . TRP A 1 28  ? -1.483  5.073   3.445   1.000 26.468 0 28  TRP AAA O   1 ? 
ATOM   216  C  CB  . TRP A 1 28  ? 0.803   4.509   5.814   1.000 21.124 0 28  TRP AAA CB  1 ? 
ATOM   217  C  CG  . TRP A 1 28  ? 2.272   4.249   5.949   1.000 22.301 0 28  TRP AAA CG  1 ? 
ATOM   218  C  CD1 . TRP A 1 28  ? 3.084   4.718   6.941   1.000 23.094 0 28  TRP AAA CD1 1 ? 
ATOM   219  C  CD2 . TRP A 1 28  ? 3.116   3.517   5.044   1.000 23.855 0 28  TRP AAA CD2 1 ? 
ATOM   220  N  NE1 . TRP A 1 28  ? 4.373   4.325   6.729   1.000 24.474 0 28  TRP AAA NE1 1 ? 
ATOM   221  C  CE2 . TRP A 1 28  ? 4.416   3.588   5.570   1.000 23.442 0 28  TRP AAA CE2 1 ? 
ATOM   222  C  CE3 . TRP A 1 28  ? 2.887   2.812   3.844   1.000 23.180 0 28  TRP AAA CE3 1 ? 
ATOM   223  C  CZ2 . TRP A 1 28  ? 5.492   2.952   4.951   1.000 26.216 0 28  TRP AAA CZ2 1 ? 
ATOM   224  C  CZ3 . TRP A 1 28  ? 3.958   2.195   3.233   1.000 25.884 0 28  TRP AAA CZ3 1 ? 
ATOM   225  C  CH2 . TRP A 1 28  ? 5.228   2.248   3.797   1.000 25.567 0 28  TRP AAA CH2 1 ? 
ATOM   226  N  N   . VAL A 1 29  ? -1.731  6.442   5.234   1.000 23.875 0 29  VAL AAA N   1 ? 
ATOM   227  C  CA  . VAL A 1 29  ? -3.214  6.586   5.096   1.000 21.923 0 29  VAL AAA CA  1 ? 
ATOM   228  C  C   . VAL A 1 29  ? -3.503  7.391   3.833   1.000 21.930 0 29  VAL AAA C   1 ? 
ATOM   229  O  O   . VAL A 1 29  ? -4.377  6.968   3.058   1.000 22.732 0 29  VAL AAA O   1 ? 
ATOM   230  C  CB  . VAL A 1 29  ? -3.815  7.184   6.368   1.000 24.369 0 29  VAL AAA CB  1 ? 
ATOM   231  C  CG1 . VAL A 1 29  ? -5.286  7.524   6.182   1.000 23.305 0 29  VAL AAA CG1 1 ? 
ATOM   232  C  CG2 . VAL A 1 29  ? -3.606  6.244   7.549   1.000 24.723 0 29  VAL AAA CG2 1 ? 
ATOM   233  N  N   . CYS A 1 30  ? -2.725  8.452   3.591   1.000 20.297 0 30  CYS AAA N   1 ? 
ATOM   234  C  CA  . CYS A 1 30  ? -2.825  9.291   2.373   1.000 20.752 0 30  CYS AAA CA  1 ? 
ATOM   235  C  C   . CYS A 1 30  ? -2.600  8.417   1.134   1.000 24.193 0 30  CYS AAA C   1 ? 
ATOM   236  O  O   . CYS A 1 30  ? -3.414  8.488   0.189   1.000 23.150 0 30  CYS AAA O   1 ? 
ATOM   237  C  CB  . CYS A 1 30  ? -1.859  10.469  2.469   1.000 21.234 0 30  CYS AAA CB  1 ? 
ATOM   238  S  SG  . CYS A 1 30  ? -2.010  11.611  1.078   1.000 24.486 0 30  CYS AAA SG  1 ? 
ATOM   239  N  N   . ALA A 1 31  ? -1.553  7.592   1.155   1.000 23.258 0 31  ALA AAA N   1 ? 
ATOM   240  C  CA  . ALA A 1 31  ? -1.199  6.685   0.049   1.000 24.876 0 31  ALA AAA CA  1 ? 
ATOM   241  C  C   . ALA A 1 31  ? -2.387  5.771   -0.232  1.000 22.256 0 31  ALA AAA C   1 ? 
ATOM   242  O  O   . ALA A 1 31  ? -2.845  5.704   -1.370  1.000 20.932 0 31  ALA AAA O   1 ? 
ATOM   243  C  CB  . ALA A 1 31  ? 0.026   5.891   0.395   1.000 23.857 0 31  ALA AAA CB  1 ? 
ATOM   244  N  N   . ALA A 1 32  ? -2.887  5.097   0.797   1.000 22.364 0 32  ALA AAA N   1 ? 
ATOM   245  C  CA  . ALA A 1 32  ? -3.960  4.104   0.623   1.000 25.508 0 32  ALA AAA CA  1 ? 
ATOM   246  C  C   . ALA A 1 32  ? -5.189  4.808   0.049   1.000 27.306 0 32  ALA AAA C   1 ? 
ATOM   247  O  O   . ALA A 1 32  ? -5.809  4.246   -0.857  1.000 25.564 0 32  ALA AAA O   1 ? 
ATOM   248  C  CB  . ALA A 1 32  ? -4.262  3.418   1.929   1.000 24.752 0 32  ALA AAA CB  1 ? 
ATOM   249  N  N   . LYS A 1 33  ? -5.482  6.022   0.526   1.000 28.518 0 33  LYS AAA N   1 ? 
ATOM   250  C  CA  . LYS A 1 33  ? -6.626  6.846   0.076   1.000 26.302 0 33  LYS AAA CA  1 ? 
ATOM   251  C  C   . LYS A 1 33  ? -6.538  7.066   -1.441  1.000 27.652 0 33  LYS AAA C   1 ? 
ATOM   252  O  O   . LYS A 1 33  ? -7.537  6.782   -2.129  1.000 22.017 0 33  LYS AAA O   1 ? 
ATOM   253  C  CB  . LYS A 1 33  ? -6.644  8.201   0.786   1.000 29.583 0 33  LYS AAA CB  1 ? 
ATOM   254  C  CG  . LYS A 1 33  ? -7.681  9.182   0.252   1.000 33.262 0 33  LYS AAA CG  1 ? 
ATOM   255  C  CD  . LYS A 1 33  ? -9.107  8.780   0.532   1.000 36.700 0 33  LYS AAA CD  1 ? 
ATOM   256  C  CE  . LYS A 1 33  ? -10.125 9.745   -0.035  1.000 40.149 0 33  LYS AAA CE  1 ? 
ATOM   257  N  NZ  . LYS A 1 33  ? -10.571 9.339   -1.389  1.000 42.548 0 33  LYS AAA NZ  1 ? 
ATOM   258  N  N   . PHE A 1 34  ? -5.358  7.471   -1.953  1.000 28.294 0 34  PHE AAA N   1 ? 
ATOM   259  C  CA  . PHE A 1 34  ? -5.195  7.889   -3.375  1.000 28.279 0 34  PHE AAA CA  1 ? 
ATOM   260  C  C   . PHE A 1 34  ? -4.847  6.700   -4.270  1.000 29.199 0 34  PHE AAA C   1 ? 
ATOM   261  O  O   . PHE A 1 34  ? -5.105  6.794   -5.471  1.000 33.005 0 34  PHE AAA O   1 ? 
ATOM   262  C  CB  . PHE A 1 34  ? -4.208  9.047   -3.494  1.000 27.982 0 34  PHE AAA CB  1 ? 
ATOM   263  C  CG  . PHE A 1 34  ? -4.801  10.312  -2.933  1.000 26.986 0 34  PHE AAA CG  1 ? 
ATOM   264  C  CD1 . PHE A 1 34  ? -6.031  10.757  -3.390  1.000 26.348 0 34  PHE AAA CD1 1 ? 
ATOM   265  C  CD2 . PHE A 1 34  ? -4.156  11.027  -1.936  1.000 27.928 0 34  PHE AAA CD2 1 ? 
ATOM   266  C  CE1 . PHE A 1 34  ? -6.603  11.915  -2.878  1.000 28.270 0 34  PHE AAA CE1 1 ? 
ATOM   267  C  CE2 . PHE A 1 34  ? -4.726  12.194  -1.432  1.000 31.206 0 34  PHE AAA CE2 1 ? 
ATOM   268  C  CZ  . PHE A 1 34  ? -5.959  12.620  -1.883  1.000 28.223 0 34  PHE AAA CZ  1 ? 
ATOM   269  N  N   . GLU A 1 35  ? -4.316  5.628   -3.705  1.000 27.124 0 35  GLU AAA N   1 ? 
ATOM   270  C  CA  . GLU A 1 35  ? -4.068  4.375   -4.466  1.000 29.335 0 35  GLU AAA CA  1 ? 
ATOM   271  C  C   . GLU A 1 35  ? -5.396  3.613   -4.644  1.000 29.324 0 35  GLU AAA C   1 ? 
ATOM   272  O  O   . GLU A 1 35  ? -5.669  3.204   -5.773  1.000 29.568 0 35  GLU AAA O   1 ? 
ATOM   273  C  CB  . GLU A 1 35  ? -2.988  3.526   -3.793  1.000 27.449 0 35  GLU AAA CB  1 ? 
ATOM   274  C  CG  . GLU A 1 35  ? -1.588  4.103   -3.871  1.000 29.378 0 35  GLU AAA CG  1 ? 
ATOM   275  C  CD  . GLU A 1 35  ? -0.906  4.113   -5.234  1.000 30.172 0 35  GLU AAA CD  1 ? 
ATOM   276  O  OE1 . GLU A 1 35  ? -1.539  3.695   -6.231  1.000 29.668 0 35  GLU AAA OE1 1 ? 
ATOM   277  O  OE2 . GLU A 1 35  ? 0.240   4.596   -5.304  1.000 31.712 0 35  GLU AAA OE2 1 ? 
ATOM   278  N  N   . SER A 1 36  ? -6.199  3.406   -3.592  1.000 26.667 0 36  SER AAA N   1 ? 
ATOM   279  C  CA  . SER A 1 36  ? -7.319  2.421   -3.627  1.000 26.551 0 36  SER AAA CA  1 ? 
ATOM   280  C  C   . SER A 1 36  ? -8.657  2.993   -3.136  1.000 28.571 0 36  SER AAA C   1 ? 
ATOM   281  O  O   . SER A 1 36  ? -9.675  2.237   -3.169  1.000 27.259 0 36  SER AAA O   1 ? 
ATOM   282  C  CB  . SER A 1 36  ? -6.950  1.251   -2.814  1.000 25.057 0 36  SER AAA CB  1 ? 
ATOM   283  O  OG  . SER A 1 36  ? -6.735  1.614   -1.458  1.000 23.792 0 36  SER AAA OG  1 ? 
ATOM   284  N  N   . ASN A 1 37  ? -8.659  4.225   -2.627  1.000 27.439 0 37  ASN AAA N   1 ? 
ATOM   285  C  CA  . ASN A 1 37  ? -9.829  4.761   -1.886  1.000 31.988 0 37  ASN AAA CA  1 ? 
ATOM   286  C  C   . ASN A 1 37  ? -10.168 3.787   -0.745  1.000 28.197 0 37  ASN AAA C   1 ? 
ATOM   287  O  O   . ASN A 1 37  ? -11.351 3.611   -0.479  1.000 28.441 0 37  ASN AAA O   1 ? 
ATOM   288  C  CB  . ASN A 1 37  ? -11.000 4.995   -2.848  1.000 34.030 0 37  ASN AAA CB  1 ? 
ATOM   289  C  CG  . ASN A 1 37  ? -12.051 5.936   -2.305  1.000 40.053 0 37  ASN AAA CG  1 ? 
ATOM   290  O  OD1 . ASN A 1 37  ? -11.747 6.858   -1.552  1.000 41.145 0 37  ASN AAA OD1 1 ? 
ATOM   291  N  ND2 . ASN A 1 37  ? -13.295 5.715   -2.690  1.000 44.512 0 37  ASN AAA ND2 1 ? 
ATOM   292  N  N   . PHE A 1 38  ? -9.161  3.147   -0.142  1.000 25.830 0 38  PHE AAA N   1 ? 
ATOM   293  C  CA  . PHE A 1 38  ? -9.249  2.359   1.121   1.000 24.166 0 38  PHE AAA CA  1 ? 
ATOM   294  C  C   . PHE A 1 38  ? -9.977  1.024   0.863   1.000 22.797 0 38  PHE AAA C   1 ? 
ATOM   295  O  O   . PHE A 1 38  ? -10.436 0.403   1.814   1.000 25.801 0 38  PHE AAA O   1 ? 
ATOM   296  C  CB  . PHE A 1 38  ? -10.013 3.133   2.205   1.000 25.325 0 38  PHE AAA CB  1 ? 
ATOM   297  C  CG  . PHE A 1 38  ? -9.434  4.445   2.702   1.000 26.261 0 38  PHE AAA CG  1 ? 
ATOM   298  C  CD1 . PHE A 1 38  ? -8.068  4.640   2.835   1.000 24.687 0 38  PHE AAA CD1 1 ? 
ATOM   299  C  CD2 . PHE A 1 38  ? -10.286 5.442   3.162   1.000 26.230 0 38  PHE AAA CD2 1 ? 
ATOM   300  C  CE1 . PHE A 1 38  ? -7.562  5.825   3.361   1.000 26.090 0 38  PHE AAA CE1 1 ? 
ATOM   301  C  CE2 . PHE A 1 38  ? -9.779  6.620   3.706   1.000 27.907 0 38  PHE AAA CE2 1 ? 
ATOM   302  C  CZ  . PHE A 1 38  ? -8.421  6.813   3.792   1.000 27.293 0 38  PHE AAA CZ  1 ? 
ATOM   303  N  N   . ASN A 1 39  ? -10.045 0.602   -0.403  1.000 22.723 0 39  ASN AAA N   1 ? 
ATOM   304  C  CA  . ASN A 1 39  ? -10.690 -0.656  -0.872  1.000 21.045 0 39  ASN AAA CA  1 ? 
ATOM   305  C  C   . ASN A 1 39  ? -9.619  -1.754  -1.036  1.000 23.159 0 39  ASN AAA C   1 ? 
ATOM   306  O  O   . ASN A 1 39  ? -8.849  -1.651  -1.997  1.000 24.934 0 39  ASN AAA O   1 ? 
ATOM   307  C  CB  . ASN A 1 39  ? -11.386 -0.366  -2.193  1.000 19.443 0 39  ASN AAA CB  1 ? 
ATOM   308  C  CG  . ASN A 1 39  ? -12.239 -1.522  -2.663  1.000 18.741 0 39  ASN AAA CG  1 ? 
ATOM   309  O  OD1 . ASN A 1 39  ? -12.341 -2.545  -1.983  1.000 22.833 0 39  ASN AAA OD1 1 ? 
ATOM   310  N  ND2 . ASN A 1 39  ? -12.816 -1.364  -3.835  1.000 22.924 0 39  ASN AAA ND2 1 ? 
ATOM   311  N  N   . THR A 1 40  ? -9.599  -2.773  -0.160  1.000 22.565 0 40  THR AAA N   1 ? 
ATOM   312  C  CA  . THR A 1 40  ? -8.667  -3.941  -0.238  1.000 25.911 0 40  THR AAA CA  1 ? 
ATOM   313  C  C   . THR A 1 40  ? -8.804  -4.658  -1.593  1.000 22.329 0 40  THR AAA C   1 ? 
ATOM   314  O  O   . THR A 1 40  ? -7.832  -5.251  -2.029  1.000 25.210 0 40  THR AAA O   1 ? 
ATOM   315  C  CB  . THR A 1 40  ? -8.884  -4.964  0.877   1.000 27.058 0 40  THR AAA CB  1 ? 
ATOM   316  O  OG1 . THR A 1 40  ? -10.191 -5.527  0.701   1.000 31.047 0 40  THR AAA OG1 1 ? 
ATOM   317  C  CG2 . THR A 1 40  ? -8.719  -4.370  2.265   1.000 30.234 0 40  THR AAA CG2 1 ? 
ATOM   318  N  N   . GLN A 1 41  ? -9.961  -4.602  -2.227  1.000 25.838 0 41  GLN AAA N   1 ? 
ATOM   319  C  CA  . GLN A 1 41  ? -10.261 -5.354  -3.489  1.000 27.507 0 41  GLN AAA CA  1 ? 
ATOM   320  C  C   . GLN A 1 41  ? -9.840  -4.588  -4.752  1.000 24.674 0 41  GLN AAA C   1 ? 
ATOM   321  O  O   . GLN A 1 41  ? -10.177 -5.043  -5.865  1.000 24.727 0 41  GLN AAA O   1 ? 
ATOM   322  C  CB  . GLN A 1 41  ? -11.757 -5.665  -3.526  1.000 28.675 0 41  GLN AAA CB  1 ? 
ATOM   323  C  CG  . GLN A 1 41  ? -12.198 -6.558  -2.383  1.000 29.858 0 41  GLN AAA CG  1 ? 
ATOM   324  C  CD  . GLN A 1 41  ? -13.458 -7.305  -2.745  1.000 30.544 0 41  GLN AAA CD  1 ? 
ATOM   325  O  OE1 . GLN A 1 41  ? -13.422 -8.292  -3.491  1.000 30.938 0 41  GLN AAA OE1 1 ? 
ATOM   326  N  NE2 . GLN A 1 41  ? -14.589 -6.803  -2.263  1.000 28.334 0 41  GLN AAA NE2 1 ? 
ATOM   327  N  N   . ALA A 1 42  ? -9.190  -3.433  -4.638  1.000 23.909 0 42  ALA AAA N   1 ? 
ATOM   328  C  CA  . ALA A 1 42  ? -8.913  -2.584  -5.816  1.000 21.469 0 42  ALA AAA CA  1 ? 
ATOM   329  C  C   . ALA A 1 42  ? -7.859  -3.278  -6.694  1.000 20.977 0 42  ALA AAA C   1 ? 
ATOM   330  O  O   . ALA A 1 42  ? -6.841  -3.782  -6.163  1.000 22.661 0 42  ALA AAA O   1 ? 
ATOM   331  C  CB  . ALA A 1 42  ? -8.429  -1.229  -5.400  1.000 22.952 0 42  ALA AAA CB  1 ? 
ATOM   332  N  N   . THR A 1 43  ? -8.100  -3.308  -8.005  1.000 23.562 0 43  THR AAA N   1 ? 
ATOM   333  C  CA  . THR A 1 43  ? -7.125  -3.809  -9.008  1.000 23.699 0 43  THR AAA CA  1 ? 
ATOM   334  C  C   . THR A 1 43  ? -7.069  -2.792  -10.157 1.000 26.201 0 43  THR AAA C   1 ? 
ATOM   335  O  O   . THR A 1 43  ? -8.091  -2.185  -10.492 1.000 26.525 0 43  THR AAA O   1 ? 
ATOM   336  C  CB  . THR A 1 43  ? -7.445  -5.221  -9.530  1.000 25.108 0 43  THR AAA CB  1 ? 
ATOM   337  O  OG1 . THR A 1 43  ? -8.728  -5.118  -10.144 1.000 26.412 0 43  THR AAA OG1 1 ? 
ATOM   338  C  CG2 . THR A 1 43  ? -7.432  -6.307  -8.470  1.000 26.586 0 43  THR AAA CG2 1 ? 
ATOM   339  N  N   . ASN A 1 44  ? -5.908  -2.623  -10.758 1.000 27.542 0 44  ASN AAA N   1 ? 
ATOM   340  C  CA  . ASN A 1 44  ? -5.672  -1.644  -11.856 1.000 28.929 0 44  ASN AAA CA  1 ? 
ATOM   341  C  C   . ASN A 1 44  ? -4.612  -2.259  -12.772 1.000 25.328 0 44  ASN AAA C   1 ? 
ATOM   342  O  O   . ASN A 1 44  ? -3.512  -2.526  -12.274 1.000 23.926 0 44  ASN AAA O   1 ? 
ATOM   343  C  CB  . ASN A 1 44  ? -5.276  -0.280  -11.276 1.000 29.624 0 44  ASN AAA CB  1 ? 
ATOM   344  C  CG  . ASN A 1 44  ? -6.458  0.431   -10.637 1.000 37.325 0 44  ASN AAA CG  1 ? 
ATOM   345  O  OD1 . ASN A 1 44  ? -6.486  0.671   -9.419  1.000 39.736 0 44  ASN AAA OD1 1 ? 
ATOM   346  N  ND2 . ASN A 1 44  ? -7.451  0.755   -11.451 1.000 37.013 0 44  ASN AAA ND2 1 ? 
ATOM   347  N  N   . ARG A 1 45  ? -4.966  -2.576  -14.025 1.000 26.574 0 45  ARG AAA N   1 ? 
ATOM   348  C  CA  . ARG A 1 45  ? -3.977  -3.151  -14.981 1.000 29.597 0 45  ARG AAA CA  1 ? 
ATOM   349  C  C   . ARG A 1 45  ? -3.098  -2.003  -15.496 1.000 29.957 0 45  ARG AAA C   1 ? 
ATOM   350  O  O   . ARG A 1 45  ? -3.642  -0.931  -15.807 1.000 32.823 0 45  ARG AAA O   1 ? 
ATOM   351  C  CB  . ARG A 1 45  ? -4.647  -3.895  -16.143 1.000 33.715 0 45  ARG AAA CB  1 ? 
ATOM   352  C  CG  . ARG A 1 45  ? -3.659  -4.426  -17.183 1.000 34.942 0 45  ARG AAA CG  1 ? 
ATOM   353  C  CD  . ARG A 1 45  ? -3.150  -5.827  -16.935 1.000 38.965 0 45  ARG AAA CD  1 ? 
ATOM   354  N  NE  . ARG A 1 45  ? -4.060  -6.795  -17.528 1.000 45.155 0 45  ARG AAA NE  1 ? 
ATOM   355  C  CZ  . ARG A 1 45  ? -3.742  -8.001  -18.001 1.000 47.867 0 45  ARG AAA CZ  1 ? 
ATOM   356  N  NH1 . ARG A 1 45  ? -4.707  -8.758  -18.492 1.000 52.120 0 45  ARG AAA NH1 1 ? 
ATOM   357  N  NH2 . ARG A 1 45  ? -2.500  -8.466  -17.983 1.000 43.152 0 45  ARG AAA NH2 1 ? 
ATOM   358  N  N   . ASN A 1 46  ? -1.804  -2.268  -15.682 1.000 33.476 0 46  ASN AAA N   1 ? 
ATOM   359  C  CA  . ASN A 1 46  ? -0.815  -1.304  -16.231 1.000 35.760 0 46  ASN AAA CA  1 ? 
ATOM   360  C  C   . ASN A 1 46  ? -0.521  -1.673  -17.688 1.000 34.132 0 46  ASN AAA C   1 ? 
ATOM   361  O  O   . ASN A 1 46  ? -0.783  -2.825  -18.066 1.000 38.831 0 46  ASN AAA O   1 ? 
ATOM   362  C  CB  . ASN A 1 46  ? 0.414   -1.272  -15.321 1.000 35.854 0 46  ASN AAA CB  1 ? 
ATOM   363  C  CG  . ASN A 1 46  ? -0.004  -1.033  -13.886 1.000 34.213 0 46  ASN AAA CG  1 ? 
ATOM   364  O  OD1 . ASN A 1 46  ? 0.158   -1.886  -13.016 1.000 35.269 0 46  ASN AAA OD1 1 ? 
ATOM   365  N  ND2 . ASN A 1 46  ? -0.625  0.098   -13.652 1.000 38.547 0 46  ASN AAA ND2 1 ? 
ATOM   366  N  N   . THR A 1 47  ? -0.018  -0.720  -18.479 1.000 37.652 0 47  THR AAA N   1 ? 
ATOM   367  C  CA  . THR A 1 47  ? 0.224   -0.878  -19.941 1.000 40.820 0 47  THR AAA CA  1 ? 
ATOM   368  C  C   . THR A 1 47  ? 1.342   -1.916  -20.165 1.000 39.794 0 47  THR AAA C   1 ? 
ATOM   369  O  O   . THR A 1 47  ? 1.300   -2.622  -21.190 1.000 42.274 0 47  THR AAA O   1 ? 
ATOM   370  C  CB  . THR A 1 47  ? 0.438   0.501   -20.585 1.000 43.810 0 47  THR AAA CB  1 ? 
ATOM   371  O  OG1 . THR A 1 47  ? 1.291   1.279   -19.746 1.000 45.361 0 47  THR AAA OG1 1 ? 
ATOM   372  C  CG2 . THR A 1 47  ? -0.863  1.257   -20.778 1.000 45.992 0 47  THR AAA CG2 1 ? 
ATOM   373  N  N   . ASP A 1 48  ? 2.252   -2.084  -19.200 1.000 35.774 0 48  ASP AAA N   1 ? 
ATOM   374  C  CA  . ASP A 1 48  ? 3.322   -3.110  -19.247 1.000 34.484 0 48  ASP AAA CA  1 ? 
ATOM   375  C  C   . ASP A 1 48  ? 2.733   -4.519  -19.036 1.000 34.083 0 48  ASP AAA C   1 ? 
ATOM   376  O  O   . ASP A 1 48  ? 3.512   -5.491  -19.159 1.000 34.057 0 48  ASP AAA O   1 ? 
ATOM   377  C  CB  . ASP A 1 48  ? 4.434   -2.760  -18.254 1.000 37.245 0 48  ASP AAA CB  1 ? 
ATOM   378  C  CG  . ASP A 1 48  ? 4.110   -3.061  -16.801 1.000 36.534 0 48  ASP AAA CG  1 ? 
ATOM   379  O  OD1 . ASP A 1 48  ? 2.922   -3.278  -16.490 1.000 34.551 0 48  ASP AAA OD1 1 ? 
ATOM   380  O  OD2 . ASP A 1 48  ? 5.052   -3.079  -15.995 1.000 39.483 0 48  ASP AAA OD2 1 ? 
ATOM   381  N  N   . GLY A 1 49  ? 1.435   -4.637  -18.705 1.000 29.476 0 49  GLY AAA N   1 ? 
ATOM   382  C  CA  . GLY A 1 49  ? 0.721   -5.920  -18.530 1.000 28.475 0 49  GLY AAA CA  1 ? 
ATOM   383  C  C   . GLY A 1 49  ? 0.776   -6.423  -17.096 1.000 24.419 0 49  GLY AAA C   1 ? 
ATOM   384  O  O   . GLY A 1 49  ? 0.227   -7.533  -16.811 1.000 29.083 0 49  GLY AAA O   1 ? 
ATOM   385  N  N   . SER A 1 50  ? 1.405   -5.654  -16.206 1.000 22.649 0 50  SER AAA N   1 ? 
ATOM   386  C  CA  . SER A 1 50  ? 1.449   -5.962  -14.764 1.000 22.017 0 50  SER AAA CA  1 ? 
ATOM   387  C  C   . SER A 1 50  ? 0.116   -5.440  -14.231 1.000 21.712 0 50  SER AAA C   1 ? 
ATOM   388  O  O   . SER A 1 50  ? -0.586  -4.751  -15.015 1.000 26.691 0 50  SER AAA O   1 ? 
ATOM   389  C  CB  . SER A 1 50  ? 2.587   -5.361  -14.030 1.000 21.607 0 50  SER AAA CB  1 ? 
ATOM   390  O  OG  . SER A 1 50  ? 2.524   -3.953  -14.093 1.000 26.902 0 50  SER AAA OG  1 ? 
ATOM   391  N  N   . THR A 1 51  ? -0.249  -5.844  -13.026 1.000 20.859 0 51  THR AAA N   1 ? 
ATOM   392  C  CA  . THR A 1 51  ? -1.483  -5.341  -12.356 1.000 18.814 0 51  THR AAA CA  1 ? 
ATOM   393  C  C   . THR A 1 51  ? -1.101  -4.840  -10.954 1.000 20.532 0 51  THR AAA C   1 ? 
ATOM   394  O  O   . THR A 1 51  ? -0.268  -5.478  -10.287 1.000 22.279 0 51  THR AAA O   1 ? 
ATOM   395  C  CB  . THR A 1 51  ? -2.570  -6.416  -12.356 1.000 20.882 0 51  THR AAA CB  1 ? 
ATOM   396  O  OG1 . THR A 1 51  ? -2.836  -6.826  -13.702 1.000 24.006 0 51  THR AAA OG1 1 ? 
ATOM   397  C  CG2 . THR A 1 51  ? -3.891  -5.938  -11.764 1.000 19.474 0 51  THR AAA CG2 1 ? 
ATOM   398  N  N   . ASP A 1 52  ? -1.777  -3.791  -10.467 1.000 25.350 0 52  ASP AAA N   1 ? 
ATOM   399  C  CA  . ASP A 1 52  ? -1.646  -3.297  -9.070  1.000 24.915 0 52  ASP AAA CA  1 ? 
ATOM   400  C  C   . ASP A 1 52  ? -2.785  -3.857  -8.222  1.000 24.580 0 52  ASP AAA C   1 ? 
ATOM   401  O  O   . ASP A 1 52  ? -3.931  -3.870  -8.698  1.000 24.806 0 52  ASP AAA O   1 ? 
ATOM   402  C  CB  . ASP A 1 52  ? -1.653  -1.771  -9.002  1.000 26.502 0 52  ASP AAA CB  1 ? 
ATOM   403  C  CG  . ASP A 1 52  ? -0.490  -1.118  -9.719  1.000 30.946 0 52  ASP AAA CG  1 ? 
ATOM   404  O  OD1 . ASP A 1 52  ? 0.579   -1.786  -9.854  1.000 31.672 0 52  ASP AAA OD1 1 ? 
ATOM   405  O  OD2 . ASP A 1 52  ? -0.658  0.040   -10.145 1.000 36.275 0 52  ASP AAA OD2 1 ? 
ATOM   406  N  N   . TYR A 1 53  ? -2.469  -4.318  -7.013  1.000 23.507 0 53  TYR AAA N   1 ? 
ATOM   407  C  CA  . TYR A 1 53  ? -3.411  -5.072  -6.148  1.000 22.481 0 53  TYR AAA CA  1 ? 
ATOM   408  C  C   . TYR A 1 53  ? -3.545  -4.438  -4.761  1.000 23.004 0 53  TYR AAA C   1 ? 
ATOM   409  O  O   . TYR A 1 53  ? -2.537  -4.287  -4.047  1.000 24.463 0 53  TYR AAA O   1 ? 
ATOM   410  C  CB  . TYR A 1 53  ? -2.949  -6.519  -6.013  1.000 23.921 0 53  TYR AAA CB  1 ? 
ATOM   411  C  CG  . TYR A 1 53  ? -2.995  -7.282  -7.305  1.000 23.660 0 53  TYR AAA CG  1 ? 
ATOM   412  C  CD1 . TYR A 1 53  ? -4.147  -7.956  -7.695  1.000 25.321 0 53  TYR AAA CD1 1 ? 
ATOM   413  C  CD2 . TYR A 1 53  ? -1.866  -7.375  -8.117  1.000 25.527 0 53  TYR AAA CD2 1 ? 
ATOM   414  C  CE1 . TYR A 1 53  ? -4.196  -8.663  -8.883  1.000 24.479 0 53  TYR AAA CE1 1 ? 
ATOM   415  C  CE2 . TYR A 1 53  ? -1.908  -8.073  -9.318  1.000 24.973 0 53  TYR AAA CE2 1 ? 
ATOM   416  C  CZ  . TYR A 1 53  ? -3.058  -8.760  -9.676  1.000 25.205 0 53  TYR AAA CZ  1 ? 
ATOM   417  O  OH  . TYR A 1 53  ? -3.120  -9.427  -10.875 1.000 23.238 0 53  TYR AAA OH  1 ? 
ATOM   418  N  N   . GLY A 1 54  ? -4.797  -4.182  -4.375  1.000 24.120 0 54  GLY AAA N   1 ? 
ATOM   419  C  CA  . GLY A 1 54  ? -5.213  -3.966  -2.983  1.000 25.123 0 54  GLY AAA CA  1 ? 
ATOM   420  C  C   . GLY A 1 54  ? -4.949  -2.553  -2.532  1.000 24.814 0 54  GLY AAA C   1 ? 
ATOM   421  O  O   . GLY A 1 54  ? -4.817  -1.662  -3.372  1.000 23.265 0 54  GLY AAA O   1 ? 
ATOM   422  N  N   . ILE A 1 55  ? -4.852  -2.386  -1.223  1.000 30.758 0 55  ILE AAA N   1 ? 
ATOM   423  C  CA  . ILE A 1 55  ? -5.120  -1.083  -0.557  1.000 30.656 0 55  ILE AAA CA  1 ? 
ATOM   424  C  C   . ILE A 1 55  ? -3.944  -0.146  -0.851  1.000 28.509 0 55  ILE AAA C   1 ? 
ATOM   425  O  O   . ILE A 1 55  ? -4.169  1.084   -0.881  1.000 27.312 0 55  ILE AAA O   1 ? 
ATOM   426  C  CB  . ILE A 1 55  ? -5.413  -1.305  0.941   1.000 34.334 0 55  ILE AAA CB  1 ? 
ATOM   427  C  CG1 . ILE A 1 55  ? -6.355  -0.236  1.492   1.000 34.957 0 55  ILE AAA CG1 1 ? 
ATOM   428  C  CG2 . ILE A 1 55  ? -4.133  -1.463  1.742   1.000 35.936 0 55  ILE AAA CG2 1 ? 
ATOM   429  C  CD1 . ILE A 1 55  ? -6.952  -0.594  2.822   1.000 37.363 0 55  ILE AAA CD1 1 ? 
ATOM   430  N  N   . LEU A 1 56  ? -2.758  -0.706  -1.115  1.000 26.467 0 56  LEU AAA N   1 ? 
ATOM   431  C  CA  . LEU A 1 56  ? -1.546  0.071   -1.497  1.000 28.110 0 56  LEU AAA CA  1 ? 
ATOM   432  C  C   . LEU A 1 56  ? -1.090  -0.233  -2.930  1.000 25.707 0 56  LEU AAA C   1 ? 
ATOM   433  O  O   . LEU A 1 56  ? -0.091  0.361   -3.332  1.000 24.194 0 56  LEU AAA O   1 ? 
ATOM   434  C  CB  . LEU A 1 56  ? -0.426  -0.187  -0.483  1.000 28.104 0 56  LEU AAA CB  1 ? 
ATOM   435  C  CG  . LEU A 1 56  ? -0.661  0.448   0.886   1.000 28.022 0 56  LEU AAA CG  1 ? 
ATOM   436  C  CD1 . LEU A 1 56  ? 0.356   -0.071  1.887   1.000 28.577 0 56  LEU AAA CD1 1 ? 
ATOM   437  C  CD2 . LEU A 1 56  ? -0.604  1.964   0.792   1.000 27.324 0 56  LEU AAA CD2 1 ? 
ATOM   438  N  N   . GLN A 1 57  ? -1.881  -0.977  -3.716  1.000 22.946 0 57  GLN AAA N   1 ? 
ATOM   439  C  CA  . GLN A 1 57  ? -1.752  -1.072  -5.186  1.000 21.847 0 57  GLN AAA CA  1 ? 
ATOM   440  C  C   . GLN A 1 57  ? -0.335  -1.565  -5.495  1.000 22.645 0 57  GLN AAA C   1 ? 
ATOM   441  O  O   . GLN A 1 57  ? 0.357   -0.922  -6.265  1.000 21.418 0 57  GLN AAA O   1 ? 
ATOM   442  C  CB  . GLN A 1 57  ? -2.029  0.239   -5.907  1.000 23.712 0 57  GLN AAA CB  1 ? 
ATOM   443  C  CG  . GLN A 1 57  ? -3.513  0.596   -5.975  1.000 22.375 0 57  GLN AAA CG  1 ? 
ATOM   444  C  CD  . GLN A 1 57  ? -4.317  -0.350  -6.832  1.000 22.688 0 57  GLN AAA CD  1 ? 
ATOM   445  O  OE1 . GLN A 1 57  ? -4.401  -0.161  -8.046  1.000 24.989 0 57  GLN AAA OE1 1 ? 
ATOM   446  N  NE2 . GLN A 1 57  ? -4.886  -1.380  -6.211  1.000 22.609 0 57  GLN AAA NE2 1 ? 
ATOM   447  N  N   . ILE A 1 58  ? 0.012   -2.668  -4.876  1.000 22.077 0 58  ILE AAA N   1 ? 
ATOM   448  C  CA  . ILE A 1 58  ? 1.291   -3.406  -5.059  1.000 24.454 0 58  ILE AAA CA  1 ? 
ATOM   449  C  C   . ILE A 1 58  ? 1.291   -4.147  -6.397  1.000 27.081 0 58  ILE AAA C   1 ? 
ATOM   450  O  O   . ILE A 1 58  ? 0.364   -4.923  -6.684  1.000 24.603 0 58  ILE AAA O   1 ? 
ATOM   451  C  CB  . ILE A 1 58  ? 1.514   -4.309  -3.842  1.000 26.229 0 58  ILE AAA CB  1 ? 
ATOM   452  C  CG1 . ILE A 1 58  ? 1.792   -3.424  -2.620  1.000 27.979 0 58  ILE AAA CG1 1 ? 
ATOM   453  C  CG2 . ILE A 1 58  ? 2.618   -5.341  -4.085  1.000 27.851 0 58  ILE AAA CG2 1 ? 
ATOM   454  C  CD1 . ILE A 1 58  ? 1.826   -4.169  -1.314  1.000 28.059 0 58  ILE AAA CD1 1 ? 
ATOM   455  N  N   . ASN A 1 59  ? 2.396   -3.975  -7.116  1.000 27.734 0 59  ASN AAA N   1 ? 
ATOM   456  C  CA  . ASN A 1 59  ? 2.573   -4.322  -8.544  1.000 29.019 0 59  ASN AAA CA  1 ? 
ATOM   457  C  C   . ASN A 1 59  ? 3.047   -5.771  -8.703  1.000 26.587 0 59  ASN AAA C   1 ? 
ATOM   458  O  O   . ASN A 1 59  ? 3.856   -6.226  -7.890  1.000 27.697 0 59  ASN AAA O   1 ? 
ATOM   459  C  CB  . ASN A 1 59  ? 3.598   -3.378  -9.179  1.000 30.684 0 59  ASN AAA CB  1 ? 
ATOM   460  C  CG  . ASN A 1 59  ? 3.567   -3.491  -10.677 1.000 30.696 0 59  ASN AAA CG  1 ? 
ATOM   461  O  OD1 . ASN A 1 59  ? 4.442   -4.100  -11.259 1.000 35.164 0 59  ASN AAA OD1 1 ? 
ATOM   462  N  ND2 . ASN A 1 59  ? 2.546   -2.927  -11.288 1.000 33.384 0 59  ASN AAA ND2 1 ? 
ATOM   463  N  N   . SER A 1 60  ? 2.522   -6.463  -9.715  1.000 26.349 0 60  SER AAA N   1 ? 
ATOM   464  C  CA  . SER A 1 60  ? 2.809   -7.883  -10.012 1.000 25.309 0 60  SER AAA CA  1 ? 
ATOM   465  C  C   . SER A 1 60  ? 4.168   -8.006  -10.728 1.000 26.259 0 60  SER AAA C   1 ? 
ATOM   466  O  O   . SER A 1 60  ? 4.704   -9.121  -10.802 1.000 30.549 0 60  SER AAA O   1 ? 
ATOM   467  C  CB  . SER A 1 60  ? 1.671   -8.518  -10.798 1.000 23.468 0 60  SER AAA CB  1 ? 
ATOM   468  O  OG  . SER A 1 60  ? 1.512   -7.895  -12.058 1.000 23.357 0 60  SER AAA OG  1 ? 
ATOM   469  N  N   . ARG A 1 61  ? 4.751   -6.921  -11.239 1.000 29.908 0 61  ARG AAA N   1 ? 
ATOM   470  C  CA  . ARG A 1 61  ? 6.055   -7.021  -11.958 1.000 36.449 0 61  ARG AAA CA  1 ? 
ATOM   471  C  C   . ARG A 1 61  ? 7.130   -7.510  -10.974 1.000 34.845 0 61  ARG AAA C   1 ? 
ATOM   472  O  O   . ARG A 1 61  ? 7.984   -8.314  -11.391 1.000 39.269 0 61  ARG AAA O   1 ? 
ATOM   473  C  CB  . ARG A 1 61  ? 6.437   -5.670  -12.572 1.000 39.869 0 61  ARG AAA CB  1 ? 
ATOM   474  C  CG  . ARG A 1 61  ? 7.742   -5.673  -13.356 1.000 47.933 0 61  ARG AAA CG  1 ? 
ATOM   475  C  CD  . ARG A 1 61  ? 7.641   -6.478  -14.637 1.000 56.944 0 61  ARG AAA CD  1 ? 
ATOM   476  N  NE  . ARG A 1 61  ? 6.508   -6.067  -15.465 1.000 63.321 0 61  ARG AAA NE  1 ? 
ATOM   477  C  CZ  . ARG A 1 61  ? 5.936   -6.812  -16.410 1.000 64.688 0 61  ARG AAA CZ  1 ? 
ATOM   478  N  NH1 . ARG A 1 61  ? 6.386   -8.029  -16.680 1.000 69.232 0 61  ARG AAA NH1 1 ? 
ATOM   479  N  NH2 . ARG A 1 61  ? 4.906   -6.336  -17.088 1.000 64.480 0 61  ARG AAA NH2 1 ? 
ATOM   480  N  N   . TRP A 1 62  ? 7.110   -7.028  -9.728  1.000 33.862 0 62  TRP AAA N   1 ? 
ATOM   481  C  CA  . TRP A 1 62  ? 8.189   -7.246  -8.728  1.000 35.216 0 62  TRP AAA CA  1 ? 
ATOM   482  C  C   . TRP A 1 62  ? 7.709   -8.009  -7.492  1.000 30.860 0 62  TRP AAA C   1 ? 
ATOM   483  O  O   . TRP A 1 62  ? 8.516   -8.769  -6.958  1.000 32.070 0 62  TRP AAA O   1 ? 
ATOM   484  C  CB  . TRP A 1 62  ? 8.837   -5.908  -8.336  1.000 39.448 0 62  TRP AAA CB  1 ? 
ATOM   485  C  CG  . TRP A 1 62  ? 9.254   -5.079  -9.509  1.000 47.442 0 62  TRP AAA CG  1 ? 
ATOM   486  C  CD1 . TRP A 1 62  ? 8.533   -4.087  -10.107 1.000 49.762 0 62  TRP AAA CD1 1 ? 
ATOM   487  C  CD2 . TRP A 1 62  ? 10.489  -5.177  -10.241 1.000 49.580 0 62  TRP AAA CD2 1 ? 
ATOM   488  N  NE1 . TRP A 1 62  ? 9.234   -3.566  -11.162 1.000 55.724 0 62  TRP AAA NE1 1 ? 
ATOM   489  C  CE2 . TRP A 1 62  ? 10.438  -4.209  -11.267 1.000 52.922 0 62  TRP AAA CE2 1 ? 
ATOM   490  C  CE3 . TRP A 1 62  ? 11.634  -5.971  -10.118 1.000 54.134 0 62  TRP AAA CE3 1 ? 
ATOM   491  C  CZ2 . TRP A 1 62  ? 11.478  -4.031  -12.177 1.000 54.488 0 62  TRP AAA CZ2 1 ? 
ATOM   492  C  CZ3 . TRP A 1 62  ? 12.665  -5.792  -11.012 1.000 57.003 0 62  TRP AAA CZ3 1 ? 
ATOM   493  C  CH2 . TRP A 1 62  ? 12.585  -4.835  -12.027 1.000 59.179 0 62  TRP AAA CH2 1 ? 
ATOM   494  N  N   . TRP A 1 63  ? 6.481   -7.785  -6.991  1.000 30.619 0 63  TRP AAA N   1 ? 
ATOM   495  C  CA  . TRP A 1 63  ? 6.181   -8.003  -5.551  1.000 28.320 0 63  TRP AAA CA  1 ? 
ATOM   496  C  C   . TRP A 1 63  ? 5.307   -9.222  -5.275  1.000 25.599 0 63  TRP AAA C   1 ? 
ATOM   497  O  O   . TRP A 1 63  ? 5.369   -9.739  -4.160  1.000 27.341 0 63  TRP AAA O   1 ? 
ATOM   498  C  CB  . TRP A 1 63  ? 5.572   -6.736  -4.971  1.000 30.540 0 63  TRP AAA CB  1 ? 
ATOM   499  C  CG  . TRP A 1 63  ? 6.472   -5.566  -5.201  1.000 31.010 0 63  TRP AAA CG  1 ? 
ATOM   500  C  CD1 . TRP A 1 63  ? 6.259   -4.523  -6.049  1.000 31.510 0 63  TRP AAA CD1 1 ? 
ATOM   501  C  CD2 . TRP A 1 63  ? 7.781   -5.367  -4.636  1.000 31.018 0 63  TRP AAA CD2 1 ? 
ATOM   502  N  NE1 . TRP A 1 63  ? 7.325   -3.667  -6.022  1.000 35.700 0 63  TRP AAA NE1 1 ? 
ATOM   503  C  CE2 . TRP A 1 63  ? 8.265   -4.144  -5.148  1.000 32.506 0 63  TRP AAA CE2 1 ? 
ATOM   504  C  CE3 . TRP A 1 63  ? 8.557   -6.062  -3.705  1.000 30.170 0 63  TRP AAA CE3 1 ? 
ATOM   505  C  CZ2 . TRP A 1 63  ? 9.505   -3.620  -4.787  1.000 31.888 0 63  TRP AAA CZ2 1 ? 
ATOM   506  C  CZ3 . TRP A 1 63  ? 9.780   -5.541  -3.339  1.000 30.304 0 63  TRP AAA CZ3 1 ? 
ATOM   507  C  CH2 . TRP A 1 63  ? 10.250  -4.348  -3.891  1.000 32.648 0 63  TRP AAA CH2 1 ? 
ATOM   508  N  N   . CYS A 1 64  ? 4.523   -9.682  -6.232  1.000 25.995 0 64  CYS AAA N   1 ? 
ATOM   509  C  CA  . CYS A 1 64  ? 3.548   -10.770 -5.976  1.000 27.073 0 64  CYS AAA CA  1 ? 
ATOM   510  C  C   . CYS A 1 64  ? 3.345   -11.500 -7.286  1.000 26.017 0 64  CYS AAA C   1 ? 
ATOM   511  O  O   . CYS A 1 64  ? 3.625   -10.899 -8.360  1.000 28.841 0 64  CYS AAA O   1 ? 
ATOM   512  C  CB  . CYS A 1 64  ? 2.219   -10.236 -5.429  1.000 26.459 0 64  CYS AAA CB  1 ? 
ATOM   513  S  SG  . CYS A 1 64  ? 1.365   -9.133  -6.586  1.000 29.076 0 64  CYS AAA SG  1 ? 
ATOM   514  N  N   . ASN A 1 65  ? 2.863   -12.731 -7.190  1.000 28.725 0 65  ASN AAA N   1 ? 
ATOM   515  C  CA  . ASN A 1 65  ? 2.628   -13.570 -8.387  1.000 30.459 0 65  ASN AAA CA  1 ? 
ATOM   516  C  C   . ASN A 1 65  ? 1.139   -13.551 -8.700  1.000 26.053 0 65  ASN AAA C   1 ? 
ATOM   517  O  O   . ASN A 1 65  ? 0.343   -13.871 -7.808  1.000 31.457 0 65  ASN AAA O   1 ? 
ATOM   518  C  CB  . ASN A 1 65  ? 3.083   -15.016 -8.237  1.000 32.308 0 65  ASN AAA CB  1 ? 
ATOM   519  C  CG  . ASN A 1 65  ? 2.727   -15.808 -9.481  1.000 33.757 0 65  ASN AAA CG  1 ? 
ATOM   520  O  OD1 . ASN A 1 65  ? 3.050   -15.404 -10.594 1.000 38.608 0 65  ASN AAA OD1 1 ? 
ATOM   521  N  ND2 . ASN A 1 65  ? 2.006   -16.897 -9.318  1.000 36.556 0 65  ASN AAA ND2 1 ? 
ATOM   522  N  N   . ASP A 1 66  ? 0.789   -13.215 -9.933  1.000 29.344 0 66  ASP AAA N   1 ? 
ATOM   523  C  CA  . ASP A 1 66  ? -0.625  -13.285 -10.384 1.000 28.511 0 66  ASP AAA CA  1 ? 
ATOM   524  C  C   . ASP A 1 66  ? -0.764  -14.248 -11.567 1.000 29.260 0 66  ASP AAA C   1 ? 
ATOM   525  O  O   . ASP A 1 66  ? -1.876  -14.321 -12.101 1.000 26.035 0 66  ASP AAA O   1 ? 
ATOM   526  C  CB  . ASP A 1 66  ? -1.196  -11.895 -10.651 1.000 27.815 0 66  ASP AAA CB  1 ? 
ATOM   527  C  CG  . ASP A 1 66  ? -0.659  -11.164 -11.863 1.000 27.661 0 66  ASP AAA CG  1 ? 
ATOM   528  O  OD1 . ASP A 1 66  ? 0.209   -11.731 -12.562 1.000 27.346 0 66  ASP AAA OD1 1 ? 
ATOM   529  O  OD2 . ASP A 1 66  ? -1.117  -10.022 -12.115 1.000 25.754 0 66  ASP AAA OD2 1 ? 
ATOM   530  N  N   . GLY A 1 67  ? 0.331   -14.875 -12.023 1.000 30.903 0 67  GLY AAA N   1 ? 
ATOM   531  C  CA  . GLY A 1 67  ? 0.295   -15.927 -13.057 1.000 31.558 0 67  GLY AAA CA  1 ? 
ATOM   532  C  C   . GLY A 1 67  ? 0.146   -15.392 -14.462 1.000 31.824 0 67  GLY AAA C   1 ? 
ATOM   533  O  O   . GLY A 1 67  ? -0.089  -16.192 -15.363 1.000 38.519 0 67  GLY AAA O   1 ? 
ATOM   534  N  N   . ARG A 1 68  ? 0.271   -14.085 -14.677 1.000 32.992 0 68  ARG AAA N   1 ? 
ATOM   535  C  CA  . ARG A 1 68  ? 0.052   -13.514 -16.023 1.000 32.537 0 68  ARG AAA CA  1 ? 
ATOM   536  C  C   . ARG A 1 68  ? 0.966   -12.320 -16.277 1.000 31.025 0 68  ARG AAA C   1 ? 
ATOM   537  O  O   . ARG A 1 68  ? 0.738   -11.622 -17.283 1.000 34.562 0 68  ARG AAA O   1 ? 
ATOM   538  C  CB  . ARG A 1 68  ? -1.422  -13.131 -16.182 1.000 34.349 0 68  ARG AAA CB  1 ? 
ATOM   539  C  CG  . ARG A 1 68  ? -1.894  -12.037 -15.241 1.000 35.286 0 68  ARG AAA CG  1 ? 
ATOM   540  C  CD  . ARG A 1 68  ? -3.273  -11.546 -15.639 1.000 37.111 0 68  ARG AAA CD  1 ? 
ATOM   541  N  NE  . ARG A 1 68  ? -3.520  -10.155 -15.300 1.000 36.517 0 68  ARG AAA NE  1 ? 
ATOM   542  C  CZ  . ARG A 1 68  ? -4.708  -9.541  -15.379 1.000 38.038 0 68  ARG AAA CZ  1 ? 
ATOM   543  N  NH1 . ARG A 1 68  ? -5.780  -10.189 -15.806 1.000 37.883 0 68  ARG AAA NH1 1 ? 
ATOM   544  N  NH2 . ARG A 1 68  ? -4.815  -8.258  -15.058 1.000 33.683 0 68  ARG AAA NH2 1 ? 
ATOM   545  N  N   . THR A 1 69  ? 1.979   -12.104 -15.446 1.000 31.250 0 69  THR AAA N   1 ? 
ATOM   546  C  CA  . THR A 1 69  ? 2.993   -11.038 -15.665 1.000 34.727 0 69  THR AAA CA  1 ? 
ATOM   547  C  C   . THR A 1 69  ? 4.316   -11.718 -16.035 1.000 39.370 0 69  THR AAA C   1 ? 
ATOM   548  O  O   . THR A 1 69  ? 5.084   -12.121 -15.157 1.000 39.482 0 69  THR AAA O   1 ? 
ATOM   549  C  CB  . THR A 1 69  ? 3.049   -10.092 -14.459 1.000 36.320 0 69  THR AAA CB  1 ? 
ATOM   550  O  OG1 . THR A 1 69  ? 1.701   -9.884  -14.030 1.000 34.230 0 69  THR AAA OG1 1 ? 
ATOM   551  C  CG2 . THR A 1 69  ? 3.701   -8.768  -14.791 1.000 33.956 0 69  THR AAA CG2 1 ? 
ATOM   552  N  N   . PRO A 1 70  ? 4.563   -11.945 -17.347 1.000 45.809 0 70  PRO AAA N   1 ? 
ATOM   553  C  CA  . PRO A 1 70  ? 5.793   -12.586 -17.822 1.000 48.018 0 70  PRO AAA CA  1 ? 
ATOM   554  C  C   . PRO A 1 70  ? 7.108   -11.984 -17.305 1.000 50.115 0 70  PRO AAA C   1 ? 
ATOM   555  O  O   . PRO A 1 70  ? 7.274   -10.758 -17.346 1.000 46.908 0 70  PRO AAA O   1 ? 
ATOM   556  C  CB  . PRO A 1 70  ? 5.724   -12.382 -19.348 1.000 50.370 0 70  PRO AAA CB  1 ? 
ATOM   557  C  CG  . PRO A 1 70  ? 4.236   -12.353 -19.653 1.000 50.145 0 70  PRO AAA CG  1 ? 
ATOM   558  C  CD  . PRO A 1 70  ? 3.626   -11.659 -18.454 1.000 48.121 0 70  PRO AAA CD  1 ? 
ATOM   559  N  N   . GLY A 1 71  ? 8.013   -12.865 -16.861 1.000 54.526 0 71  GLY AAA N   1 ? 
ATOM   560  C  CA  . GLY A 1 71  ? 9.396   -12.522 -16.469 1.000 60.195 0 71  GLY AAA CA  1 ? 
ATOM   561  C  C   . GLY A 1 71  ? 9.393   -11.627 -15.246 1.000 57.651 0 71  GLY AAA C   1 ? 
ATOM   562  O  O   . GLY A 1 71  ? 10.390  -10.923 -15.009 1.000 61.536 0 71  GLY AAA O   1 ? 
ATOM   563  N  N   . SER A 1 72  ? 8.279   -11.638 -14.514 1.000 54.627 0 72  SER AAA N   1 ? 
ATOM   564  C  CA  . SER A 1 72  ? 8.088   -10.876 -13.265 1.000 49.765 0 72  SER AAA CA  1 ? 
ATOM   565  C  C   . SER A 1 72  ? 8.774   -11.624 -12.124 1.000 47.147 0 72  SER AAA C   1 ? 
ATOM   566  O  O   . SER A 1 72  ? 9.008   -12.845 -12.243 1.000 47.219 0 72  SER AAA O   1 ? 
ATOM   567  C  CB  . SER A 1 72  ? 6.636   -10.686 -12.984 1.000 46.244 0 72  SER AAA CB  1 ? 
ATOM   568  O  OG  . SER A 1 72  ? 6.102   -11.839 -12.352 1.000 43.381 0 72  SER AAA OG  1 ? 
ATOM   569  N  N   . ARG A 1 73  ? 9.083   -10.905 -11.058 1.000 44.102 0 73  ARG AAA N   1 ? 
ATOM   570  C  CA  . ARG A 1 73  ? 9.587   -11.504 -9.803  1.000 44.759 0 73  ARG AAA CA  1 ? 
ATOM   571  C  C   . ARG A 1 73  ? 8.407   -11.561 -8.832  1.000 41.279 0 73  ARG AAA C   1 ? 
ATOM   572  O  O   . ARG A 1 73  ? 7.306   -11.141 -9.218  1.000 40.139 0 73  ARG AAA O   1 ? 
ATOM   573  C  CB  . ARG A 1 73  ? 10.824  -10.737 -9.326  1.000 49.931 0 73  ARG AAA CB  1 ? 
ATOM   574  C  CG  . ARG A 1 73  ? 12.115  -11.260 -9.945  1.000 58.171 0 73  ARG AAA CG  1 ? 
ATOM   575  C  CD  . ARG A 1 73  ? 13.145  -10.207 -10.315 1.000 64.839 0 73  ARG AAA CD  1 ? 
ATOM   576  N  NE  . ARG A 1 73  ? 13.894  -9.713  -9.161  1.000 71.260 0 73  ARG AAA NE  1 ? 
ATOM   577  C  CZ  . ARG A 1 73  ? 15.185  -9.369  -9.154  1.000 74.329 0 73  ARG AAA CZ  1 ? 
ATOM   578  N  NH1 . ARG A 1 73  ? 15.931  -9.482  -10.243 1.000 76.772 0 73  ARG AAA NH1 1 ? 
ATOM   579  N  NH2 . ARG A 1 73  ? 15.734  -8.915  -8.040  1.000 79.532 0 73  ARG AAA NH2 1 ? 
ATOM   580  N  N   . ASN A 1 74  ? 8.628   -12.131 -7.658  1.000 35.444 0 74  ASN AAA N   1 ? 
ATOM   581  C  CA  . ASN A 1 74  ? 7.619   -12.313 -6.595  1.000 35.216 0 74  ASN AAA CA  1 ? 
ATOM   582  C  C   . ASN A 1 74  ? 8.339   -12.070 -5.272  1.000 33.911 0 74  ASN AAA C   1 ? 
ATOM   583  O  O   . ASN A 1 74  ? 8.422   -12.988 -4.440  1.000 32.416 0 74  ASN AAA O   1 ? 
ATOM   584  C  CB  . ASN A 1 74  ? 6.978   -13.695 -6.697  1.000 33.083 0 74  ASN AAA CB  1 ? 
ATOM   585  C  CG  . ASN A 1 74  ? 5.999   -13.977 -5.582  1.000 33.992 0 74  ASN AAA CG  1 ? 
ATOM   586  O  OD1 . ASN A 1 74  ? 5.510   -13.055 -4.928  1.000 34.806 0 74  ASN AAA OD1 1 ? 
ATOM   587  N  ND2 . ASN A 1 74  ? 5.686   -15.248 -5.379  1.000 33.235 0 74  ASN AAA ND2 1 ? 
ATOM   588  N  N   . LEU A 1 75  ? 8.858   -10.861 -5.090  1.000 37.605 0 75  LEU AAA N   1 ? 
ATOM   589  C  CA  . LEU A 1 75  ? 9.787   -10.588 -3.967  1.000 38.489 0 75  LEU AAA CA  1 ? 
ATOM   590  C  C   . LEU A 1 75  ? 9.067   -10.702 -2.623  1.000 36.386 0 75  LEU AAA C   1 ? 
ATOM   591  O  O   . LEU A 1 75  ? 9.765   -11.017 -1.646  1.000 34.053 0 75  LEU AAA O   1 ? 
ATOM   592  C  CB  . LEU A 1 75  ? 10.430  -9.218  -4.160  1.000 39.886 0 75  LEU AAA CB  1 ? 
ATOM   593  C  CG  . LEU A 1 75  ? 11.399  -9.124  -5.330  1.000 40.114 0 75  LEU AAA CG  1 ? 
ATOM   594  C  CD1 . LEU A 1 75  ? 11.945  -7.712  -5.460  1.000 40.166 0 75  LEU AAA CD1 1 ? 
ATOM   595  C  CD2 . LEU A 1 75  ? 12.542  -10.135 -5.199  1.000 39.821 0 75  LEU AAA CD2 1 ? 
ATOM   596  N  N   . CYS A 1 76  ? 7.737   -10.508 -2.547  1.000 33.757 0 76  CYS AAA N   1 ? 
ATOM   597  C  CA  . CYS A 1 76  ? 6.990   -10.649 -1.266  1.000 33.050 0 76  CYS AAA CA  1 ? 
ATOM   598  C  C   . CYS A 1 76  ? 6.571   -12.120 -1.083  1.000 35.124 0 76  CYS AAA C   1 ? 
ATOM   599  O  O   . CYS A 1 76  ? 5.967   -12.427 -0.042  1.000 31.892 0 76  CYS AAA O   1 ? 
ATOM   600  C  CB  . CYS A 1 76  ? 5.801   -9.683  -1.163  1.000 34.401 0 76  CYS AAA CB  1 ? 
ATOM   601  S  SG  . CYS A 1 76  ? 6.263   -7.920  -1.086  1.000 31.989 0 76  CYS AAA SG  1 ? 
ATOM   602  N  N   . ASN A 1 77  ? 6.940   -13.000 -2.031  1.000 35.916 0 77  ASN AAA N   1 ? 
ATOM   603  C  CA  . ASN A 1 77  ? 6.678   -14.471 -2.008  1.000 40.622 0 77  ASN AAA CA  1 ? 
ATOM   604  C  C   . ASN A 1 77  ? 5.202   -14.704 -1.650  1.000 38.003 0 77  ASN AAA C   1 ? 
ATOM   605  O  O   . ASN A 1 77  ? 4.938   -15.392 -0.644  1.000 36.600 0 77  ASN AAA O   1 ? 
ATOM   606  C  CB  . ASN A 1 77  ? 7.614   -15.221 -1.043  1.000 43.833 0 77  ASN AAA CB  1 ? 
ATOM   607  C  CG  . ASN A 1 77  ? 8.989   -15.523 -1.613  1.000 51.458 0 77  ASN AAA CG  1 ? 
ATOM   608  O  OD1 . ASN A 1 77  ? 9.255   -16.649 -2.044  1.000 64.775 0 77  ASN AAA OD1 1 ? 
ATOM   609  N  ND2 . ASN A 1 77  ? 9.883   -14.546 -1.594  1.000 51.770 0 77  ASN AAA ND2 1 ? 
ATOM   610  N  N   . ILE A 1 78  ? 4.273   -14.106 -2.409  1.000 36.990 0 78  ILE AAA N   1 ? 
ATOM   611  C  CA  . ILE A 1 78  ? 2.805   -14.207 -2.159  1.000 33.577 0 78  ILE AAA CA  1 ? 
ATOM   612  C  C   . ILE A 1 78  ? 2.058   -14.137 -3.485  1.000 29.885 0 78  ILE AAA C   1 ? 
ATOM   613  O  O   . ILE A 1 78  ? 2.523   -13.516 -4.438  1.000 30.760 0 78  ILE AAA O   1 ? 
ATOM   614  C  CB  . ILE A 1 78  ? 2.300   -13.105 -1.211  1.000 37.091 0 78  ILE AAA CB  1 ? 
ATOM   615  C  CG1 . ILE A 1 78  ? 2.759   -11.717 -1.671  1.000 39.525 0 78  ILE AAA CG1 1 ? 
ATOM   616  C  CG2 . ILE A 1 78  ? 2.691   -13.394 0.231   1.000 41.592 0 78  ILE AAA CG2 1 ? 
ATOM   617  C  CD1 . ILE A 1 78  ? 1.785   -10.612 -1.333  1.000 39.953 0 78  ILE AAA CD1 1 ? 
ATOM   618  N  N   . PRO A 1 79  ? 0.877   -14.781 -3.553  1.000 30.500 0 79  PRO AAA N   1 ? 
ATOM   619  C  CA  . PRO A 1 79  ? -0.047  -14.584 -4.671  1.000 28.639 0 79  PRO AAA CA  1 ? 
ATOM   620  C  C   . PRO A 1 79  ? -0.745  -13.220 -4.478  1.000 28.127 0 79  PRO AAA C   1 ? 
ATOM   621  O  O   . PRO A 1 79  ? -1.006  -12.817 -3.356  1.000 24.655 0 79  PRO AAA O   1 ? 
ATOM   622  C  CB  . PRO A 1 79  ? -0.958  -15.810 -4.574  1.000 29.508 0 79  PRO AAA CB  1 ? 
ATOM   623  C  CG  . PRO A 1 79  ? -0.987  -16.161 -3.093  1.000 32.275 0 79  PRO AAA CG  1 ? 
ATOM   624  C  CD  . PRO A 1 79  ? 0.344   -15.701 -2.530  1.000 29.381 0 79  PRO AAA CD  1 ? 
ATOM   625  N  N   . CYS A 1 80  ? -0.889  -12.463 -5.566  1.000 29.071 0 80  CYS AAA N   1 ? 
ATOM   626  C  CA  . CYS A 1 80  ? -1.385  -11.068 -5.545  1.000 25.151 0 80  CYS AAA CA  1 ? 
ATOM   627  C  C   . CYS A 1 80  ? -2.776  -11.069 -4.916  1.000 26.815 0 80  CYS AAA C   1 ? 
ATOM   628  O  O   . CYS A 1 80  ? -3.153  -10.053 -4.282  1.000 28.019 0 80  CYS AAA O   1 ? 
ATOM   629  C  CB  . CYS A 1 80  ? -1.357  -10.425 -6.932  1.000 23.792 0 80  CYS AAA CB  1 ? 
ATOM   630  S  SG  . CYS A 1 80  ? 0.267   -10.438 -7.750  1.000 27.217 0 80  CYS AAA SG  1 ? 
ATOM   631  N  N   . SER A 1 81  ? -3.530  -12.170 -5.037  1.000 28.092 0 81  SER AAA N   1 ? 
ATOM   632  C  CA  . SER A 1 81  ? -4.902  -12.255 -4.472  1.000 28.542 0 81  SER AAA CA  1 ? 
ATOM   633  C  C   . SER A 1 81  ? -4.852  -12.037 -2.951  1.000 28.509 0 81  SER AAA C   1 ? 
ATOM   634  O  O   . SER A 1 81  ? -5.839  -11.524 -2.398  1.000 30.146 0 81  SER AAA O   1 ? 
ATOM   635  C  CB  . SER A 1 81  ? -5.562  -13.575 -4.807  1.000 31.313 0 81  SER AAA CB  1 ? 
ATOM   636  O  OG  . SER A 1 81  ? -4.756  -14.644 -4.342  1.000 28.200 0 81  SER AAA OG  1 ? 
ATOM   637  N  N   . ALA A 1 82  ? -3.759  -12.441 -2.298  1.000 34.248 0 82  ALA AAA N   1 ? 
ATOM   638  C  CA  . ALA A 1 82  ? -3.515  -12.262 -0.843  1.000 34.617 0 82  ALA AAA CA  1 ? 
ATOM   639  C  C   . ALA A 1 82  ? -3.545  -10.781 -0.477  1.000 31.620 0 82  ALA AAA C   1 ? 
ATOM   640  O  O   . ALA A 1 82  ? -3.758  -10.474 0.705   1.000 37.496 0 82  ALA AAA O   1 ? 
ATOM   641  C  CB  . ALA A 1 82  ? -2.182  -12.856 -0.449  1.000 35.952 0 82  ALA AAA CB  1 ? 
ATOM   642  N  N   . LEU A 1 83  ? -3.257  -9.907  -1.444  1.000 30.201 0 83  LEU AAA N   1 ? 
ATOM   643  C  CA  . LEU A 1 83  ? -3.147  -8.449  -1.211  1.000 27.938 0 83  LEU AAA CA  1 ? 
ATOM   644  C  C   . LEU A 1 83  ? -4.548  -7.846  -1.276  1.000 28.480 0 83  LEU AAA C   1 ? 
ATOM   645  O  O   . LEU A 1 83  ? -4.649  -6.642  -1.036  1.000 28.392 0 83  LEU AAA O   1 ? 
ATOM   646  C  CB  . LEU A 1 83  ? -2.230  -7.813  -2.254  1.000 27.980 0 83  LEU AAA CB  1 ? 
ATOM   647  C  CG  . LEU A 1 83  ? -0.787  -8.316  -2.280  1.000 30.313 0 83  LEU AAA CG  1 ? 
ATOM   648  C  CD1 . LEU A 1 83  ? -0.088  -7.899  -3.565  1.000 29.342 0 83  LEU AAA CD1 1 ? 
ATOM   649  C  CD2 . LEU A 1 83  ? -0.036  -7.807  -1.057  1.000 32.415 0 83  LEU AAA CD2 1 ? 
ATOM   650  N  N   . LEU A 1 84  ? -5.567  -8.653  -1.610  1.000 27.198 0 84  LEU AAA N   1 ? 
ATOM   651  C  CA  . LEU A 1 84  ? -6.972  -8.197  -1.773  1.000 27.895 0 84  LEU AAA CA  1 ? 
ATOM   652  C  C   . LEU A 1 84  ? -7.817  -8.541  -0.535  1.000 29.717 0 84  LEU AAA C   1 ? 
ATOM   653  O  O   . LEU A 1 84  ? -8.998  -8.138  -0.489  1.000 26.631 0 84  LEU AAA O   1 ? 
ATOM   654  C  CB  . LEU A 1 84  ? -7.575  -8.845  -3.030  1.000 28.272 0 84  LEU AAA CB  1 ? 
ATOM   655  C  CG  . LEU A 1 84  ? -6.945  -8.504  -4.370  1.000 30.080 0 84  LEU AAA CG  1 ? 
ATOM   656  C  CD1 . LEU A 1 84  ? -7.773  -9.120  -5.488  1.000 33.109 0 84  LEU AAA CD1 1 ? 
ATOM   657  C  CD2 . LEU A 1 84  ? -6.804  -7.004  -4.596  1.000 29.368 0 84  LEU AAA CD2 1 ? 
ATOM   658  N  N   . SER A 1 85  ? -7.245  -9.276  0.415   1.000 33.699 0 85  SER AAA N   1 ? 
ATOM   659  C  CA  . SER A 1 85  ? -7.927  -9.756  1.642   1.000 35.173 0 85  SER AAA CA  1 ? 
ATOM   660  C  C   . SER A 1 85  ? -8.430  -8.580  2.486   1.000 36.474 0 85  SER AAA C   1 ? 
ATOM   661  O  O   . SER A 1 85  ? -7.759  -7.518  2.498   1.000 38.574 0 85  SER AAA O   1 ? 
ATOM   662  C  CB  . SER A 1 85  ? -7.009  -10.631 2.430   1.000 35.264 0 85  SER AAA CB  1 ? 
ATOM   663  O  OG  . SER A 1 85  ? -7.619  -11.018 3.639   1.000 36.021 0 85  SER AAA OG  1 ? 
ATOM   664  N  N   . SER A 1 86  ? -9.546  -8.782  3.190   1.000 37.389 0 86  SER AAA N   1 ? 
ATOM   665  C  CA  . SER A 1 86  ? -10.102 -7.840  4.204   1.000 36.621 0 86  SER AAA CA  1 ? 
ATOM   666  C  C   . SER A 1 86  ? -9.128  -7.692  5.383   1.000 37.857 0 86  SER AAA C   1 ? 
ATOM   667  O  O   . SER A 1 86  ? -9.278  -6.726  6.136   1.000 39.484 0 86  SER AAA O   1 ? 
ATOM   668  C  CB  A SER A 1 86  ? -11.447 -8.304  4.691   0.500 35.044 0 86  SER AAA CB  1 ? 
ATOM   669  C  CB  B SER A 1 86  ? -11.470 -8.274  4.661   0.500 38.006 0 86  SER AAA CB  1 ? 
ATOM   670  O  OG  A SER A 1 86  ? -11.319 -9.522  5.409   0.500 30.786 0 86  SER AAA OG  1 ? 
ATOM   671  O  OG  B SER A 1 86  ? -12.428 -8.034  3.639   0.500 38.906 0 86  SER AAA OG  1 ? 
ATOM   672  N  N   . ASP A 1 87  ? -8.170  -8.614  5.512   1.000 35.896 0 87  ASP AAA N   1 ? 
ATOM   673  C  CA  . ASP A 1 87  ? -7.063  -8.579  6.497   1.000 36.932 0 87  ASP AAA CA  1 ? 
ATOM   674  C  C   . ASP A 1 87  ? -5.834  -8.037  5.770   1.000 36.511 0 87  ASP AAA C   1 ? 
ATOM   675  O  O   . ASP A 1 87  ? -5.411  -8.688  4.799   1.000 36.873 0 87  ASP AAA O   1 ? 
ATOM   676  C  CB  . ASP A 1 87  ? -6.816  -9.975  7.072   1.000 39.876 0 87  ASP AAA CB  1 ? 
ATOM   677  C  CG  . ASP A 1 87  ? -5.540  -10.112 7.891   1.000 44.193 0 87  ASP AAA CG  1 ? 
ATOM   678  O  OD1 . ASP A 1 87  ? -4.813  -9.115  8.024   1.000 42.846 0 87  ASP AAA OD1 1 ? 
ATOM   679  O  OD2 . ASP A 1 87  ? -5.296  -11.220 8.412   1.000 50.511 0 87  ASP AAA OD2 1 ? 
ATOM   680  N  N   . ILE A 1 88  ? -5.264  -6.914  6.233   1.000 34.323 0 88  ILE AAA N   1 ? 
ATOM   681  C  CA  . ILE A 1 88  ? -4.249  -6.130  5.465   1.000 32.123 0 88  ILE AAA CA  1 ? 
ATOM   682  C  C   . ILE A 1 88  ? -2.834  -6.608  5.791   1.000 33.930 0 88  ILE AAA C   1 ? 
ATOM   683  O  O   . ILE A 1 88  ? -1.889  -5.939  5.338   1.000 31.849 0 88  ILE AAA O   1 ? 
ATOM   684  C  CB  . ILE A 1 88  ? -4.390  -4.614  5.707   1.000 31.706 0 88  ILE AAA CB  1 ? 
ATOM   685  C  CG1 . ILE A 1 88  ? -4.045  -4.194  7.142   1.000 32.583 0 88  ILE AAA CG1 1 ? 
ATOM   686  C  CG2 . ILE A 1 88  ? -5.769  -4.146  5.292   1.000 29.516 0 88  ILE AAA CG2 1 ? 
ATOM   687  C  CD1 . ILE A 1 88  ? -3.799  -2.709  7.285   1.000 35.001 0 88  ILE AAA CD1 1 ? 
ATOM   688  N  N   . THR A 1 89  ? -2.698  -7.691  6.564   1.000 31.611 0 89  THR AAA N   1 ? 
ATOM   689  C  CA  . THR A 1 89  ? -1.407  -8.190  7.075   1.000 30.358 0 89  THR AAA CA  1 ? 
ATOM   690  C  C   . THR A 1 89  ? -0.451  -8.366  5.889   1.000 28.959 0 89  THR AAA C   1 ? 
ATOM   691  O  O   . THR A 1 89  ? 0.637   -7.798  5.947   1.000 31.375 0 89  THR AAA O   1 ? 
ATOM   692  C  CB  . THR A 1 89  ? -1.583  -9.471  7.897   1.000 33.004 0 89  THR AAA CB  1 ? 
ATOM   693  O  OG1 . THR A 1 89  ? -2.535  -9.215  8.932   1.000 36.418 0 89  THR AAA OG1 1 ? 
ATOM   694  C  CG2 . THR A 1 89  ? -0.288  -9.947  8.507   1.000 33.427 0 89  THR AAA CG2 1 ? 
ATOM   695  N  N   . ALA A 1 90  ? -0.854  -9.091  4.843   1.000 31.330 0 90  ALA AAA N   1 ? 
ATOM   696  C  CA  . ALA A 1 90  ? 0.017   -9.365  3.670   1.000 29.873 0 90  ALA AAA CA  1 ? 
ATOM   697  C  C   . ALA A 1 90  ? 0.330   -8.041  2.971   1.000 26.099 0 90  ALA AAA C   1 ? 
ATOM   698  O  O   . ALA A 1 90  ? 1.473   -7.841  2.683   1.000 30.710 0 90  ALA AAA O   1 ? 
ATOM   699  C  CB  . ALA A 1 90  ? -0.611  -10.358 2.710   1.000 32.290 0 90  ALA AAA CB  1 ? 
ATOM   700  N  N   . SER A 1 91  ? -0.639  -7.131  2.801   1.000 27.761 0 91  SER AAA N   1 ? 
ATOM   701  C  CA  . SER A 1 91  ? -0.415  -5.815  2.138   1.000 27.091 0 91  SER AAA CA  1 ? 
ATOM   702  C  C   . SER A 1 91  ? 0.625   -5.024  2.941   1.000 28.067 0 91  SER AAA C   1 ? 
ATOM   703  O  O   . SER A 1 91  ? 1.638   -4.565  2.339   1.000 28.151 0 91  SER AAA O   1 ? 
ATOM   704  C  CB  . SER A 1 91  ? -1.682  -5.055  1.973   1.000 29.438 0 91  SER AAA CB  1 ? 
ATOM   705  O  OG  . SER A 1 91  ? -2.352  -5.427  0.776   1.000 28.776 0 91  SER AAA OG  1 ? 
ATOM   706  N  N   . VAL A 1 92  ? 0.463   -4.982  4.269   1.000 26.625 0 92  VAL AAA N   1 ? 
ATOM   707  C  CA  . VAL A 1 92  ? 1.362   -4.205  5.179   1.000 28.178 0 92  VAL AAA CA  1 ? 
ATOM   708  C  C   . VAL A 1 92  ? 2.762   -4.821  5.118   1.000 29.562 0 92  VAL AAA C   1 ? 
ATOM   709  O  O   . VAL A 1 92  ? 3.729   -4.064  4.942   1.000 30.667 0 92  VAL AAA O   1 ? 
ATOM   710  C  CB  . VAL A 1 92  ? 0.876   -4.118  6.639   1.000 26.093 0 92  VAL AAA CB  1 ? 
ATOM   711  C  CG1 . VAL A 1 92  ? 1.960   -3.543  7.555   1.000 28.120 0 92  VAL AAA CG1 1 ? 
ATOM   712  C  CG2 . VAL A 1 92  ? -0.401  -3.306  6.767   1.000 24.789 0 92  VAL AAA CG2 1 ? 
ATOM   713  N  N   . ASN A 1 93  ? 2.881   -6.130  5.319   1.000 30.438 0 93  ASN AAA N   1 ? 
ATOM   714  C  CA  . ASN A 1 93  ? 4.197   -6.812  5.321   1.000 31.378 0 93  ASN AAA CA  1 ? 
ATOM   715  C  C   . ASN A 1 93  ? 4.930   -6.572  4.005   1.000 30.876 0 93  ASN AAA C   1 ? 
ATOM   716  O  O   . ASN A 1 93  ? 6.146   -6.343  4.051   1.000 30.315 0 93  ASN AAA O   1 ? 
ATOM   717  C  CB  . ASN A 1 93  ? 4.059   -8.295  5.637   1.000 36.617 0 93  ASN AAA CB  1 ? 
ATOM   718  C  CG  . ASN A 1 93  ? 3.995   -8.526  7.128   1.000 38.488 0 93  ASN AAA CG  1 ? 
ATOM   719  O  OD1 . ASN A 1 93  ? 4.249   -7.613  7.914   1.000 47.011 0 93  ASN AAA OD1 1 ? 
ATOM   720  N  ND2 . ASN A 1 93  ? 3.645   -9.736  7.525   1.000 45.028 0 93  ASN AAA ND2 1 ? 
ATOM   721  N  N   . CYS A 1 94  ? 4.218   -6.617  2.879   1.000 28.083 0 94  CYS AAA N   1 ? 
ATOM   722  C  CA  . CYS A 1 94  ? 4.801   -6.470  1.527   1.000 29.215 0 94  CYS AAA CA  1 ? 
ATOM   723  C  C   . CYS A 1 94  ? 5.223   -5.012  1.319   1.000 28.327 0 94  CYS AAA C   1 ? 
ATOM   724  O  O   . CYS A 1 94  ? 6.263   -4.785  0.761   1.000 26.582 0 94  CYS AAA O   1 ? 
ATOM   725  C  CB  . CYS A 1 94  ? 3.808   -6.929  0.471   1.000 29.025 0 94  CYS AAA CB  1 ? 
ATOM   726  S  SG  . CYS A 1 94  ? 4.491   -6.915  -1.200  1.000 32.157 0 94  CYS AAA SG  1 ? 
ATOM   727  N  N   . ALA A 1 95  ? 4.432   -4.061  1.813   1.000 24.108 0 95  ALA AAA N   1 ? 
ATOM   728  C  CA  . ALA A 1 95  ? 4.710   -2.615  1.756   1.000 22.116 0 95  ALA AAA CA  1 ? 
ATOM   729  C  C   . ALA A 1 95  ? 5.995   -2.287  2.508   1.000 24.735 0 95  ALA AAA C   1 ? 
ATOM   730  O  O   . ALA A 1 95  ? 6.735   -1.360  2.085   1.000 26.281 0 95  ALA AAA O   1 ? 
ATOM   731  C  CB  . ALA A 1 95  ? 3.516   -1.870  2.307   1.000 22.503 0 95  ALA AAA CB  1 ? 
ATOM   732  N  N   . LYS A 1 96  ? 6.301   -3.042  3.563   1.000 27.360 0 96  LYS AAA N   1 ? 
ATOM   733  C  CA  . LYS A 1 96  ? 7.526   -2.822  4.368   1.000 28.281 0 96  LYS AAA CA  1 ? 
ATOM   734  C  C   . LYS A 1 96  ? 8.745   -3.174  3.508   1.000 29.781 0 96  LYS AAA C   1 ? 
ATOM   735  O  O   . LYS A 1 96  ? 9.690   -2.392  3.525   1.000 28.885 0 96  LYS AAA O   1 ? 
ATOM   736  C  CB  . LYS A 1 96  ? 7.451   -3.608  5.681   1.000 28.830 0 96  LYS AAA CB  1 ? 
ATOM   737  C  CG  . LYS A 1 96  ? 6.484   -3.035  6.707   1.000 31.314 0 96  LYS AAA CG  1 ? 
ATOM   738  C  CD  . LYS A 1 96  ? 6.154   -4.033  7.799   1.000 32.257 0 96  LYS AAA CD  1 ? 
ATOM   739  C  CE  . LYS A 1 96  ? 6.114   -3.415  9.167   1.000 30.463 0 96  LYS AAA CE  1 ? 
ATOM   740  N  NZ  . LYS A 1 96  ? 5.850   -4.441  10.208  1.000 35.672 0 96  LYS AAA NZ  1 ? 
ATOM   741  N  N   . LYS A 1 97  ? 8.694   -4.262  2.722   1.000 29.292 0 97  LYS AAA N   1 ? 
ATOM   742  C  CA  . LYS A 1 97  ? 9.773   -4.644  1.769   1.000 32.781 0 97  LYS AAA CA  1 ? 
ATOM   743  C  C   . LYS A 1 97  ? 9.946   -3.559  0.704   1.000 30.836 0 97  LYS AAA C   1 ? 
ATOM   744  O  O   . LYS A 1 97  ? 11.105  -3.207  0.368   1.000 31.025 0 97  LYS AAA O   1 ? 
ATOM   745  C  CB  . LYS A 1 97  ? 9.431   -5.933  1.015   1.000 35.241 0 97  LYS AAA CB  1 ? 
ATOM   746  C  CG  . LYS A 1 97  ? 9.693   -7.236  1.741   1.000 42.190 0 97  LYS AAA CG  1 ? 
ATOM   747  C  CD  . LYS A 1 97  ? 10.199  -8.340  0.796   1.000 42.034 0 97  LYS AAA CD  1 ? 
ATOM   748  C  CE  . LYS A 1 97  ? 10.832  -9.507  1.522   1.000 44.299 0 97  LYS AAA CE  1 ? 
ATOM   749  N  NZ  . LYS A 1 97  ? 9.928   -10.076 2.558   1.000 47.449 0 97  LYS AAA NZ  1 ? 
ATOM   750  N  N   . ILE A 1 98  ? 8.825   -3.079  0.154   1.000 27.396 0 98  ILE AAA N   1 ? 
ATOM   751  C  CA  . ILE A 1 98  ? 8.804   -2.085  -0.962  1.000 26.177 0 98  ILE AAA CA  1 ? 
ATOM   752  C  C   . ILE A 1 98  ? 9.516   -0.811  -0.494  1.000 27.071 0 98  ILE AAA C   1 ? 
ATOM   753  O  O   . ILE A 1 98  ? 10.400  -0.316  -1.222  1.000 28.527 0 98  ILE AAA O   1 ? 
ATOM   754  C  CB  . ILE A 1 98  ? 7.358   -1.766  -1.419  1.000 26.064 0 98  ILE AAA CB  1 ? 
ATOM   755  C  CG1 . ILE A 1 98  ? 6.608   -3.031  -1.857  1.000 25.873 0 98  ILE AAA CG1 1 ? 
ATOM   756  C  CG2 . ILE A 1 98  ? 7.367   -0.704  -2.513  1.000 24.903 0 98  ILE AAA CG2 1 ? 
ATOM   757  C  CD1 . ILE A 1 98  ? 5.295   -2.803  -2.549  1.000 26.196 0 98  ILE AAA CD1 1 ? 
ATOM   758  N  N   . VAL A 1 99  ? 9.085   -0.268  0.642   1.000 27.385 0 99  VAL AAA N   1 ? 
ATOM   759  C  CA  . VAL A 1 99  ? 9.567   1.055   1.137   1.000 28.097 0 99  VAL AAA CA  1 ? 
ATOM   760  C  C   . VAL A 1 99  ? 11.022  0.941   1.592   1.000 31.378 0 99  VAL AAA C   1 ? 
ATOM   761  O  O   . VAL A 1 99  ? 11.686  2.005   1.681   1.000 29.979 0 99  VAL AAA O   1 ? 
ATOM   762  C  CB  . VAL A 1 99  ? 8.653   1.645   2.235   1.000 25.196 0 99  VAL AAA CB  1 ? 
ATOM   763  C  CG1 . VAL A 1 99  ? 8.790   0.942   3.582   1.000 24.956 0 99  VAL AAA CG1 1 ? 
ATOM   764  C  CG2 . VAL A 1 99  ? 8.902   3.133   2.379   1.000 29.614 0 99  VAL AAA CG2 1 ? 
ATOM   765  N  N   . SER A 1 100 ? 11.499  -0.286  1.817   1.000 33.642 0 100 SER AAA N   1 ? 
ATOM   766  C  CA  . SER A 1 100 ? 12.899  -0.611  2.198   1.000 35.240 0 100 SER AAA CA  1 ? 
ATOM   767  C  C   . SER A 1 100 ? 13.790  -0.795  0.965   1.000 36.955 0 100 SER AAA C   1 ? 
ATOM   768  O  O   . SER A 1 100 ? 14.982  -1.093  1.142   1.000 38.654 0 100 SER AAA O   1 ? 
ATOM   769  C  CB  . SER A 1 100 ? 12.926  -1.834  3.051   1.000 35.911 0 100 SER AAA CB  1 ? 
ATOM   770  O  OG  . SER A 1 100 ? 12.149  -1.651  4.216   1.000 37.160 0 100 SER AAA OG  1 ? 
ATOM   771  N  N   . ASP A 1 101 ? 13.250  -0.627  -0.242  1.000 40.881 0 101 ASP AAA N   1 ? 
ATOM   772  C  CA  . ASP A 1 101 ? 13.906  -1.066  -1.499  1.000 40.825 0 101 ASP AAA CA  1 ? 
ATOM   773  C  C   . ASP A 1 101 ? 14.862  0.010   -2.044  1.000 41.157 0 101 ASP AAA C   1 ? 
ATOM   774  O  O   . ASP A 1 101 ? 15.555  -0.292  -3.025  1.000 45.536 0 101 ASP AAA O   1 ? 
ATOM   775  C  CB  . ASP A 1 101 ? 12.852  -1.455  -2.541  1.000 43.411 0 101 ASP AAA CB  1 ? 
ATOM   776  C  CG  . ASP A 1 101 ? 13.454  -2.021  -3.811  1.000 42.506 0 101 ASP AAA CG  1 ? 
ATOM   777  O  OD1 . ASP A 1 101 ? 14.348  -2.900  -3.688  1.000 41.904 0 101 ASP AAA OD1 1 ? 
ATOM   778  O  OD2 . ASP A 1 101 ? 13.046  -1.550  -4.904  1.000 41.739 0 101 ASP AAA OD2 1 ? 
ATOM   779  N  N   . GLY A 1 102 ? 14.883  1.224   -1.481  1.000 42.467 0 102 GLY AAA N   1 ? 
ATOM   780  C  CA  . GLY A 1 102 ? 15.827  2.279   -1.904  1.000 40.285 0 102 GLY AAA CA  1 ? 
ATOM   781  C  C   . GLY A 1 102 ? 15.176  3.641   -2.113  1.000 40.876 0 102 GLY AAA C   1 ? 
ATOM   782  O  O   . GLY A 1 102 ? 15.837  4.659   -1.760  1.000 44.398 0 102 GLY AAA O   1 ? 
ATOM   783  N  N   . ASN A 1 103 ? 13.954  3.688   -2.666  1.000 39.462 0 103 ASN AAA N   1 ? 
ATOM   784  C  CA  . ASN A 1 103 ? 13.278  4.941   -3.110  1.000 36.469 0 103 ASN AAA CA  1 ? 
ATOM   785  C  C   . ASN A 1 103 ? 12.209  5.367   -2.098  1.000 30.604 0 103 ASN AAA C   1 ? 
ATOM   786  O  O   . ASN A 1 103 ? 11.537  6.375   -2.329  1.000 28.256 0 103 ASN AAA O   1 ? 
ATOM   787  C  CB  . ASN A 1 103 ? 12.683  4.801   -4.511  1.000 40.529 0 103 ASN AAA CB  1 ? 
ATOM   788  C  CG  . ASN A 1 103 ? 13.758  4.677   -5.570  1.000 48.548 0 103 ASN AAA CG  1 ? 
ATOM   789  O  OD1 . ASN A 1 103 ? 14.689  5.485   -5.622  1.000 49.719 0 103 ASN AAA OD1 1 ? 
ATOM   790  N  ND2 . ASN A 1 103 ? 13.632  3.677   -6.433  1.000 53.527 0 103 ASN AAA ND2 1 ? 
ATOM   791  N  N   . GLY A 1 104 ? 12.073  4.646   -0.995  1.000 27.941 0 104 GLY AAA N   1 ? 
ATOM   792  C  CA  . GLY A 1 104 ? 11.139  5.035   0.066   1.000 30.152 0 104 GLY AAA CA  1 ? 
ATOM   793  C  C   . GLY A 1 104 ? 9.729   4.945   -0.455  1.000 25.472 0 104 GLY AAA C   1 ? 
ATOM   794  O  O   . GLY A 1 104 ? 9.444   4.026   -1.251  1.000 26.584 0 104 GLY AAA O   1 ? 
ATOM   795  N  N   . MET A 1 105 ? 8.883   5.888   -0.068  1.000 27.585 0 105 MET AAA N   1 ? 
ATOM   796  C  CA  . MET A 1 105 ? 7.460   5.853   -0.453  1.000 25.373 0 105 MET AAA CA  1 ? 
ATOM   797  C  C   . MET A 1 105 ? 7.267   6.409   -1.873  1.000 25.484 0 105 MET AAA C   1 ? 
ATOM   798  O  O   . MET A 1 105 ? 6.109   6.372   -2.354  1.000 26.695 0 105 MET AAA O   1 ? 
ATOM   799  C  CB  . MET A 1 105 ? 6.643   6.635   0.567   1.000 24.206 0 105 MET AAA CB  1 ? 
ATOM   800  C  CG  . MET A 1 105 ? 6.439   5.848   1.898   1.000 23.437 0 105 MET AAA CG  1 ? 
ATOM   801  S  SD  . MET A 1 105 ? 4.974   6.457   2.790   1.000 25.010 0 105 MET AAA SD  1 ? 
ATOM   802  C  CE  . MET A 1 105 ? 3.709   5.744   1.732   1.000 23.936 0 105 MET AAA CE  1 ? 
ATOM   803  N  N   . ASN A 1 106 ? 8.350   6.871   -2.531  1.000 27.746 0 106 ASN AAA N   1 ? 
ATOM   804  C  CA  . ASN A 1 106 ? 8.333   7.305   -3.957  1.000 28.100 0 106 ASN AAA CA  1 ? 
ATOM   805  C  C   . ASN A 1 106 ? 7.956   6.108   -4.845  1.000 27.200 0 106 ASN AAA C   1 ? 
ATOM   806  O  O   . ASN A 1 106 ? 7.468   6.344   -5.952  1.000 26.729 0 106 ASN AAA O   1 ? 
ATOM   807  C  CB  . ASN A 1 106 ? 9.641   7.963   -4.396  1.000 28.237 0 106 ASN AAA CB  1 ? 
ATOM   808  C  CG  . ASN A 1 106 ? 9.942   9.224   -3.621  1.000 28.149 0 106 ASN AAA CG  1 ? 
ATOM   809  O  OD1 . ASN A 1 106 ? 9.201   10.221  -3.713  1.000 27.831 0 106 ASN AAA OD1 1 ? 
ATOM   810  N  ND2 . ASN A 1 106 ? 10.963  9.154   -2.781  1.000 27.333 0 106 ASN AAA ND2 1 ? 
ATOM   811  N  N   . ALA A 1 107 ? 8.097   4.882   -4.336  1.000 25.103 0 107 ALA AAA N   1 ? 
ATOM   812  C  CA  . ALA A 1 107 ? 7.624   3.619   -4.959  1.000 26.045 0 107 ALA AAA CA  1 ? 
ATOM   813  C  C   . ALA A 1 107 ? 6.121   3.695   -5.285  1.000 27.523 0 107 ALA AAA C   1 ? 
ATOM   814  O  O   . ALA A 1 107 ? 5.656   2.930   -6.171  1.000 27.840 0 107 ALA AAA O   1 ? 
ATOM   815  C  CB  . ALA A 1 107 ? 7.912   2.468   -4.024  1.000 28.266 0 107 ALA AAA CB  1 ? 
ATOM   816  N  N   . TRP A 1 108 ? 5.374   4.523   -4.553  1.000 24.573 0 108 TRP AAA N   1 ? 
ATOM   817  C  CA  . TRP A 1 108 ? 3.926   4.773   -4.772  1.000 25.050 0 108 TRP AAA CA  1 ? 
ATOM   818  C  C   . TRP A 1 108 ? 3.764   6.090   -5.517  1.000 27.536 0 108 TRP AAA C   1 ? 
ATOM   819  O  O   . TRP A 1 108 ? 3.982   7.171   -4.924  1.000 26.768 0 108 TRP AAA O   1 ? 
ATOM   820  C  CB  . TRP A 1 108 ? 3.145   4.748   -3.464  1.000 23.605 0 108 TRP AAA CB  1 ? 
ATOM   821  C  CG  . TRP A 1 108 ? 2.989   3.375   -2.890  1.000 24.675 0 108 TRP AAA CG  1 ? 
ATOM   822  C  CD1 . TRP A 1 108 ? 2.017   2.467   -3.196  1.000 25.878 0 108 TRP AAA CD1 1 ? 
ATOM   823  C  CD2 . TRP A 1 108 ? 3.851   2.744   -1.928  1.000 25.257 0 108 TRP AAA CD2 1 ? 
ATOM   824  N  NE1 . TRP A 1 108 ? 2.217   1.318   -2.483  1.000 28.668 0 108 TRP AAA NE1 1 ? 
ATOM   825  C  CE2 . TRP A 1 108 ? 3.325   1.461   -1.688  1.000 25.612 0 108 TRP AAA CE2 1 ? 
ATOM   826  C  CE3 . TRP A 1 108 ? 5.013   3.135   -1.247  1.000 25.360 0 108 TRP AAA CE3 1 ? 
ATOM   827  C  CZ2 . TRP A 1 108 ? 3.916   0.576   -0.791  1.000 25.507 0 108 TRP AAA CZ2 1 ? 
ATOM   828  C  CZ3 . TRP A 1 108 ? 5.593   2.263   -0.345  1.000 24.951 0 108 TRP AAA CZ3 1 ? 
ATOM   829  C  CH2 . TRP A 1 108 ? 5.031   1.013   -0.103  1.000 26.413 0 108 TRP AAA CH2 1 ? 
ATOM   830  N  N   . VAL A 1 109 ? 3.375   6.012   -6.786  1.000 26.208 0 109 VAL AAA N   1 ? 
ATOM   831  C  CA  . VAL A 1 109 ? 3.259   7.235   -7.620  1.000 28.766 0 109 VAL AAA CA  1 ? 
ATOM   832  C  C   . VAL A 1 109 ? 2.209   8.167   -7.004  1.000 23.847 0 109 VAL AAA C   1 ? 
ATOM   833  O  O   . VAL A 1 109 ? 2.481   9.376   -7.020  1.000 28.161 0 109 VAL AAA O   1 ? 
ATOM   834  C  CB  . VAL A 1 109 ? 2.983   6.937   -9.111  1.000 30.163 0 109 VAL AAA CB  1 ? 
ATOM   835  C  CG1 . VAL A 1 109 ? 1.817   5.997   -9.329  1.000 33.513 0 109 VAL AAA CG1 1 ? 
ATOM   836  C  CG2 . VAL A 1 109 ? 2.776   8.225   -9.886  1.000 30.171 0 109 VAL AAA CG2 1 ? 
ATOM   837  N  N   . ALA A 1 110 ? 1.085   7.669   -6.496  1.000 26.084 0 110 ALA AAA N   1 ? 
ATOM   838  C  CA  . ALA A 1 110 ? 0.007   8.537   -5.947  1.000 27.757 0 110 ALA AAA CA  1 ? 
ATOM   839  C  C   . ALA A 1 110 ? 0.498   9.226   -4.665  1.000 28.143 0 110 ALA AAA C   1 ? 
ATOM   840  O  O   . ALA A 1 110 ? 0.056   10.366  -4.396  1.000 29.196 0 110 ALA AAA O   1 ? 
ATOM   841  C  CB  . ALA A 1 110 ? -1.259  7.771   -5.683  1.000 30.925 0 110 ALA AAA CB  1 ? 
ATOM   842  N  N   . TRP A 1 111 ? 1.347   8.557   -3.889  1.000 26.570 0 111 TRP AAA N   1 ? 
ATOM   843  C  CA  . TRP A 1 111 ? 1.952   9.195   -2.693  1.000 24.974 0 111 TRP AAA CA  1 ? 
ATOM   844  C  C   . TRP A 1 111 ? 2.844   10.353  -3.151  1.000 26.855 0 111 TRP AAA C   1 ? 
ATOM   845  O  O   . TRP A 1 111 ? 2.711   11.468  -2.615  1.000 24.405 0 111 TRP AAA O   1 ? 
ATOM   846  C  CB  . TRP A 1 111 ? 2.713   8.201   -1.816  1.000 25.679 0 111 TRP AAA CB  1 ? 
ATOM   847  C  CG  . TRP A 1 111 ? 3.400   8.894   -0.681  1.000 25.370 0 111 TRP AAA CG  1 ? 
ATOM   848  C  CD1 . TRP A 1 111 ? 2.863   9.167   0.543   1.000 26.609 0 111 TRP AAA CD1 1 ? 
ATOM   849  C  CD2 . TRP A 1 111 ? 4.749   9.412   -0.658  1.000 23.334 0 111 TRP AAA CD2 1 ? 
ATOM   850  N  NE1 . TRP A 1 111 ? 3.774   9.826   1.320   1.000 24.883 0 111 TRP AAA NE1 1 ? 
ATOM   851  C  CE2 . TRP A 1 111 ? 4.940   9.991   0.613   1.000 24.203 0 111 TRP AAA CE2 1 ? 
ATOM   852  C  CE3 . TRP A 1 111 ? 5.798   9.457   -1.578  1.000 25.373 0 111 TRP AAA CE3 1 ? 
ATOM   853  C  CZ2 . TRP A 1 111 ? 6.134   10.618  0.976   1.000 26.199 0 111 TRP AAA CZ2 1 ? 
ATOM   854  C  CZ3 . TRP A 1 111 ? 6.980   10.061  -1.216  1.000 26.914 0 111 TRP AAA CZ3 1 ? 
ATOM   855  C  CH2 . TRP A 1 111 ? 7.151   10.628  0.050   1.000 27.029 0 111 TRP AAA CH2 1 ? 
ATOM   856  N  N   . ARG A 1 112 ? 3.765   10.097  -4.072  1.000 27.149 0 112 ARG AAA N   1 ? 
ATOM   857  C  CA  . ARG A 1 112 ? 4.683   11.153  -4.559  1.000 28.589 0 112 ARG AAA CA  1 ? 
ATOM   858  C  C   . ARG A 1 112 ? 3.892   12.337  -5.123  1.000 28.316 0 112 ARG AAA C   1 ? 
ATOM   859  O  O   . ARG A 1 112 ? 4.294   13.474  -4.850  1.000 28.540 0 112 ARG AAA O   1 ? 
ATOM   860  C  CB  . ARG A 1 112 ? 5.624   10.590  -5.620  1.000 34.161 0 112 ARG AAA CB  1 ? 
ATOM   861  C  CG  . ARG A 1 112 ? 6.773   11.531  -5.947  1.000 40.082 0 112 ARG AAA CG  1 ? 
ATOM   862  C  CD  . ARG A 1 112 ? 7.547   11.075  -7.173  1.000 48.372 0 112 ARG AAA CD  1 ? 
ATOM   863  N  NE  . ARG A 1 112 ? 7.493   9.626   -7.348  1.000 54.794 0 112 ARG AAA NE  1 ? 
ATOM   864  C  CZ  . ARG A 1 112 ? 6.976   8.985   -8.403  1.000 62.616 0 112 ARG AAA CZ  1 ? 
ATOM   865  N  NH1 . ARG A 1 112 ? 6.460   9.650   -9.426  1.000 61.915 0 112 ARG AAA NH1 1 ? 
ATOM   866  N  NH2 . ARG A 1 112 ? 6.995   7.661   -8.434  1.000 61.179 0 112 ARG AAA NH2 1 ? 
ATOM   867  N  N   . ASN A 1 113 ? 2.781   12.092  -5.825  1.000 26.087 0 113 ASN AAA N   1 ? 
ATOM   868  C  CA  . ASN A 1 113 ? 2.109   13.161  -6.607  1.000 25.852 0 113 ASN AAA CA  1 ? 
ATOM   869  C  C   . ASN A 1 113 ? 1.026   13.831  -5.771  1.000 24.906 0 113 ASN AAA C   1 ? 
ATOM   870  O  O   . ASN A 1 113 ? 0.692   14.931  -6.134  1.000 32.305 0 113 ASN AAA O   1 ? 
ATOM   871  C  CB  . ASN A 1 113 ? 1.538   12.647  -7.929  1.000 27.246 0 113 ASN AAA CB  1 ? 
ATOM   872  C  CG  . ASN A 1 113 ? 2.636   12.347  -8.923  1.000 27.915 0 113 ASN AAA CG  1 ? 
ATOM   873  O  OD1 . ASN A 1 113 ? 3.722   12.905  -8.813  1.000 31.086 0 113 ASN AAA OD1 1 ? 
ATOM   874  N  ND2 . ASN A 1 113 ? 2.366   11.480  -9.887  1.000 31.736 0 113 ASN AAA ND2 1 ? 
ATOM   875  N  N   . ARG A 1 114 ? 0.543   13.214  -4.689  1.000 26.200 0 114 ARG AAA N   1 ? 
ATOM   876  C  CA  . ARG A 1 114 ? -0.668  13.708  -3.967  1.000 24.627 0 114 ARG AAA CA  1 ? 
ATOM   877  C  C   . ARG A 1 114 ? -0.501  13.794  -2.438  1.000 26.241 0 114 ARG AAA C   1 ? 
ATOM   878  O  O   . ARG A 1 114 ? -1.421  14.355  -1.760  1.000 25.607 0 114 ARG AAA O   1 ? 
ATOM   879  C  CB  . ARG A 1 114 ? -1.823  12.780  -4.329  1.000 28.308 0 114 ARG AAA CB  1 ? 
ATOM   880  C  CG  . ARG A 1 114 ? -1.934  12.586  -5.831  1.000 29.207 0 114 ARG AAA CG  1 ? 
ATOM   881  C  CD  . ARG A 1 114 ? -3.219  11.987  -6.277  1.000 30.932 0 114 ARG AAA CD  1 ? 
ATOM   882  N  NE  . ARG A 1 114 ? -4.417  12.767  -5.961  1.000 27.864 0 114 ARG AAA NE  1 ? 
ATOM   883  C  CZ  . ARG A 1 114 ? -5.643  12.312  -6.210  1.000 28.454 0 114 ARG AAA CZ  1 ? 
ATOM   884  N  NH1 . ARG A 1 114 ? -5.792  11.116  -6.753  1.000 29.523 0 114 ARG AAA NH1 1 ? 
ATOM   885  N  NH2 . ARG A 1 114 ? -6.715  13.034  -5.915  1.000 26.594 0 114 ARG AAA NH2 1 ? 
ATOM   886  N  N   . CYS A 1 115 ? 0.557   13.235  -1.872  1.000 23.858 0 115 CYS AAA N   1 ? 
ATOM   887  C  CA  . CYS A 1 115 ? 0.759   13.209  -0.408  1.000 23.031 0 115 CYS AAA CA  1 ? 
ATOM   888  C  C   . CYS A 1 115 ? 2.053   13.897  -0.035  1.000 25.949 0 115 CYS AAA C   1 ? 
ATOM   889  O  O   . CYS A 1 115 ? 2.039   14.673  0.939   1.000 27.475 0 115 CYS AAA O   1 ? 
ATOM   890  C  CB  . CYS A 1 115 ? 0.824   11.797  0.138   1.000 22.333 0 115 CYS AAA CB  1 ? 
ATOM   891  S  SG  . CYS A 1 115 ? -0.656  10.831  -0.224  1.000 22.986 0 115 CYS AAA SG  1 ? 
ATOM   892  N  N   . LYS A 1 116 ? 3.144   13.521  -0.725  1.000 27.684 0 116 LYS AAA N   1 ? 
ATOM   893  C  CA  . LYS A 1 116 ? 4.503   14.012  -0.436  1.000 26.610 0 116 LYS AAA CA  1 ? 
ATOM   894  C  C   . LYS A 1 116 ? 4.463   15.541  -0.453  1.000 25.349 0 116 LYS AAA C   1 ? 
ATOM   895  O  O   . LYS A 1 116 ? 3.951   16.103  -1.451  1.000 22.708 0 116 LYS AAA O   1 ? 
ATOM   896  C  CB  . LYS A 1 116 ? 5.476   13.482  -1.494  1.000 25.986 0 116 LYS AAA CB  1 ? 
ATOM   897  C  CG  . LYS A 1 116 ? 6.878   14.018  -1.392  1.000 25.023 0 116 LYS AAA CG  1 ? 
ATOM   898  C  CD  . LYS A 1 116 ? 7.803   13.353  -2.379  1.000 25.471 0 116 LYS AAA CD  1 ? 
ATOM   899  C  CE  . LYS A 1 116 ? 9.237   13.508  -1.990  1.000 26.161 0 116 LYS AAA CE  1 ? 
ATOM   900  N  NZ  . LYS A 1 116 ? 10.083  12.848  -3.001  1.000 26.402 0 116 LYS AAA NZ  1 ? 
ATOM   901  N  N   . GLY A 1 117 ? 4.991   16.170  0.597   1.000 27.743 0 117 GLY AAA N   1 ? 
ATOM   902  C  CA  . GLY A 1 117 ? 5.111   17.638  0.687   1.000 31.071 0 117 GLY AAA CA  1 ? 
ATOM   903  C  C   . GLY A 1 117 ? 3.758   18.260  0.983   1.000 33.141 0 117 GLY AAA C   1 ? 
ATOM   904  O  O   . GLY A 1 117 ? 3.562   19.443  0.650   1.000 40.550 0 117 GLY AAA O   1 ? 
ATOM   905  N  N   . THR A 1 118 ? 2.833   17.471  1.531   1.000 29.677 0 118 THR AAA N   1 ? 
ATOM   906  C  CA  . THR A 1 118 ? 1.512   17.952  2.016   1.000 29.125 0 118 THR AAA CA  1 ? 
ATOM   907  C  C   . THR A 1 118 ? 1.435   17.728  3.526   1.000 30.897 0 118 THR AAA C   1 ? 
ATOM   908  O  O   . THR A 1 118 ? 2.301   17.050  4.084   1.000 30.677 0 118 THR AAA O   1 ? 
ATOM   909  C  CB  . THR A 1 118 ? 0.319   17.302  1.307   1.000 28.942 0 118 THR AAA CB  1 ? 
ATOM   910  O  OG1 . THR A 1 118 ? 0.159   15.945  1.709   1.000 26.510 0 118 THR AAA OG1 1 ? 
ATOM   911  C  CG2 . THR A 1 118 ? 0.365   17.391  -0.198  1.000 27.903 0 118 THR AAA CG2 1 ? 
ATOM   912  N  N   . ASP A 1 119 ? 0.413   18.284  4.165   1.000 33.333 0 119 ASP AAA N   1 ? 
ATOM   913  C  CA  . ASP A 1 119 ? 0.167   18.141  5.623   1.000 38.937 0 119 ASP AAA CA  1 ? 
ATOM   914  C  C   . ASP A 1 119 ? -0.533  16.801  5.879   1.000 35.261 0 119 ASP AAA C   1 ? 
ATOM   915  O  O   . ASP A 1 119 ? -1.729  16.825  6.197   1.000 34.223 0 119 ASP AAA O   1 ? 
ATOM   916  C  CB  . ASP A 1 119 ? -0.672  19.326  6.103   1.000 39.804 0 119 ASP AAA CB  1 ? 
ATOM   917  C  CG  . ASP A 1 119 ? 0.037   20.650  5.861   1.000 43.854 0 119 ASP AAA CG  1 ? 
ATOM   918  O  OD1 . ASP A 1 119 ? 0.926   20.977  6.660   1.000 56.761 0 119 ASP AAA OD1 1 ? 
ATOM   919  O  OD2 . ASP A 1 119 ? -0.276  21.318  4.857   1.000 48.167 0 119 ASP AAA OD2 1 ? 
ATOM   920  N  N   . VAL A 1 120 ? 0.193   15.691  5.714   1.000 36.285 0 120 VAL AAA N   1 ? 
ATOM   921  C  CA  . VAL A 1 120 ? -0.330  14.281  5.721   1.000 35.601 0 120 VAL AAA CA  1 ? 
ATOM   922  C  C   . VAL A 1 120 ? -0.965  13.934  7.074   1.000 36.861 0 120 VAL AAA C   1 ? 
ATOM   923  O  O   . VAL A 1 120 ? -1.878  13.086  7.093   1.000 37.056 0 120 VAL AAA O   1 ? 
ATOM   924  C  CB  . VAL A 1 120 ? 0.758   13.242  5.381   1.000 33.479 0 120 VAL AAA CB  1 ? 
ATOM   925  C  CG1 . VAL A 1 120 ? 1.178   13.312  3.923   1.000 34.526 0 120 VAL AAA CG1 1 ? 
ATOM   926  C  CG2 . VAL A 1 120 ? 1.946   13.338  6.311   1.000 33.897 0 120 VAL AAA CG2 1 ? 
ATOM   927  N  N   . GLN A 1 121 ? -0.505  14.533  8.176   1.000 36.118 0 121 GLN AAA N   1 ? 
ATOM   928  C  CA  . GLN A 1 121 ? -0.972  14.135  9.531   1.000 38.009 0 121 GLN AAA CA  1 ? 
ATOM   929  C  C   . GLN A 1 121 ? -2.442  14.555  9.679   1.000 35.811 0 121 GLN AAA C   1 ? 
ATOM   930  O  O   . GLN A 1 121 ? -3.137  13.977  10.538  1.000 35.265 0 121 GLN AAA O   1 ? 
ATOM   931  C  CB  . GLN A 1 121 ? 0.025   14.648  10.572  1.000 42.856 0 121 GLN AAA CB  1 ? 
ATOM   932  C  CG  . GLN A 1 121 ? 1.362   13.901  10.501  1.000 46.267 0 121 GLN AAA CG  1 ? 
ATOM   933  C  CD  . GLN A 1 121 ? 1.325   12.501  11.085  1.000 49.713 0 121 GLN AAA CD  1 ? 
ATOM   934  O  OE1 . GLN A 1 121 ? 0.974   11.510  10.427  1.000 44.608 0 121 GLN AAA OE1 1 ? 
ATOM   935  N  NE2 . GLN A 1 121 ? 1.722   12.399  12.345  1.000 48.985 0 121 GLN AAA NE2 1 ? 
ATOM   936  N  N   . ALA A 1 122 ? -2.913  15.418  8.778   1.000 33.437 0 122 ALA AAA N   1 ? 
ATOM   937  C  CA  . ALA A 1 122 ? -4.341  15.685  8.507   1.000 33.932 0 122 ALA AAA CA  1 ? 
ATOM   938  C  C   . ALA A 1 122 ? -5.136  14.370  8.365   1.000 34.494 0 122 ALA AAA C   1 ? 
ATOM   939  O  O   . ALA A 1 122 ? -6.310  14.339  8.762   1.000 34.952 0 122 ALA AAA O   1 ? 
ATOM   940  C  CB  . ALA A 1 122 ? -4.466  16.516  7.261   1.000 35.784 0 122 ALA AAA CB  1 ? 
ATOM   941  N  N   . TRP A 1 123 ? -4.533  13.323  7.799   1.000 33.991 0 123 TRP AAA N   1 ? 
ATOM   942  C  CA  . TRP A 1 123 ? -5.236  12.058  7.450   1.000 32.123 0 123 TRP AAA CA  1 ? 
ATOM   943  C  C   . TRP A 1 123 ? -5.519  11.228  8.710   1.000 32.177 0 123 TRP AAA C   1 ? 
ATOM   944  O  O   . TRP A 1 123 ? -6.394  10.354  8.640   1.000 32.131 0 123 TRP AAA O   1 ? 
ATOM   945  C  CB  . TRP A 1 123 ? -4.442  11.264  6.398   1.000 29.852 0 123 TRP AAA CB  1 ? 
ATOM   946  C  CG  . TRP A 1 123 ? -4.525  11.905  5.046   1.000 30.903 0 123 TRP AAA CG  1 ? 
ATOM   947  C  CD1 . TRP A 1 123 ? -3.588  12.695  4.452   1.000 32.298 0 123 TRP AAA CD1 1 ? 
ATOM   948  C  CD2 . TRP A 1 123 ? -5.640  11.869  4.140   1.000 32.579 0 123 TRP AAA CD2 1 ? 
ATOM   949  N  NE1 . TRP A 1 123 ? -4.030  13.129  3.231   1.000 33.613 0 123 TRP AAA NE1 1 ? 
ATOM   950  C  CE2 . TRP A 1 123 ? -5.288  12.643  3.016   1.000 34.580 0 123 TRP AAA CE2 1 ? 
ATOM   951  C  CE3 . TRP A 1 123 ? -6.911  11.285  4.184   1.000 35.997 0 123 TRP AAA CE3 1 ? 
ATOM   952  C  CZ2 . TRP A 1 123 ? -6.153  12.816  1.933   1.000 38.162 0 123 TRP AAA CZ2 1 ? 
ATOM   953  C  CZ3 . TRP A 1 123 ? -7.765  11.462  3.121   1.000 32.082 0 123 TRP AAA CZ3 1 ? 
ATOM   954  C  CH2 . TRP A 1 123 ? -7.394  12.227  2.015   1.000 35.951 0 123 TRP AAA CH2 1 ? 
ATOM   955  N  N   . ILE A 1 124 ? -4.860  11.493  9.840   1.000 34.051 0 124 ILE AAA N   1 ? 
ATOM   956  C  CA  . ILE A 1 124 ? -5.175  10.754  11.100  1.000 34.437 0 124 ILE AAA CA  1 ? 
ATOM   957  C  C   . ILE A 1 124 ? -5.921  11.680  12.084  1.000 39.865 0 124 ILE AAA C   1 ? 
ATOM   958  O  O   . ILE A 1 124 ? -6.172  11.221  13.225  1.000 36.779 0 124 ILE AAA O   1 ? 
ATOM   959  C  CB  . ILE A 1 124 ? -3.916  10.122  11.719  1.000 35.151 0 124 ILE AAA CB  1 ? 
ATOM   960  C  CG1 . ILE A 1 124 ? -2.856  11.154  12.112  1.000 39.566 0 124 ILE AAA CG1 1 ? 
ATOM   961  C  CG2 . ILE A 1 124 ? -3.351  9.060   10.783  1.000 33.448 0 124 ILE AAA CG2 1 ? 
ATOM   962  C  CD1 . ILE A 1 124 ? -2.055  10.771  13.345  1.000 41.984 0 124 ILE AAA CD1 1 ? 
ATOM   963  N  N   . ARG A 1 125 ? -6.284  12.901  11.676  1.000 39.935 0 125 ARG AAA N   1 ? 
ATOM   964  C  CA  . ARG A 1 125 ? -6.851  13.924  12.607  1.000 49.217 0 125 ARG AAA CA  1 ? 
ATOM   965  C  C   . ARG A 1 125 ? -8.226  13.420  13.041  1.000 46.100 0 125 ARG AAA C   1 ? 
ATOM   966  O  O   . ARG A 1 125 ? -8.976  12.949  12.175  1.000 44.074 0 125 ARG AAA O   1 ? 
ATOM   967  C  CB  . ARG A 1 125 ? -6.845  15.345  12.012  1.000 56.647 0 125 ARG AAA CB  1 ? 
ATOM   968  C  CG  . ARG A 1 125 ? -8.026  15.726  11.123  1.000 67.489 0 125 ARG AAA CG  1 ? 
ATOM   969  C  CD  . ARG A 1 125 ? -8.989  16.725  11.760  1.000 77.618 0 125 ARG AAA CD  1 ? 
ATOM   970  N  NE  . ARG A 1 125 ? -9.872  17.396  10.798  1.000 84.365 0 125 ARG AAA NE  1 ? 
ATOM   971  C  CZ  . ARG A 1 125 ? -11.214 17.367  10.795  1.000 85.791 0 125 ARG AAA CZ  1 ? 
ATOM   972  N  NH1 . ARG A 1 125 ? -11.893 16.693  11.711  1.000 88.141 0 125 ARG AAA NH1 1 ? 
ATOM   973  N  NH2 . ARG A 1 125 ? -11.879 18.027  9.863   1.000 82.257 0 125 ARG AAA NH2 1 ? 
ATOM   974  N  N   . GLY A 1 126 ? -8.488  13.409  14.352  1.000 43.760 0 126 GLY AAA N   1 ? 
ATOM   975  C  CA  . GLY A 1 126 ? -9.761  12.923  14.918  1.000 41.236 0 126 GLY AAA CA  1 ? 
ATOM   976  C  C   . GLY A 1 126 ? -9.741  11.434  15.213  1.000 41.536 0 126 GLY AAA C   1 ? 
ATOM   977  O  O   . GLY A 1 126 ? -10.753 10.939  15.763  1.000 41.243 0 126 GLY AAA O   1 ? 
ATOM   978  N  N   . CYS A 1 127 ? -8.640  10.731  14.899  1.000 41.807 0 127 CYS AAA N   1 ? 
ATOM   979  C  CA  . CYS A 1 127 ? -8.514  9.257   15.094  1.000 38.798 0 127 CYS AAA CA  1 ? 
ATOM   980  C  C   . CYS A 1 127 ? -7.925  8.947   16.472  1.000 41.652 0 127 CYS AAA C   1 ? 
ATOM   981  O  O   . CYS A 1 127 ? -6.889  9.555   16.842  1.000 38.011 0 127 CYS AAA O   1 ? 
ATOM   982  C  CB  . CYS A 1 127 ? -7.640  8.596   14.039  1.000 37.609 0 127 CYS AAA CB  1 ? 
ATOM   983  S  SG  . CYS A 1 127 ? -8.203  8.900   12.344  1.000 36.828 0 127 CYS AAA SG  1 ? 
ATOM   984  N  N   . ARG A 1 128 ? -8.541  7.998   17.179  1.000 42.054 0 128 ARG AAA N   1 ? 
ATOM   985  C  CA  . ARG A 1 128 ? -8.033  7.475   18.468  1.000 45.346 0 128 ARG AAA CA  1 ? 
ATOM   986  C  C   . ARG A 1 128 ? -6.982  6.413   18.154  1.000 46.193 0 128 ARG AAA C   1 ? 
ATOM   987  O  O   . ARG A 1 128 ? -7.380  5.340   17.651  1.000 50.592 0 128 ARG AAA O   1 ? 
ATOM   988  C  CB  . ARG A 1 128 ? -9.198  6.950   19.310  1.000 47.887 0 128 ARG AAA CB  1 ? 
ATOM   989  C  CG  . ARG A 1 128 ? -8.858  6.671   20.767  1.000 50.904 0 128 ARG AAA CG  1 ? 
ATOM   990  C  CD  . ARG A 1 128 ? -10.090 6.744   21.656  1.000 54.796 0 128 ARG AAA CD  1 ? 
ATOM   991  N  NE  . ARG A 1 128 ? -11.300 6.327   20.952  1.000 55.120 0 128 ARG AAA NE  1 ? 
ATOM   992  C  CZ  . ARG A 1 128 ? -12.541 6.707   21.254  1.000 57.574 0 128 ARG AAA CZ  1 ? 
ATOM   993  N  NH1 . ARG A 1 128 ? -12.766 7.537   22.261  1.000 60.567 0 128 ARG AAA NH1 1 ? 
ATOM   994  N  NH2 . ARG A 1 128 ? -13.559 6.255   20.538  1.000 54.853 0 128 ARG AAA NH2 1 ? 
ATOM   995  N  N   . LEU A 1 129 ? -5.704  6.721   18.418  1.000 48.685 0 129 LEU AAA N   1 ? 
ATOM   996  C  CA  . LEU A 1 129 ? -4.523  5.891   18.031  1.000 49.119 0 129 LEU AAA CA  1 ? 
ATOM   997  C  C   . LEU A 1 129 ? -3.549  5.784   19.213  1.000 50.756 0 129 LEU AAA C   1 ? 
ATOM   998  O  O   . LEU A 1 129 ? -2.645  4.933   19.218  1.000 53.355 0 129 LEU AAA O   1 ? 
ATOM   999  C  CB  . LEU A 1 129 ? -3.829  6.520   16.816  1.000 48.246 0 129 LEU AAA CB  1 ? 
ATOM   1000 C  CG  . LEU A 1 129 ? -4.630  6.558   15.512  1.000 50.196 0 129 LEU AAA CG  1 ? 
ATOM   1001 C  CD1 . LEU A 1 129 ? -4.100  7.640   14.583  1.000 50.807 0 129 LEU AAA CD1 1 ? 
ATOM   1002 C  CD2 . LEU A 1 129 ? -4.615  5.213   14.805  1.000 47.591 0 129 LEU AAA CD2 1 ? 
ATOM   1003 O  OXT . LEU A 1 129 ? -3.618  6.537   20.187  1.000 49.945 0 129 LEU AAA OXT 1 ? 
HETATM 1004 NA NA  . NA  B 2 .   ? 4.985   -11.223 -10.120 1.000 35.288 0 201 NA  AAA NA  1 ? 
HETATM 1005 N  N1  . EPE C 3 .   ? 10.465  -17.970 -7.410  0.700 58.537 0 202 EPE AAA N1  1 ? 
HETATM 1006 C  C2  . EPE C 3 .   ? 11.762  -17.273 -7.490  0.700 57.317 0 202 EPE AAA C2  1 ? 
HETATM 1007 C  C3  . EPE C 3 .   ? 12.008  -16.383 -6.294  0.700 54.032 0 202 EPE AAA C3  1 ? 
HETATM 1008 N  N4  . EPE C 3 .   ? 11.813  -17.090 -5.015  0.700 54.518 0 202 EPE AAA N4  1 ? 
HETATM 1009 C  C5  . EPE C 3 .   ? 11.573  -18.521 -5.252  0.700 54.842 0 202 EPE AAA C5  1 ? 
HETATM 1010 C  C6  . EPE C 3 .   ? 10.373  -18.730 -6.145  0.700 58.679 0 202 EPE AAA C6  1 ? 
HETATM 1011 C  C7  . EPE C 3 .   ? 12.932  -16.861 -4.093  0.700 51.487 0 202 EPE AAA C7  1 ? 
HETATM 1012 C  C8  . EPE C 3 .   ? 12.717  -17.394 -2.694  0.700 50.250 0 202 EPE AAA C8  1 ? 
HETATM 1013 O  O8  . EPE C 3 .   ? 13.574  -16.753 -1.773  0.700 47.540 0 202 EPE AAA O8  1 ? 
HETATM 1014 C  C9  . EPE C 3 .   ? 10.216  -18.847 -8.581  0.700 62.264 0 202 EPE AAA C9  1 ? 
HETATM 1015 C  C10 . EPE C 3 .   ? 10.201  -18.164 -9.949  0.700 68.281 0 202 EPE AAA C10 1 ? 
HETATM 1016 S  S   . EPE C 3 .   ? 10.271  -19.298 -11.319 0.700 76.626 0 202 EPE AAA S   1 ? 
HETATM 1017 O  O1S . EPE C 3 .   ? 10.422  -20.701 -10.664 0.700 72.756 0 202 EPE AAA O1S 1 ? 
HETATM 1018 O  O2S . EPE C 3 .   ? 8.997   -19.231 -11.978 0.700 68.949 0 202 EPE AAA O2S 1 ? 
HETATM 1019 O  O3S . EPE C 3 .   ? 11.455  -18.978 -12.070 0.700 70.442 0 202 EPE AAA O3S 1 ? 
HETATM 1020 C  C11 . R2I D 4 .   ? 19.134  -6.560  -7.214  0.700 51.153 0 203 R2I AAA C11 1 ? 
HETATM 1021 C  C12 . R2I D 4 .   ? 19.084  -5.726  -8.288  0.700 48.660 0 203 R2I AAA C12 1 ? 
HETATM 1022 C  C13 . R2I D 4 .   ? 18.059  -4.824  -8.406  0.700 45.546 0 203 R2I AAA C13 1 ? 
HETATM 1023 C  C14 . R2I D 4 .   ? 16.444  -0.824  -5.947  0.700 42.312 0 203 R2I AAA C14 1 ? 
HETATM 1024 RU RU1 . R2I D 4 .   ? 13.890  -1.832  -6.785  0.700 41.981 0 203 R2I AAA RU1 1 ? 
HETATM 1025 RU RU2 . R2I D 4 .   ? 15.175  -3.363  -5.696  0.700 42.544 0 203 R2I AAA RU2 1 ? 
HETATM 1026 F  F1  . R2I D 4 .   ? 13.380  0.725   -13.001 0.700 49.302 0 203 R2I AAA F1  1 ? 
HETATM 1027 F  F2  . R2I D 4 .   ? 20.153  -7.434  -7.097  0.700 47.589 0 203 R2I AAA F2  1 ? 
HETATM 1028 O  O3  . R2I D 4 .   ? 12.496  -3.296  -6.986  0.700 41.234 0 203 R2I AAA O3  1 ? 
HETATM 1029 O  O1  . R2I D 4 .   ? 15.391  -0.479  -6.551  0.700 39.570 0 203 R2I AAA O1  1 ? 
HETATM 1030 O  O2  . R2I D 4 .   ? 16.662  -1.982  -5.463  0.700 42.014 0 203 R2I AAA O2  1 ? 
HETATM 1031 O  O4  . R2I D 4 .   ? 13.737  -4.764  -5.880  0.700 40.277 0 203 R2I AAA O4  1 ? 
HETATM 1032 N  N1  . R2I D 4 .   ? 14.699  -2.323  -8.571  0.700 42.187 0 203 R2I AAA N1  1 ? 
HETATM 1033 N  N2  . R2I D 4 .   ? 15.969  -3.881  -7.463  0.700 44.281 0 203 R2I AAA N2  1 ? 
HETATM 1034 C  C2  . R2I D 4 .   ? 14.387  -1.533  -9.720  0.700 41.122 0 203 R2I AAA C2  1 ? 
HETATM 1035 C  C3  . R2I D 4 .   ? 13.430  -1.974  -10.626 0.700 43.156 0 203 R2I AAA C3  1 ? 
HETATM 1036 C  C4  . R2I D 4 .   ? 13.098  -1.219  -11.748 0.700 46.047 0 203 R2I AAA C4  1 ? 
HETATM 1037 C  C7  . R2I D 4 .   ? 14.978  -0.290  -9.923  0.700 44.041 0 203 R2I AAA C7  1 ? 
HETATM 1038 C  C1  . R2I D 4 .   ? 15.718  -3.158  -8.555  0.700 41.810 0 203 R2I AAA C1  1 ? 
HETATM 1039 C  C6  . R2I D 4 .   ? 14.652  0.474   -11.016 0.700 43.646 0 203 R2I AAA C6  1 ? 
HETATM 1040 C  C5  . R2I D 4 .   ? 13.728  0.000   -11.901 0.700 44.846 0 203 R2I AAA C5  1 ? 
HETATM 1041 C  C8  . R2I D 4 .   ? 17.077  -4.780  -7.440  0.700 47.259 0 203 R2I AAA C8  1 ? 
HETATM 1042 C  C16 . R2I D 4 .   ? 12.689  -4.446  -6.496  0.700 36.740 0 203 R2I AAA C16 1 ? 
HETATM 1043 C  C10 . R2I D 4 .   ? 18.196  -6.528  -6.241  0.700 48.009 0 203 R2I AAA C10 1 ? 
HETATM 1044 C  C9  . R2I D 4 .   ? 17.151  -5.640  -6.349  0.700 53.656 0 203 R2I AAA C9  1 ? 
HETATM 1045 O  O3  . R2U E 5 .   ? 0.223   23.704  6.649   0.550 42.463 0 204 R2U AAA O3  1 ? 
HETATM 1046 O  O4  . R2U E 5 .   ? 2.001   23.055  7.885   0.550 44.377 0 204 R2U AAA O4  1 ? 
HETATM 1047 O  O5  . R2U E 5 .   ? 2.358   24.687  4.934   0.550 47.906 0 204 R2U AAA O5  1 ? 
HETATM 1048 O  O6  . R2U E 5 .   ? 4.106   23.564  5.889   0.550 45.742 0 204 R2U AAA O6  1 ? 
HETATM 1049 O  O7  . R2U E 5 .   ? 2.342   22.169  3.569   0.550 44.086 0 204 R2U AAA O7  1 ? 
HETATM 1050 O  O8  . R2U E 5 .   ? 3.661   21.002  4.823   0.550 45.859 0 204 R2U AAA O8  1 ? 
HETATM 1051 RU RU1 . R2U E 5 .   ? 1.304   22.977  5.104   0.550 47.676 0 204 R2U AAA RU1 1 ? 
HETATM 1052 RU RU2 . R2U E 5 .   ? 2.903   22.025  6.397   0.550 47.506 0 204 R2U AAA RU2 1 ? 
HETATM 1053 O  O3  . R2U F 5 .   ? 3.816   9.189   16.880  0.200 34.924 0 205 R2U AAA O3  1 ? 
HETATM 1054 O  O4  . R2U F 5 .   ? 3.579   10.034  14.988  0.200 38.701 0 205 R2U AAA O4  1 ? 
HETATM 1055 O  O5  . R2U F 5 .   ? 1.453   7.509   16.749  0.200 31.124 0 205 R2U AAA O5  1 ? 
HETATM 1056 O  O6  . R2U F 5 .   ? 1.024   8.742   15.014  0.200 36.331 0 205 R2U AAA O6  1 ? 
HETATM 1057 RU RU1 . R2U F 5 .   ? 3.410   7.307   16.290  0.200 34.871 0 205 R2U AAA RU1 1 ? 
HETATM 1058 RU RU2 . R2U F 5 .   ? 2.862   8.276   14.313  0.200 33.375 0 205 R2U AAA RU2 1 ? 
HETATM 1059 O  O   . HOH G 6 .   ? -0.381  5.046   20.427  1.000 37.775 0 301 HOH AAA O   1 ? 
HETATM 1060 O  O   . HOH G 6 .   ? -12.195 17.693  13.704  1.000 38.956 0 302 HOH AAA O   1 ? 
HETATM 1061 O  O   . HOH G 6 .   ? -13.154 7.444   0.134   1.000 32.810 0 303 HOH AAA O   1 ? 
HETATM 1062 O  O   . HOH G 6 .   ? 10.488  10.712  9.873   1.000 35.557 0 304 HOH AAA O   1 ? 
HETATM 1063 O  O   . HOH G 6 .   ? -1.730  3.836   -8.635  1.000 31.962 0 305 HOH AAA O   1 ? 
HETATM 1064 O  O   . HOH G 6 .   ? -5.400  11.061  15.629  1.000 39.264 0 306 HOH AAA O   1 ? 
HETATM 1065 O  O   . HOH G 6 .   ? -4.127  6.526   -7.695  1.000 49.155 0 307 HOH AAA O   1 ? 
HETATM 1066 O  O   . HOH G 6 .   ? 12.763  7.342   2.824   1.000 39.706 0 308 HOH AAA O   1 ? 
HETATM 1067 O  O   . HOH G 6 .   ? -14.758 5.874   -0.696  1.000 30.086 0 309 HOH AAA O   1 ? 
HETATM 1068 O  O   . HOH G 6 .   ? -5.127  -4.664  0.421   1.000 33.942 0 310 HOH AAA O   1 ? 
HETATM 1069 O  O   . HOH G 6 .   ? 2.326   -11.301 6.084   1.000 37.517 0 311 HOH AAA O   1 ? 
HETATM 1070 O  O   A HOH G 6 .   ? 11.770  -10.980 4.022   0.500 22.392 0 312 HOH AAA O   1 ? 
HETATM 1071 O  O   B HOH G 6 .   ? 11.726  -11.879 2.810   0.500 33.296 0 312 HOH AAA O   1 ? 
HETATM 1072 O  O   . HOH G 6 .   ? -7.410  2.272   -7.407  1.000 40.717 0 313 HOH AAA O   1 ? 
HETATM 1073 O  O   . HOH G 6 .   ? -13.703 -7.770  1.403   1.000 36.498 0 314 HOH AAA O   1 ? 
HETATM 1074 O  O   . HOH G 6 .   ? 5.102   13.395  3.331   1.000 29.881 0 315 HOH AAA O   1 ? 
HETATM 1075 O  O   . HOH G 6 .   ? -5.506  -6.205  2.278   1.000 28.858 0 316 HOH AAA O   1 ? 
HETATM 1076 O  O   . HOH G 6 .   ? -3.827  -12.195 2.685   1.000 32.858 0 317 HOH AAA O   1 ? 
HETATM 1077 O  O   . HOH G 6 .   ? 2.651   15.687  -3.699  1.000 28.750 0 318 HOH AAA O   1 ? 
HETATM 1078 O  O   . HOH G 6 .   ? -10.759 -4.737  -8.416  1.000 25.395 0 319 HOH AAA O   1 ? 
HETATM 1079 O  O   . HOH G 6 .   ? -1.249  -8.798  -14.464 1.000 30.520 0 320 HOH AAA O   1 ? 
HETATM 1080 O  O   . HOH G 6 .   ? -3.382  -10.403 4.703   1.000 36.368 0 321 HOH AAA O   1 ? 
HETATM 1081 O  O   . HOH G 6 .   ? -3.770  0.275   16.479  1.000 36.323 0 322 HOH AAA O   1 ? 
HETATM 1082 O  O   . HOH G 6 .   ? -2.062  -3.521  -1.536  1.000 25.843 0 323 HOH AAA O   1 ? 
HETATM 1083 O  O   . HOH G 6 .   ? 4.990   15.253  -8.529  1.000 39.346 0 324 HOH AAA O   1 ? 
HETATM 1084 O  O   . HOH G 6 .   ? 11.464  1.956   -2.208  1.000 33.812 0 325 HOH AAA O   1 ? 
HETATM 1085 O  O   . HOH G 6 .   ? 2.979   1.518   14.066  1.000 32.810 0 326 HOH AAA O   1 ? 
HETATM 1086 O  O   . HOH G 6 .   ? -11.280 1.411   -5.187  1.000 30.586 0 327 HOH AAA O   1 ? 
HETATM 1087 O  O   A HOH G 6 .   ? -12.612 6.216   10.337  0.500 27.802 0 328 HOH AAA O   1 ? 
HETATM 1088 O  O   B HOH G 6 .   ? -13.001 4.751   10.548  0.500 20.104 0 328 HOH AAA O   1 ? 
HETATM 1089 O  O   . HOH G 6 .   ? 12.255  8.415   5.827   1.000 45.438 0 329 HOH AAA O   1 ? 
HETATM 1090 O  O   . HOH G 6 .   ? 1.745   3.627   -7.361  1.000 39.284 0 330 HOH AAA O   1 ? 
HETATM 1091 O  O   . HOH G 6 .   ? -2.707  1.666   -9.371  1.000 36.372 0 331 HOH AAA O   1 ? 
HETATM 1092 O  O   . HOH G 6 .   ? -8.118  -12.431 -1.151  1.000 44.990 0 332 HOH AAA O   1 ? 
HETATM 1093 O  O   . HOH G 6 .   ? -4.284  -12.625 10.567  1.000 54.799 0 333 HOH AAA O   1 ? 
HETATM 1094 O  O   . HOH G 6 .   ? 7.280   11.003  8.164   1.000 36.257 0 334 HOH AAA O   1 ? 
HETATM 1095 O  O   . HOH G 6 .   ? -14.386 -4.188  -0.948  1.000 30.348 0 335 HOH AAA O   1 ? 
HETATM 1096 O  O   . HOH G 6 .   ? -14.134 8.244   -3.481  1.000 42.516 0 336 HOH AAA O   1 ? 
HETATM 1097 O  O   . HOH G 6 .   ? 0.340   -18.300 -11.084 1.000 30.281 0 337 HOH AAA O   1 ? 
HETATM 1098 O  O   . HOH G 6 .   ? 14.196  2.923   0.744   1.000 38.254 0 338 HOH AAA O   1 ? 
HETATM 1099 O  O   . HOH G 6 .   ? 3.885   -1.701  -6.296  1.000 33.929 0 339 HOH AAA O   1 ? 
HETATM 1100 O  O   . HOH G 6 .   ? -16.457 -2.950  3.225   1.000 39.324 0 340 HOH AAA O   1 ? 
HETATM 1101 O  O   A HOH G 6 .   ? 18.618  -1.306  3.320   0.500 33.756 0 341 HOH AAA O   1 ? 
HETATM 1102 O  O   B HOH G 6 .   ? 17.982  -2.457  2.633   0.500 35.000 0 341 HOH AAA O   1 ? 
HETATM 1103 O  O   . HOH G 6 .   ? 16.438  -4.812  -4.095  0.700 53.496 0 342 HOH AAA O   1 ? 
HETATM 1104 O  O   . HOH G 6 .   ? 13.865  5.544   -8.591  1.000 59.262 0 343 HOH AAA O   1 ? 
HETATM 1105 O  O   . HOH G 6 .   ? 17.845  -0.951  7.484   1.000 37.353 0 344 HOH AAA O   1 ? 
HETATM 1106 O  O   . HOH G 6 .   ? 8.314   8.612   11.244  1.000 46.714 0 345 HOH AAA O   1 ? 
HETATM 1107 O  O   . HOH G 6 .   ? 3.266   -12.174 -11.611 1.000 25.346 0 346 HOH AAA O   1 ? 
HETATM 1108 O  O   . HOH G 6 .   ? -3.759  -7.946  2.290   1.000 29.897 0 347 HOH AAA O   1 ? 
HETATM 1109 O  O   . HOH G 6 .   ? -2.390  -16.161 -17.304 1.000 40.634 0 348 HOH AAA O   1 ? 
HETATM 1110 O  O   . HOH G 6 .   ? 1.289   16.899  8.688   1.000 44.198 0 349 HOH AAA O   1 ? 
HETATM 1111 O  O   . HOH G 6 .   ? -4.452  15.428  -4.493  1.000 33.810 0 350 HOH AAA O   1 ? 
HETATM 1112 O  O   . HOH G 6 .   ? 5.852   -13.731 -9.892  1.000 40.712 0 351 HOH AAA O   1 ? 
HETATM 1113 O  O   . HOH G 6 .   ? 6.425   -16.835 -7.872  1.000 38.930 0 352 HOH AAA O   1 ? 
HETATM 1114 O  O   . HOH G 6 .   ? -1.519  -7.681  16.401  1.000 44.146 0 353 HOH AAA O   1 ? 
HETATM 1115 O  O   . HOH G 6 .   ? 3.750   -17.345 -4.279  1.000 46.385 0 354 HOH AAA O   1 ? 
HETATM 1116 O  O   . HOH G 6 .   ? 19.302  -1.512  5.407   1.000 36.420 0 355 HOH AAA O   1 ? 
HETATM 1117 O  O   . HOH G 6 .   ? -11.025 -11.455 2.702   1.000 33.327 0 356 HOH AAA O   1 ? 
HETATM 1118 O  O   . HOH G 6 .   ? 3.341   -14.058 -13.413 1.000 44.121 0 357 HOH AAA O   1 ? 
HETATM 1119 O  O   . HOH G 6 .   ? 5.280   -10.219 2.196   1.000 41.752 0 358 HOH AAA O   1 ? 
HETATM 1120 O  O   . HOH G 6 .   ? 12.239  0.039   -7.621  0.700 35.164 0 359 HOH AAA O   1 ? 
HETATM 1121 O  O   . HOH G 6 .   ? 6.767   -9.858  6.440   1.000 46.919 0 360 HOH AAA O   1 ? 
HETATM 1122 O  O   . HOH G 6 .   ? 8.787   15.090  -5.138  1.000 43.372 0 361 HOH AAA O   1 ? 
HETATM 1123 O  O   . HOH G 6 .   ? 16.596  -4.047  1.415   1.000 49.997 0 362 HOH AAA O   1 ? 
HETATM 1124 O  O   . HOH G 6 .   ? 10.743  -15.171 -10.476 1.000 56.185 0 363 HOH AAA O   1 ? 
HETATM 1125 O  O   . HOH G 6 .   ? 12.001  1.956   -9.088  1.000 42.413 0 364 HOH AAA O   1 ? 
HETATM 1126 O  O   . HOH G 6 .   ? 7.798   -8.326  7.952   1.000 41.199 0 365 HOH AAA O   1 ? 
HETATM 1127 O  O   . HOH G 6 .   ? 1.707   -8.128  12.242  1.000 53.847 0 366 HOH AAA O   1 ? 
HETATM 1128 O  O   A HOH G 6 .   ? -4.383  20.195  5.501   0.500 24.573 0 367 HOH AAA O   1 ? 
HETATM 1129 O  O   B HOH G 6 .   ? -3.984  21.593  5.098   0.500 34.770 0 367 HOH AAA O   1 ? 
HETATM 1130 O  O   . HOH G 6 .   ? 14.341  -11.368 1.691   1.000 65.186 0 368 HOH AAA O   1 ? 
HETATM 1131 O  O   . HOH G 6 .   ? -7.731  -1.702  -17.976 0.500 41.533 0 369 HOH AAA O   1 ? 
HETATM 1132 O  O   . HOH G 6 .   ? 13.692  -12.670 3.842   1.000 50.593 0 370 HOH AAA O   1 ? 
HETATM 1133 O  O   . HOH G 6 .   ? -7.661  -0.569  -19.485 0.500 43.161 0 371 HOH AAA O   1 ? 
HETATM 1134 O  O   . HOH G 6 .   ? -2.562  -16.065 5.034   1.000 48.555 0 372 HOH AAA O   1 ? 
HETATM 1135 O  O   . HOH G 6 .   ? -0.310  -21.277 1.049   0.500 41.322 0 373 HOH AAA O   1 ? 
# 
